data_1GPX
#
_entry.id   1GPX
#
_cell.length_a   1.000
_cell.length_b   1.000
_cell.length_c   1.000
_cell.angle_alpha   90.00
_cell.angle_beta   90.00
_cell.angle_gamma   90.00
#
_symmetry.space_group_name_H-M   'P 1'
#
loop_
_entity.id
_entity.type
_entity.pdbx_description
1 polymer PUTIDAREDOXIN
2 non-polymer 'GALLIUM (III) ION'
#
_entity_poly.entity_id   1
_entity_poly.type   'polypeptide(L)'
_entity_poly.pdbx_seq_one_letter_code
;SKVVYVSHDGTRRELDVADGVSLMQAAVSNGIYDIVGDCGGSASCATCHVYVNEAFTDKVPAANEREIGMLECVTAELKP
NSRLSCQIIMTPELDGIVVDVPDRQW
;
_entity_poly.pdbx_strand_id   A
#
# COMPACT_ATOMS: atom_id res chain seq x y z
N SER A 1 -6.75 -12.78 1.97
CA SER A 1 -5.31 -13.12 1.71
C SER A 1 -4.44 -12.67 2.88
N LYS A 2 -3.24 -13.18 2.95
CA LYS A 2 -2.33 -12.78 4.05
C LYS A 2 -1.51 -11.57 3.62
N VAL A 3 -1.66 -10.45 4.29
CA VAL A 3 -0.87 -9.26 3.89
C VAL A 3 -0.02 -8.80 5.06
N VAL A 4 1.15 -8.32 4.79
CA VAL A 4 2.04 -7.86 5.89
C VAL A 4 2.53 -6.45 5.58
N TYR A 5 2.39 -5.58 6.53
CA TYR A 5 2.79 -4.18 6.31
C TYR A 5 4.08 -3.83 7.04
N VAL A 6 4.94 -3.11 6.39
CA VAL A 6 6.19 -2.67 7.09
C VAL A 6 6.24 -1.15 7.09
N SER A 7 6.43 -0.56 8.23
CA SER A 7 6.50 0.90 8.27
C SER A 7 7.88 1.31 7.81
N HIS A 8 7.98 2.48 7.29
CA HIS A 8 9.29 2.98 6.80
C HIS A 8 10.24 3.18 7.98
N ASP A 9 9.76 3.01 9.19
CA ASP A 9 10.65 3.17 10.37
C ASP A 9 11.21 1.79 10.75
N GLY A 10 10.65 0.75 10.21
CA GLY A 10 11.15 -0.63 10.50
C GLY A 10 10.15 -1.41 11.36
N THR A 11 8.88 -1.11 11.25
CA THR A 11 7.87 -1.88 12.03
C THR A 11 7.08 -2.74 11.05
N ARG A 12 6.70 -3.92 11.45
CA ARG A 12 5.95 -4.80 10.51
C ARG A 12 4.60 -5.23 11.10
N ARG A 13 3.62 -5.41 10.25
CA ARG A 13 2.27 -5.85 10.72
C ARG A 13 1.71 -6.88 9.73
N GLU A 14 0.95 -7.83 10.19
CA GLU A 14 0.39 -8.83 9.23
C GLU A 14 -1.12 -9.00 9.44
N LEU A 15 -1.89 -8.67 8.44
CA LEU A 15 -3.36 -8.79 8.55
C LEU A 15 -3.93 -9.81 7.59
N ASP A 16 -5.23 -9.87 7.52
CA ASP A 16 -5.90 -10.80 6.59
C ASP A 16 -6.66 -9.96 5.56
N VAL A 17 -6.10 -9.77 4.41
CA VAL A 17 -6.78 -8.94 3.38
C VAL A 17 -7.49 -9.85 2.39
N ALA A 18 -8.77 -10.02 2.56
CA ALA A 18 -9.53 -10.92 1.65
C ALA A 18 -9.87 -10.21 0.35
N ASP A 19 -10.78 -10.78 -0.40
CA ASP A 19 -11.18 -10.18 -1.69
C ASP A 19 -12.03 -8.92 -1.46
N GLY A 20 -11.58 -7.82 -1.97
CA GLY A 20 -12.35 -6.55 -1.79
C GLY A 20 -11.59 -5.60 -0.87
N VAL A 21 -10.52 -6.04 -0.25
CA VAL A 21 -9.76 -5.11 0.64
C VAL A 21 -8.49 -4.62 -0.04
N SER A 22 -7.91 -3.62 0.52
CA SER A 22 -6.63 -3.07 -0.01
C SER A 22 -5.56 -3.15 1.08
N LEU A 23 -4.31 -3.23 0.72
CA LEU A 23 -3.26 -3.33 1.77
C LEU A 23 -3.52 -2.30 2.87
N MET A 24 -4.09 -1.19 2.51
CA MET A 24 -4.35 -0.15 3.54
C MET A 24 -5.57 -0.51 4.37
N GLN A 25 -6.68 -0.68 3.74
CA GLN A 25 -7.93 -1.00 4.47
C GLN A 25 -7.65 -1.94 5.66
N ALA A 26 -7.30 -3.17 5.42
CA ALA A 26 -6.99 -4.08 6.57
C ALA A 26 -6.12 -3.33 7.57
N ALA A 27 -4.92 -3.04 7.19
CA ALA A 27 -4.01 -2.29 8.09
C ALA A 27 -4.75 -1.07 8.67
N VAL A 28 -5.42 -0.35 7.81
CA VAL A 28 -6.19 0.85 8.25
C VAL A 28 -7.01 0.50 9.49
N SER A 29 -7.92 -0.42 9.36
CA SER A 29 -8.72 -0.83 10.53
C SER A 29 -7.79 -1.10 11.70
N ASN A 30 -6.75 -1.82 11.43
CA ASN A 30 -5.75 -2.13 12.48
C ASN A 30 -5.04 -0.86 12.93
N GLY A 31 -5.36 0.25 12.32
CA GLY A 31 -4.69 1.53 12.71
C GLY A 31 -3.34 1.63 12.00
N ILE A 32 -2.93 0.58 11.36
CA ILE A 32 -1.64 0.60 10.61
C ILE A 32 -1.50 1.92 9.86
N TYR A 33 -2.60 2.45 9.38
CA TYR A 33 -2.52 3.74 8.62
C TYR A 33 -3.15 4.91 9.38
N ASP A 34 -2.65 5.23 10.53
CA ASP A 34 -3.19 6.41 11.25
C ASP A 34 -2.61 7.68 10.61
N ILE A 35 -2.67 7.76 9.30
CA ILE A 35 -2.10 8.94 8.58
C ILE A 35 -3.10 10.10 8.56
N VAL A 36 -3.18 10.81 7.47
CA VAL A 36 -4.13 11.96 7.39
C VAL A 36 -5.46 11.51 6.78
N GLY A 37 -6.23 12.43 6.25
CA GLY A 37 -7.53 12.06 5.64
C GLY A 37 -7.56 12.43 4.16
N ASP A 38 -6.97 11.62 3.33
CA ASP A 38 -6.97 11.92 1.87
C ASP A 38 -7.64 10.77 1.10
N CYS A 39 -7.01 9.66 1.08
CA CYS A 39 -7.55 8.45 0.39
C CYS A 39 -8.77 7.90 1.13
N GLY A 40 -8.78 8.00 2.44
CA GLY A 40 -9.94 7.47 3.21
C GLY A 40 -10.33 6.09 2.65
N GLY A 41 -9.36 5.33 2.20
CA GLY A 41 -9.66 3.98 1.65
C GLY A 41 -10.19 4.12 0.21
N SER A 42 -9.69 5.08 -0.52
CA SER A 42 -10.15 5.26 -1.93
C SER A 42 -8.97 5.62 -2.83
N ALA A 43 -7.78 5.55 -2.32
CA ALA A 43 -6.59 5.88 -3.14
C ALA A 43 -6.58 7.35 -3.54
N SER A 44 -6.63 8.18 -2.57
CA SER A 44 -6.60 9.65 -2.77
C SER A 44 -5.57 10.21 -1.79
N CYS A 45 -4.54 9.44 -1.49
CA CYS A 45 -3.56 9.91 -0.46
C CYS A 45 -2.18 10.26 -0.99
N ALA A 46 -1.52 11.14 -0.30
CA ALA A 46 -0.13 11.53 -0.69
C ALA A 46 0.85 11.00 0.36
N THR A 47 0.35 10.41 1.42
CA THR A 47 1.26 9.91 2.49
C THR A 47 1.30 8.37 2.55
N CYS A 48 0.31 7.67 2.06
CA CYS A 48 0.36 6.18 2.13
C CYS A 48 1.35 5.62 1.11
N HIS A 49 2.10 6.46 0.44
CA HIS A 49 3.09 5.94 -0.55
C HIS A 49 3.79 4.73 0.08
N VAL A 50 3.70 3.58 -0.53
CA VAL A 50 4.35 2.38 0.06
C VAL A 50 4.92 1.51 -1.03
N TYR A 51 5.76 0.60 -0.66
CA TYR A 51 6.38 -0.30 -1.65
C TYR A 51 5.94 -1.75 -1.39
N VAL A 52 5.30 -2.35 -2.35
CA VAL A 52 4.83 -3.76 -2.18
C VAL A 52 6.00 -4.72 -2.58
N ASN A 53 6.22 -5.83 -1.90
CA ASN A 53 7.35 -6.71 -2.37
C ASN A 53 7.12 -7.14 -3.82
N GLU A 54 8.12 -7.00 -4.64
CA GLU A 54 8.00 -7.35 -6.09
C GLU A 54 7.13 -8.59 -6.33
N ALA A 55 6.97 -9.46 -5.38
CA ALA A 55 6.15 -10.68 -5.62
C ALA A 55 4.65 -10.37 -5.70
N PHE A 56 4.14 -9.52 -4.84
CA PHE A 56 2.69 -9.20 -4.89
C PHE A 56 2.46 -7.95 -5.74
N THR A 57 3.51 -7.32 -6.18
CA THR A 57 3.35 -6.11 -7.04
C THR A 57 3.07 -6.52 -8.48
N ASP A 58 3.48 -7.70 -8.86
CA ASP A 58 3.24 -8.15 -10.28
C ASP A 58 1.86 -8.80 -10.39
N LYS A 59 1.39 -9.40 -9.34
CA LYS A 59 0.04 -10.04 -9.38
C LYS A 59 -1.03 -8.96 -9.22
N VAL A 60 -0.90 -8.14 -8.22
CA VAL A 60 -1.89 -7.06 -7.99
C VAL A 60 -2.33 -6.43 -9.32
N PRO A 61 -3.43 -5.73 -9.24
CA PRO A 61 -3.97 -5.04 -10.42
C PRO A 61 -3.06 -3.90 -10.86
N ALA A 62 -3.30 -3.41 -12.03
CA ALA A 62 -2.48 -2.31 -12.59
C ALA A 62 -2.94 -0.96 -12.02
N ALA A 63 -2.09 -0.31 -11.28
CA ALA A 63 -2.47 1.02 -10.70
C ALA A 63 -2.56 2.05 -11.83
N ASN A 64 -3.44 3.00 -11.72
CA ASN A 64 -3.56 4.02 -12.81
C ASN A 64 -2.84 5.32 -12.45
N GLU A 65 -2.79 6.24 -13.37
CA GLU A 65 -2.12 7.55 -13.13
C GLU A 65 -2.48 8.10 -11.75
N ARG A 66 -3.64 7.78 -11.25
CA ARG A 66 -4.04 8.30 -9.91
C ARG A 66 -3.12 7.72 -8.83
N GLU A 67 -2.49 6.62 -9.12
CA GLU A 67 -1.57 6.01 -8.14
C GLU A 67 -0.13 6.46 -8.43
N ILE A 68 0.05 7.30 -9.41
CA ILE A 68 1.43 7.77 -9.75
C ILE A 68 1.77 9.07 -9.01
N GLY A 69 1.04 10.13 -9.25
CA GLY A 69 1.36 11.43 -8.56
C GLY A 69 0.94 11.34 -7.09
N MET A 70 -0.25 10.89 -6.84
CA MET A 70 -0.71 10.75 -5.44
C MET A 70 0.35 10.03 -4.65
N LEU A 71 0.77 8.95 -5.22
CA LEU A 71 1.80 8.09 -4.61
C LEU A 71 3.16 8.78 -4.71
N GLU A 72 3.39 9.54 -5.74
CA GLU A 72 4.68 10.25 -5.86
C GLU A 72 4.62 11.59 -5.11
N CYS A 73 3.58 11.82 -4.37
CA CYS A 73 3.51 13.11 -3.63
C CYS A 73 4.83 13.31 -2.89
N VAL A 74 5.27 12.32 -2.18
CA VAL A 74 6.57 12.42 -1.48
C VAL A 74 7.69 11.92 -2.41
N THR A 75 8.58 12.78 -2.79
CA THR A 75 9.69 12.37 -3.72
C THR A 75 10.36 11.08 -3.24
N ALA A 76 9.82 9.95 -3.60
CA ALA A 76 10.45 8.66 -3.16
C ALA A 76 10.91 7.88 -4.39
N GLU A 77 11.39 8.55 -5.40
CA GLU A 77 11.85 7.86 -6.64
C GLU A 77 10.92 6.69 -6.97
N LEU A 78 9.64 7.00 -7.04
CA LEU A 78 8.61 5.97 -7.37
C LEU A 78 9.20 4.75 -8.05
N LYS A 79 9.04 3.60 -7.45
CA LYS A 79 9.58 2.36 -8.06
C LYS A 79 8.57 1.83 -9.09
N PRO A 80 8.79 0.62 -9.53
CA PRO A 80 7.87 0.02 -10.51
C PRO A 80 6.65 -0.53 -9.79
N ASN A 81 6.81 -0.89 -8.54
CA ASN A 81 5.68 -1.45 -7.77
C ASN A 81 5.19 -0.45 -6.71
N SER A 82 5.85 0.67 -6.55
CA SER A 82 5.38 1.65 -5.52
C SER A 82 3.88 1.90 -5.66
N ARG A 83 3.23 2.27 -4.60
CA ARG A 83 1.77 2.53 -4.67
C ARG A 83 1.28 3.07 -3.32
N LEU A 84 0.22 3.83 -3.31
CA LEU A 84 -0.31 4.39 -2.00
C LEU A 84 -1.00 3.30 -1.23
N SER A 85 -0.81 3.20 0.05
CA SER A 85 -1.49 2.08 0.78
C SER A 85 -2.93 1.81 0.28
N CYS A 86 -3.58 2.78 -0.34
CA CYS A 86 -5.02 2.57 -0.74
C CYS A 86 -5.27 2.45 -2.26
N GLN A 87 -4.48 1.72 -2.98
CA GLN A 87 -4.77 1.59 -4.46
C GLN A 87 -4.82 0.13 -4.89
N ILE A 88 -4.03 -0.73 -4.30
CA ILE A 88 -4.09 -2.16 -4.73
C ILE A 88 -5.20 -2.89 -3.98
N ILE A 89 -5.79 -3.83 -4.60
CA ILE A 89 -6.83 -4.64 -3.93
C ILE A 89 -6.28 -6.04 -3.73
N MET A 90 -6.78 -6.78 -2.78
CA MET A 90 -6.23 -8.14 -2.55
C MET A 90 -7.21 -9.21 -3.00
N THR A 91 -6.75 -10.12 -3.80
CA THR A 91 -7.61 -11.23 -4.27
C THR A 91 -7.37 -12.47 -3.39
N PRO A 92 -8.23 -13.43 -3.53
CA PRO A 92 -8.11 -14.68 -2.73
C PRO A 92 -6.90 -15.51 -3.19
N GLU A 93 -6.18 -15.06 -4.17
CA GLU A 93 -4.99 -15.85 -4.64
C GLU A 93 -3.69 -15.11 -4.30
N LEU A 94 -3.66 -13.82 -4.45
CA LEU A 94 -2.43 -13.04 -4.14
C LEU A 94 -2.21 -12.93 -2.64
N ASP A 95 -2.10 -14.02 -1.94
CA ASP A 95 -1.92 -13.90 -0.46
C ASP A 95 -0.45 -14.09 -0.04
N GLY A 96 -0.05 -13.39 0.99
CA GLY A 96 1.36 -13.48 1.45
C GLY A 96 2.08 -12.20 1.03
N ILE A 97 1.32 -11.18 0.77
CA ILE A 97 1.94 -9.90 0.29
C ILE A 97 2.67 -9.17 1.42
N VAL A 98 3.83 -8.69 1.10
CA VAL A 98 4.64 -7.93 2.09
C VAL A 98 4.70 -6.46 1.68
N VAL A 99 4.28 -5.57 2.52
CA VAL A 99 4.34 -4.13 2.13
C VAL A 99 5.47 -3.46 2.82
N ASP A 100 5.75 -2.29 2.40
CA ASP A 100 6.82 -1.53 3.08
C ASP A 100 6.71 -0.05 2.75
N VAL A 101 6.90 0.79 3.71
CA VAL A 101 6.87 2.25 3.39
C VAL A 101 8.30 2.68 3.05
N PRO A 102 8.42 3.45 2.00
CA PRO A 102 9.75 3.90 1.52
C PRO A 102 10.49 4.84 2.46
N ASP A 103 11.71 4.48 2.78
CA ASP A 103 12.57 5.36 3.61
C ASP A 103 13.56 6.00 2.65
N ARG A 104 13.14 6.11 1.44
CA ARG A 104 13.95 6.68 0.36
C ARG A 104 14.56 8.04 0.77
N GLN A 105 14.03 8.66 1.80
CA GLN A 105 14.59 9.96 2.25
C GLN A 105 15.89 9.74 3.01
N TRP A 106 16.32 8.52 3.13
CA TRP A 106 17.58 8.23 3.88
C TRP A 106 18.71 7.92 2.89
N SER A 1 -6.38 -11.45 1.57
CA SER A 1 -5.15 -12.28 1.40
C SER A 1 -4.18 -12.01 2.56
N LYS A 2 -3.43 -13.01 2.94
CA LYS A 2 -2.44 -12.81 4.04
C LYS A 2 -1.58 -11.61 3.71
N VAL A 3 -1.52 -10.61 4.55
CA VAL A 3 -0.69 -9.44 4.18
C VAL A 3 0.10 -8.91 5.37
N VAL A 4 1.28 -8.45 5.09
CA VAL A 4 2.14 -7.87 6.17
C VAL A 4 2.67 -6.51 5.72
N TYR A 5 2.54 -5.53 6.56
CA TYR A 5 2.97 -4.15 6.20
C TYR A 5 4.29 -3.77 6.85
N VAL A 6 5.12 -3.08 6.12
CA VAL A 6 6.42 -2.64 6.71
C VAL A 6 6.53 -1.12 6.70
N SER A 7 7.35 -0.57 7.54
CA SER A 7 7.52 0.90 7.57
C SER A 7 8.94 1.23 7.13
N HIS A 8 9.15 2.38 6.57
CA HIS A 8 10.53 2.72 6.12
C HIS A 8 11.50 2.67 7.32
N ASP A 9 10.98 2.62 8.52
CA ASP A 9 11.88 2.56 9.71
C ASP A 9 12.05 1.10 10.16
N GLY A 10 11.38 0.17 9.53
CA GLY A 10 11.53 -1.25 9.92
C GLY A 10 10.25 -1.78 10.58
N THR A 11 9.57 -0.98 11.35
CA THR A 11 8.34 -1.48 12.02
C THR A 11 7.45 -2.15 10.97
N ARG A 12 6.96 -3.30 11.31
CA ARG A 12 6.10 -4.06 10.35
C ARG A 12 4.74 -4.40 10.98
N ARG A 13 3.78 -4.73 10.16
CA ARG A 13 2.43 -5.09 10.67
C ARG A 13 1.87 -6.27 9.86
N GLU A 14 0.96 -7.02 10.40
CA GLU A 14 0.41 -8.18 9.63
C GLU A 14 -1.12 -8.15 9.65
N LEU A 15 -1.76 -8.21 8.50
CA LEU A 15 -3.25 -8.21 8.50
C LEU A 15 -3.78 -9.46 7.83
N ASP A 16 -4.93 -9.89 8.24
CA ASP A 16 -5.56 -11.07 7.60
C ASP A 16 -6.66 -10.53 6.70
N VAL A 17 -6.35 -10.29 5.46
CA VAL A 17 -7.36 -9.71 4.54
C VAL A 17 -8.02 -10.80 3.69
N ALA A 18 -9.10 -10.46 3.04
CA ALA A 18 -9.79 -11.47 2.19
C ALA A 18 -9.76 -11.06 0.71
N ASP A 19 -10.87 -11.15 0.03
CA ASP A 19 -10.91 -10.79 -1.40
C ASP A 19 -11.69 -9.49 -1.61
N GLY A 20 -11.08 -8.51 -2.21
CA GLY A 20 -11.80 -7.23 -2.46
C GLY A 20 -11.23 -6.11 -1.57
N VAL A 21 -10.36 -6.43 -0.66
CA VAL A 21 -9.79 -5.37 0.21
C VAL A 21 -8.43 -4.89 -0.31
N SER A 22 -7.95 -3.83 0.26
CA SER A 22 -6.63 -3.28 -0.14
C SER A 22 -5.70 -3.25 1.08
N LEU A 23 -4.41 -3.20 0.87
CA LEU A 23 -3.49 -3.18 2.05
C LEU A 23 -3.93 -2.10 3.02
N MET A 24 -4.43 -1.02 2.51
CA MET A 24 -4.86 0.07 3.42
C MET A 24 -6.15 -0.31 4.12
N GLN A 25 -7.17 -0.56 3.37
CA GLN A 25 -8.48 -0.90 3.99
C GLN A 25 -8.32 -1.78 5.24
N ALA A 26 -7.91 -3.02 5.10
CA ALA A 26 -7.74 -3.87 6.33
C ALA A 26 -6.97 -3.06 7.37
N ALA A 27 -5.84 -2.54 6.99
CA ALA A 27 -5.00 -1.74 7.91
C ALA A 27 -5.80 -0.55 8.43
N VAL A 28 -6.24 0.28 7.52
CA VAL A 28 -7.07 1.47 7.85
C VAL A 28 -7.91 1.22 9.11
N SER A 29 -8.75 0.22 9.06
CA SER A 29 -9.60 -0.11 10.25
C SER A 29 -8.70 -0.53 11.40
N ASN A 30 -7.78 -1.41 11.09
CA ASN A 30 -6.82 -1.84 12.13
C ASN A 30 -6.07 -0.62 12.63
N GLY A 31 -6.21 0.50 11.95
CA GLY A 31 -5.50 1.73 12.38
C GLY A 31 -4.07 1.69 11.85
N ILE A 32 -3.68 0.59 11.25
CA ILE A 32 -2.30 0.49 10.71
C ILE A 32 -1.95 1.81 10.01
N TYR A 33 -2.93 2.47 9.45
CA TYR A 33 -2.66 3.77 8.77
C TYR A 33 -3.21 4.95 9.56
N ASP A 34 -2.77 5.15 10.77
CA ASP A 34 -3.27 6.32 11.53
C ASP A 34 -3.16 7.56 10.63
N ILE A 35 -2.29 7.49 9.67
CA ILE A 35 -2.11 8.61 8.71
C ILE A 35 -3.21 8.58 7.65
N VAL A 36 -4.17 9.46 7.73
CA VAL A 36 -5.27 9.45 6.73
C VAL A 36 -5.07 10.57 5.70
N GLY A 37 -5.40 10.31 4.46
CA GLY A 37 -5.26 11.36 3.40
C GLY A 37 -6.62 11.65 2.77
N ASP A 38 -6.68 11.78 1.47
CA ASP A 38 -7.99 12.06 0.81
C ASP A 38 -8.50 10.81 0.08
N CYS A 39 -7.80 9.73 0.23
CA CYS A 39 -8.20 8.46 -0.43
C CYS A 39 -9.47 7.87 0.19
N GLY A 40 -9.61 7.93 1.48
CA GLY A 40 -10.84 7.35 2.10
C GLY A 40 -11.12 6.01 1.43
N GLY A 41 -10.07 5.34 1.02
CA GLY A 41 -10.24 4.03 0.33
C GLY A 41 -10.58 4.29 -1.14
N SER A 42 -10.04 5.34 -1.72
CA SER A 42 -10.35 5.65 -3.14
C SER A 42 -9.10 6.11 -3.91
N ALA A 43 -7.98 6.19 -3.26
CA ALA A 43 -6.71 6.60 -3.96
C ALA A 43 -6.61 8.11 -4.20
N SER A 44 -6.70 8.87 -3.16
CA SER A 44 -6.53 10.33 -3.26
C SER A 44 -5.59 10.75 -2.13
N CYS A 45 -4.73 9.86 -1.72
CA CYS A 45 -3.84 10.17 -0.56
C CYS A 45 -2.36 10.36 -0.88
N ALA A 46 -1.74 11.28 -0.23
CA ALA A 46 -0.28 11.50 -0.41
C ALA A 46 0.44 11.07 0.88
N THR A 47 -0.27 10.45 1.78
CA THR A 47 0.35 10.02 3.06
C THR A 47 0.45 8.49 3.15
N CYS A 48 -0.48 7.78 2.52
CA CYS A 48 -0.42 6.29 2.58
C CYS A 48 0.53 5.74 1.50
N HIS A 49 1.57 6.45 1.17
CA HIS A 49 2.53 5.94 0.14
C HIS A 49 3.08 4.58 0.58
N VAL A 50 3.13 3.61 -0.30
CA VAL A 50 3.66 2.27 0.10
C VAL A 50 4.30 1.57 -1.08
N TYR A 51 5.13 0.64 -0.79
CA TYR A 51 5.79 -0.14 -1.85
C TYR A 51 5.51 -1.63 -1.65
N VAL A 52 5.16 -2.30 -2.71
CA VAL A 52 4.89 -3.76 -2.56
C VAL A 52 6.19 -4.55 -2.83
N ASN A 53 6.35 -5.76 -2.34
CA ASN A 53 7.63 -6.50 -2.63
C ASN A 53 7.77 -6.64 -4.14
N GLU A 54 8.55 -7.60 -4.58
CA GLU A 54 8.71 -7.78 -6.06
C GLU A 54 7.83 -8.95 -6.54
N ALA A 55 7.21 -9.67 -5.64
CA ALA A 55 6.38 -10.84 -6.06
C ALA A 55 4.88 -10.54 -6.07
N PHE A 56 4.38 -9.79 -5.11
CA PHE A 56 2.90 -9.52 -5.08
C PHE A 56 2.53 -8.33 -5.96
N THR A 57 3.48 -7.74 -6.64
CA THR A 57 3.15 -6.58 -7.53
C THR A 57 2.59 -7.10 -8.86
N ASP A 58 3.32 -7.97 -9.52
CA ASP A 58 2.86 -8.55 -10.82
C ASP A 58 1.56 -9.33 -10.63
N LYS A 59 1.21 -9.60 -9.42
CA LYS A 59 -0.03 -10.36 -9.12
C LYS A 59 -1.22 -9.45 -9.22
N VAL A 60 -1.11 -8.41 -8.48
CA VAL A 60 -2.18 -7.41 -8.38
C VAL A 60 -2.05 -6.40 -9.53
N PRO A 61 -3.16 -5.79 -9.85
CA PRO A 61 -3.19 -4.79 -10.95
C PRO A 61 -2.30 -3.59 -10.65
N ALA A 62 -1.94 -2.92 -11.68
CA ALA A 62 -1.07 -1.74 -11.55
C ALA A 62 -1.88 -0.51 -11.12
N ALA A 63 -1.27 0.63 -11.17
CA ALA A 63 -1.97 1.87 -10.76
C ALA A 63 -2.24 2.78 -11.97
N ASN A 64 -3.14 3.72 -11.85
CA ASN A 64 -3.45 4.62 -13.00
C ASN A 64 -2.74 5.97 -12.85
N GLU A 65 -3.28 6.98 -13.49
CA GLU A 65 -2.66 8.34 -13.41
C GLU A 65 -2.92 8.96 -12.04
N ARG A 66 -4.01 8.61 -11.41
CA ARG A 66 -4.31 9.17 -10.06
C ARG A 66 -3.24 8.71 -9.08
N GLU A 67 -3.00 7.44 -9.04
CA GLU A 67 -1.98 6.89 -8.11
C GLU A 67 -0.55 7.23 -8.55
N ILE A 68 -0.37 8.15 -9.46
CA ILE A 68 1.01 8.49 -9.88
C ILE A 68 1.56 9.65 -9.03
N GLY A 69 0.79 10.68 -8.83
CA GLY A 69 1.29 11.83 -8.00
C GLY A 69 1.05 11.55 -6.52
N MET A 70 -0.19 11.38 -6.12
CA MET A 70 -0.44 11.09 -4.68
C MET A 70 0.51 9.99 -4.24
N LEU A 71 0.66 8.98 -5.04
CA LEU A 71 1.60 7.91 -4.67
C LEU A 71 2.98 8.52 -4.60
N GLU A 72 3.30 9.42 -5.49
CA GLU A 72 4.63 10.09 -5.45
C GLU A 72 4.59 11.26 -4.46
N CYS A 73 3.78 11.18 -3.44
CA CYS A 73 3.74 12.32 -2.47
C CYS A 73 5.17 12.67 -2.09
N VAL A 74 5.70 11.92 -1.18
CA VAL A 74 7.10 12.13 -0.74
C VAL A 74 8.06 11.48 -1.74
N THR A 75 9.03 12.19 -2.21
CA THR A 75 9.99 11.61 -3.19
C THR A 75 10.52 10.26 -2.72
N ALA A 76 9.80 9.20 -2.98
CA ALA A 76 10.26 7.85 -2.54
C ALA A 76 10.81 7.06 -3.74
N GLU A 77 11.67 7.68 -4.51
CA GLU A 77 12.25 6.98 -5.70
C GLU A 77 11.20 6.11 -6.40
N LEU A 78 10.15 6.75 -6.87
CA LEU A 78 9.05 6.02 -7.58
C LEU A 78 9.60 4.78 -8.31
N LYS A 79 8.79 3.75 -8.40
CA LYS A 79 9.26 2.51 -9.09
C LYS A 79 8.07 1.87 -9.82
N PRO A 80 8.24 0.64 -10.23
CA PRO A 80 7.16 -0.05 -10.96
C PRO A 80 6.13 -0.63 -9.98
N ASN A 81 6.55 -1.02 -8.80
CA ASN A 81 5.57 -1.59 -7.83
C ASN A 81 5.21 -0.57 -6.74
N SER A 82 5.70 0.63 -6.84
CA SER A 82 5.34 1.67 -5.80
C SER A 82 3.84 1.94 -5.84
N ARG A 83 3.20 2.00 -4.70
CA ARG A 83 1.73 2.30 -4.73
C ARG A 83 1.29 2.96 -3.43
N LEU A 84 0.07 3.45 -3.40
CA LEU A 84 -0.45 4.10 -2.17
C LEU A 84 -1.16 3.03 -1.33
N SER A 85 -1.15 3.14 -0.04
CA SER A 85 -1.81 2.10 0.78
C SER A 85 -3.21 1.78 0.22
N CYS A 86 -3.83 2.72 -0.43
CA CYS A 86 -5.21 2.49 -0.95
C CYS A 86 -5.20 2.20 -2.46
N GLN A 87 -4.24 1.43 -2.92
CA GLN A 87 -4.18 1.10 -4.37
C GLN A 87 -4.12 -0.41 -4.61
N ILE A 88 -3.37 -1.12 -3.83
CA ILE A 88 -3.28 -2.59 -4.06
C ILE A 88 -4.51 -3.29 -3.48
N ILE A 89 -4.91 -4.33 -4.10
CA ILE A 89 -6.06 -5.12 -3.60
C ILE A 89 -5.59 -6.49 -3.11
N MET A 90 -6.28 -7.06 -2.17
CA MET A 90 -5.85 -8.38 -1.66
C MET A 90 -6.86 -9.46 -2.08
N THR A 91 -6.46 -10.34 -2.95
CA THR A 91 -7.38 -11.42 -3.40
C THR A 91 -7.06 -12.72 -2.65
N PRO A 92 -7.91 -13.69 -2.82
CA PRO A 92 -7.72 -14.99 -2.14
C PRO A 92 -6.58 -15.78 -2.81
N GLU A 93 -6.05 -15.27 -3.88
CA GLU A 93 -4.93 -15.99 -4.57
C GLU A 93 -3.63 -15.20 -4.40
N LEU A 94 -3.71 -13.90 -4.28
CA LEU A 94 -2.47 -13.08 -4.11
C LEU A 94 -2.25 -12.79 -2.63
N ASP A 95 -2.20 -13.81 -1.85
CA ASP A 95 -2.00 -13.60 -0.39
C ASP A 95 -0.56 -13.86 0.04
N GLY A 96 -0.13 -13.14 1.05
CA GLY A 96 1.27 -13.29 1.53
C GLY A 96 2.05 -12.11 1.00
N ILE A 97 1.36 -11.05 0.69
CA ILE A 97 2.04 -9.88 0.09
C ILE A 97 2.79 -9.03 1.11
N VAL A 98 4.07 -8.95 0.93
CA VAL A 98 4.92 -8.12 1.82
C VAL A 98 4.85 -6.67 1.34
N VAL A 99 4.49 -5.75 2.19
CA VAL A 99 4.43 -4.33 1.74
C VAL A 99 5.61 -3.59 2.28
N ASP A 100 5.67 -2.35 1.99
CA ASP A 100 6.77 -1.53 2.52
C ASP A 100 6.42 -0.05 2.44
N VAL A 101 6.80 0.70 3.41
CA VAL A 101 6.53 2.16 3.36
C VAL A 101 7.75 2.84 2.73
N PRO A 102 7.51 3.90 2.01
CA PRO A 102 8.63 4.60 1.30
C PRO A 102 9.64 5.22 2.28
N ASP A 103 10.89 4.88 2.12
CA ASP A 103 11.95 5.45 3.00
C ASP A 103 12.83 6.41 2.19
N ARG A 104 12.36 7.59 1.92
CA ARG A 104 13.18 8.55 1.12
C ARG A 104 14.38 9.05 1.95
N GLN A 105 14.16 9.96 2.86
CA GLN A 105 15.30 10.47 3.68
C GLN A 105 15.31 9.78 5.05
N TRP A 106 16.24 8.90 5.28
CA TRP A 106 16.31 8.20 6.59
C TRP A 106 17.76 8.05 7.04
N SER A 1 -6.48 -12.88 2.06
CA SER A 1 -5.02 -13.04 1.80
C SER A 1 -4.22 -12.55 3.01
N LYS A 2 -3.07 -13.12 3.25
CA LYS A 2 -2.24 -12.68 4.40
C LYS A 2 -1.47 -11.41 4.02
N VAL A 3 -1.74 -10.32 4.67
CA VAL A 3 -1.01 -9.07 4.31
C VAL A 3 -0.03 -8.67 5.42
N VAL A 4 1.15 -8.26 5.04
CA VAL A 4 2.15 -7.83 6.06
C VAL A 4 2.75 -6.50 5.62
N TYR A 5 2.75 -5.54 6.49
CA TYR A 5 3.29 -4.21 6.15
C TYR A 5 4.65 -3.96 6.75
N VAL A 6 5.46 -3.23 6.05
CA VAL A 6 6.81 -2.91 6.62
C VAL A 6 6.98 -1.40 6.72
N SER A 7 7.47 -0.93 7.83
CA SER A 7 7.67 0.53 7.95
C SER A 7 8.98 0.89 7.24
N HIS A 8 9.62 1.93 7.65
CA HIS A 8 10.92 2.29 7.00
C HIS A 8 12.05 2.03 7.99
N ASP A 9 11.71 1.77 9.23
CA ASP A 9 12.75 1.46 10.25
C ASP A 9 12.83 -0.06 10.46
N GLY A 10 12.06 -0.81 9.71
CA GLY A 10 12.09 -2.29 9.85
C GLY A 10 10.78 -2.80 10.45
N THR A 11 10.21 -2.10 11.39
CA THR A 11 8.94 -2.55 12.01
C THR A 11 7.93 -2.89 10.91
N ARG A 12 7.23 -3.96 11.09
CA ARG A 12 6.22 -4.38 10.07
C ARG A 12 4.86 -4.68 10.73
N ARG A 13 3.81 -4.75 9.94
CA ARG A 13 2.46 -5.06 10.49
C ARG A 13 1.85 -6.22 9.69
N GLU A 14 0.86 -6.90 10.23
CA GLU A 14 0.26 -8.02 9.46
C GLU A 14 -1.27 -7.91 9.43
N LEU A 15 -1.88 -8.20 8.32
CA LEU A 15 -3.36 -8.13 8.23
C LEU A 15 -3.95 -9.41 7.69
N ASP A 16 -5.10 -9.77 8.17
CA ASP A 16 -5.79 -10.97 7.64
C ASP A 16 -6.93 -10.44 6.78
N VAL A 17 -6.63 -10.13 5.55
CA VAL A 17 -7.66 -9.54 4.66
C VAL A 17 -8.28 -10.58 3.76
N ALA A 18 -9.31 -10.22 3.04
CA ALA A 18 -9.99 -11.20 2.13
C ALA A 18 -10.01 -10.69 0.69
N ASP A 19 -10.92 -11.23 -0.09
CA ASP A 19 -11.04 -10.83 -1.52
C ASP A 19 -11.96 -9.62 -1.65
N GLY A 20 -11.47 -8.59 -2.28
CA GLY A 20 -12.30 -7.35 -2.46
C GLY A 20 -11.74 -6.24 -1.58
N VAL A 21 -10.74 -6.54 -0.79
CA VAL A 21 -10.15 -5.50 0.09
C VAL A 21 -8.81 -5.02 -0.49
N SER A 22 -8.28 -4.01 0.11
CA SER A 22 -6.97 -3.43 -0.30
C SER A 22 -6.02 -3.56 0.88
N LEU A 23 -4.86 -2.96 0.84
CA LEU A 23 -3.94 -3.07 2.00
C LEU A 23 -4.25 -1.98 3.01
N MET A 24 -5.00 -0.99 2.64
CA MET A 24 -5.30 0.10 3.60
C MET A 24 -6.57 -0.16 4.40
N GLN A 25 -7.68 -0.17 3.74
CA GLN A 25 -8.98 -0.38 4.44
C GLN A 25 -8.85 -1.44 5.57
N ALA A 26 -7.92 -2.37 5.47
CA ALA A 26 -7.78 -3.39 6.55
C ALA A 26 -6.75 -2.84 7.53
N ALA A 27 -5.79 -2.16 6.98
CA ALA A 27 -4.70 -1.56 7.80
C ALA A 27 -5.20 -0.29 8.49
N VAL A 28 -5.96 0.53 7.80
CA VAL A 28 -6.50 1.76 8.45
C VAL A 28 -7.24 1.36 9.71
N SER A 29 -8.27 0.56 9.56
CA SER A 29 -9.01 0.09 10.75
C SER A 29 -8.02 -0.49 11.74
N ASN A 30 -7.04 -1.16 11.20
CA ASN A 30 -5.99 -1.76 12.05
C ASN A 30 -5.10 -0.65 12.63
N GLY A 31 -5.43 0.58 12.34
CA GLY A 31 -4.64 1.72 12.87
C GLY A 31 -3.42 1.99 11.97
N ILE A 32 -3.08 1.05 11.12
CA ILE A 32 -1.91 1.27 10.21
C ILE A 32 -1.97 2.71 9.69
N TYR A 33 -3.14 3.15 9.34
CA TYR A 33 -3.33 4.58 8.92
C TYR A 33 -4.80 4.96 9.00
N ASP A 34 -5.20 5.66 10.02
CA ASP A 34 -6.62 6.08 10.10
C ASP A 34 -6.84 7.17 9.04
N ILE A 35 -6.49 6.87 7.81
CA ILE A 35 -6.62 7.86 6.71
C ILE A 35 -7.77 7.49 5.77
N VAL A 36 -8.96 7.92 6.08
CA VAL A 36 -10.13 7.60 5.21
C VAL A 36 -10.77 8.89 4.67
N GLY A 37 -9.99 9.90 4.45
CA GLY A 37 -10.56 11.18 3.94
C GLY A 37 -10.07 11.44 2.51
N ASP A 38 -8.79 11.32 2.28
CA ASP A 38 -8.25 11.56 0.92
C ASP A 38 -8.47 10.33 0.03
N CYS A 39 -8.25 9.18 0.58
CA CYS A 39 -8.43 7.91 -0.20
C CYS A 39 -9.64 7.13 0.32
N GLY A 40 -9.75 6.94 1.61
CA GLY A 40 -10.91 6.18 2.15
C GLY A 40 -11.10 4.92 1.28
N GLY A 41 -10.02 4.34 0.84
CA GLY A 41 -10.13 3.13 -0.02
C GLY A 41 -10.44 3.57 -1.46
N SER A 42 -10.02 4.75 -1.82
CA SER A 42 -10.30 5.23 -3.21
C SER A 42 -9.00 5.62 -3.92
N ALA A 43 -7.94 5.75 -3.19
CA ALA A 43 -6.62 6.11 -3.80
C ALA A 43 -6.53 7.58 -4.20
N SER A 44 -6.75 8.44 -3.28
CA SER A 44 -6.62 9.89 -3.54
C SER A 44 -5.78 10.46 -2.38
N CYS A 45 -4.82 9.69 -1.95
CA CYS A 45 -4.00 10.11 -0.77
C CYS A 45 -2.55 10.45 -1.11
N ALA A 46 -1.92 11.24 -0.28
CA ALA A 46 -0.50 11.62 -0.52
C ALA A 46 0.42 10.99 0.53
N THR A 47 -0.12 10.42 1.58
CA THR A 47 0.75 9.85 2.65
C THR A 47 0.72 8.32 2.71
N CYS A 48 -0.28 7.67 2.15
CA CYS A 48 -0.28 6.18 2.23
C CYS A 48 0.64 5.56 1.18
N HIS A 49 1.58 6.30 0.66
CA HIS A 49 2.51 5.68 -0.34
C HIS A 49 2.99 4.36 0.25
N VAL A 50 3.11 3.32 -0.53
CA VAL A 50 3.57 2.04 0.06
C VAL A 50 4.43 1.32 -0.94
N TYR A 51 5.27 0.47 -0.44
CA TYR A 51 6.17 -0.30 -1.32
C TYR A 51 5.89 -1.79 -1.14
N VAL A 52 5.50 -2.43 -2.19
CA VAL A 52 5.18 -3.90 -2.08
C VAL A 52 6.34 -4.76 -2.61
N ASN A 53 6.51 -5.98 -2.12
CA ASN A 53 7.60 -6.84 -2.66
C ASN A 53 7.21 -7.35 -4.05
N GLU A 54 8.09 -7.22 -5.01
CA GLU A 54 7.78 -7.68 -6.40
C GLU A 54 6.94 -8.97 -6.39
N ALA A 55 7.07 -9.78 -5.38
CA ALA A 55 6.28 -11.04 -5.33
C ALA A 55 4.77 -10.76 -5.31
N PHE A 56 4.37 -9.57 -4.94
CA PHE A 56 2.90 -9.28 -4.90
C PHE A 56 2.60 -8.00 -5.70
N THR A 57 3.61 -7.26 -6.08
CA THR A 57 3.34 -6.01 -6.88
C THR A 57 3.15 -6.41 -8.35
N ASP A 58 3.57 -7.59 -8.71
CA ASP A 58 3.42 -8.04 -10.12
C ASP A 58 2.08 -8.75 -10.32
N LYS A 59 1.60 -9.40 -9.29
CA LYS A 59 0.30 -10.11 -9.41
C LYS A 59 -0.86 -9.13 -9.20
N VAL A 60 -0.59 -7.86 -9.22
CA VAL A 60 -1.67 -6.86 -9.01
C VAL A 60 -1.82 -6.00 -10.27
N PRO A 61 -2.99 -5.45 -10.42
CA PRO A 61 -3.29 -4.58 -11.57
C PRO A 61 -2.43 -3.32 -11.57
N ALA A 62 -2.27 -2.77 -12.73
CA ALA A 62 -1.46 -1.54 -12.89
C ALA A 62 -2.25 -0.30 -12.50
N ALA A 63 -1.71 0.51 -11.66
CA ALA A 63 -2.43 1.74 -11.24
C ALA A 63 -2.49 2.73 -12.40
N ASN A 64 -3.44 3.63 -12.39
CA ASN A 64 -3.55 4.61 -13.51
C ASN A 64 -2.97 5.97 -13.14
N GLU A 65 -3.15 6.95 -13.99
CA GLU A 65 -2.62 8.31 -13.72
C GLU A 65 -2.94 8.75 -12.29
N ARG A 66 -3.93 8.16 -11.68
CA ARG A 66 -4.26 8.54 -10.28
C ARG A 66 -3.11 8.20 -9.37
N GLU A 67 -2.74 6.95 -9.33
CA GLU A 67 -1.61 6.52 -8.46
C GLU A 67 -0.26 7.12 -8.90
N ILE A 68 -0.24 8.05 -9.80
CA ILE A 68 1.09 8.60 -10.21
C ILE A 68 1.47 9.81 -9.35
N GLY A 69 0.55 10.68 -9.05
CA GLY A 69 0.90 11.87 -8.20
C GLY A 69 0.71 11.53 -6.73
N MET A 70 -0.49 11.15 -6.34
CA MET A 70 -0.72 10.79 -4.91
C MET A 70 0.37 9.85 -4.43
N LEU A 71 0.71 8.92 -5.25
CA LEU A 71 1.76 7.94 -4.92
C LEU A 71 3.12 8.65 -4.94
N GLU A 72 3.28 9.64 -5.79
CA GLU A 72 4.55 10.40 -5.85
C GLU A 72 4.49 11.61 -4.91
N CYS A 73 3.42 11.77 -4.18
CA CYS A 73 3.33 12.95 -3.28
C CYS A 73 4.60 13.07 -2.46
N VAL A 74 4.98 12.03 -1.76
CA VAL A 74 6.23 12.08 -0.98
C VAL A 74 7.40 11.60 -1.85
N THR A 75 8.22 12.51 -2.29
CA THR A 75 9.36 12.13 -3.16
C THR A 75 10.14 10.95 -2.57
N ALA A 76 9.85 9.76 -3.01
CA ALA A 76 10.56 8.56 -2.47
C ALA A 76 11.08 7.70 -3.64
N GLU A 77 11.77 8.30 -4.57
CA GLU A 77 12.30 7.53 -5.74
C GLU A 77 11.27 6.50 -6.21
N LEU A 78 10.12 6.97 -6.60
CA LEU A 78 9.03 6.08 -7.08
C LEU A 78 9.58 4.80 -7.73
N LYS A 79 8.91 3.70 -7.54
CA LYS A 79 9.38 2.42 -8.15
C LYS A 79 8.30 1.86 -9.08
N PRO A 80 8.66 0.84 -9.82
CA PRO A 80 7.69 0.21 -10.74
C PRO A 80 6.61 -0.51 -9.95
N ASN A 81 6.94 -1.02 -8.79
CA ASN A 81 5.93 -1.73 -7.97
C ASN A 81 5.34 -0.80 -6.90
N SER A 82 5.86 0.39 -6.76
CA SER A 82 5.31 1.30 -5.73
C SER A 82 3.78 1.37 -5.83
N ARG A 83 3.14 1.89 -4.83
CA ARG A 83 1.67 1.99 -4.83
C ARG A 83 1.20 2.74 -3.60
N LEU A 84 -0.04 3.14 -3.57
CA LEU A 84 -0.56 3.85 -2.37
C LEU A 84 -1.25 2.82 -1.47
N SER A 85 -1.10 2.94 -0.17
CA SER A 85 -1.74 1.92 0.71
C SER A 85 -3.15 1.59 0.21
N CYS A 86 -3.78 2.52 -0.46
CA CYS A 86 -5.18 2.29 -0.95
C CYS A 86 -5.20 2.11 -2.48
N GLN A 87 -4.28 1.34 -3.01
CA GLN A 87 -4.24 1.11 -4.47
C GLN A 87 -4.24 -0.37 -4.81
N ILE A 88 -3.63 -1.18 -4.01
CA ILE A 88 -3.61 -2.64 -4.31
C ILE A 88 -4.78 -3.35 -3.65
N ILE A 89 -5.25 -4.40 -4.25
CA ILE A 89 -6.39 -5.15 -3.67
C ILE A 89 -5.89 -6.51 -3.17
N MET A 90 -6.58 -7.11 -2.25
CA MET A 90 -6.13 -8.41 -1.72
C MET A 90 -7.06 -9.53 -2.18
N THR A 91 -6.58 -10.43 -3.00
CA THR A 91 -7.43 -11.55 -3.46
C THR A 91 -7.01 -12.84 -2.78
N PRO A 92 -7.79 -13.87 -2.98
CA PRO A 92 -7.48 -15.19 -2.36
C PRO A 92 -6.30 -15.84 -3.08
N GLU A 93 -5.76 -15.20 -4.09
CA GLU A 93 -4.60 -15.78 -4.82
C GLU A 93 -3.35 -14.96 -4.53
N LEU A 94 -3.50 -13.68 -4.31
CA LEU A 94 -2.31 -12.82 -4.02
C LEU A 94 -2.10 -12.71 -2.52
N ASP A 95 -2.03 -13.81 -1.87
CA ASP A 95 -1.86 -13.77 -0.39
C ASP A 95 -0.41 -14.02 0.02
N GLY A 96 0.00 -13.37 1.07
CA GLY A 96 1.41 -13.49 1.54
C GLY A 96 2.12 -12.23 1.09
N ILE A 97 1.35 -11.20 0.85
CA ILE A 97 1.92 -9.93 0.32
C ILE A 97 2.75 -9.17 1.36
N VAL A 98 3.93 -8.79 0.97
CA VAL A 98 4.79 -8.01 1.89
C VAL A 98 4.77 -6.54 1.44
N VAL A 99 4.38 -5.65 2.30
CA VAL A 99 4.33 -4.21 1.88
C VAL A 99 5.50 -3.48 2.48
N ASP A 100 5.52 -2.21 2.27
CA ASP A 100 6.58 -1.38 2.86
C ASP A 100 6.13 0.06 2.87
N VAL A 101 6.41 0.76 3.92
CA VAL A 101 6.01 2.19 3.95
C VAL A 101 7.22 3.07 3.55
N PRO A 102 7.17 3.53 2.32
CA PRO A 102 8.27 4.36 1.75
C PRO A 102 8.36 5.75 2.38
N ASP A 103 8.96 5.88 3.52
CA ASP A 103 9.08 7.24 4.14
C ASP A 103 10.54 7.72 4.12
N ARG A 104 11.25 7.46 3.06
CA ARG A 104 12.68 7.88 2.99
C ARG A 104 12.82 9.40 3.23
N GLN A 105 14.00 9.92 3.06
CA GLN A 105 14.20 11.38 3.27
C GLN A 105 14.71 12.03 1.98
N TRP A 106 15.06 11.25 1.01
CA TRP A 106 15.56 11.82 -0.27
C TRP A 106 14.41 11.97 -1.27
N SER A 1 -6.75 -12.89 1.82
CA SER A 1 -5.27 -12.94 1.65
C SER A 1 -4.57 -12.30 2.85
N LYS A 2 -3.43 -12.80 3.23
CA LYS A 2 -2.69 -12.23 4.39
C LYS A 2 -1.75 -11.12 3.91
N VAL A 3 -1.73 -10.00 4.57
CA VAL A 3 -0.82 -8.91 4.11
C VAL A 3 0.15 -8.50 5.22
N VAL A 4 1.33 -8.10 4.84
CA VAL A 4 2.35 -7.67 5.85
C VAL A 4 2.94 -6.33 5.40
N TYR A 5 2.99 -5.39 6.29
CA TYR A 5 3.56 -4.08 5.89
C TYR A 5 4.88 -3.79 6.58
N VAL A 6 5.86 -3.53 5.80
CA VAL A 6 7.19 -3.17 6.40
C VAL A 6 7.27 -1.65 6.52
N SER A 7 8.02 -1.16 7.46
CA SER A 7 8.13 0.30 7.61
C SER A 7 9.57 0.73 7.29
N HIS A 8 9.70 1.84 6.64
CA HIS A 8 11.06 2.33 6.28
C HIS A 8 12.04 2.13 7.44
N ASP A 9 11.56 2.06 8.66
CA ASP A 9 12.47 1.86 9.82
C ASP A 9 12.64 0.37 10.16
N GLY A 10 11.97 -0.50 9.44
CA GLY A 10 12.10 -1.96 9.73
C GLY A 10 10.82 -2.52 10.34
N THR A 11 10.09 -1.74 11.10
CA THR A 11 8.85 -2.26 11.70
C THR A 11 7.99 -2.94 10.63
N ARG A 12 7.38 -4.00 10.98
CA ARG A 12 6.53 -4.75 10.00
C ARG A 12 5.12 -4.99 10.56
N ARG A 13 4.10 -4.58 9.84
CA ARG A 13 2.70 -4.80 10.31
C ARG A 13 2.09 -5.97 9.56
N GLU A 14 1.09 -6.59 10.10
CA GLU A 14 0.45 -7.74 9.39
C GLU A 14 -1.06 -7.58 9.35
N LEU A 15 -1.66 -7.83 8.21
CA LEU A 15 -3.12 -7.71 8.11
C LEU A 15 -3.74 -9.00 7.60
N ASP A 16 -4.88 -9.33 8.12
CA ASP A 16 -5.59 -10.53 7.63
C ASP A 16 -6.66 -10.03 6.68
N VAL A 17 -6.30 -9.76 5.46
CA VAL A 17 -7.29 -9.21 4.50
C VAL A 17 -7.84 -10.31 3.62
N ALA A 18 -8.86 -10.03 2.87
CA ALA A 18 -9.47 -11.09 2.01
C ALA A 18 -9.54 -10.64 0.54
N ASP A 19 -10.52 -11.14 -0.17
CA ASP A 19 -10.68 -10.79 -1.60
C ASP A 19 -11.57 -9.56 -1.76
N GLY A 20 -11.06 -8.54 -2.39
CA GLY A 20 -11.87 -7.31 -2.59
C GLY A 20 -11.32 -6.17 -1.72
N VAL A 21 -10.39 -6.46 -0.85
CA VAL A 21 -9.82 -5.38 0.00
C VAL A 21 -8.53 -4.85 -0.60
N SER A 22 -8.05 -3.78 -0.06
CA SER A 22 -6.78 -3.16 -0.52
C SER A 22 -5.83 -3.11 0.68
N LEU A 23 -4.55 -2.86 0.48
CA LEU A 23 -3.69 -2.78 1.69
C LEU A 23 -4.06 -1.50 2.46
N MET A 24 -4.93 -0.69 1.92
CA MET A 24 -5.36 0.55 2.63
C MET A 24 -6.48 0.22 3.60
N GLN A 25 -7.63 -0.04 3.08
CA GLN A 25 -8.80 -0.31 3.93
C GLN A 25 -8.45 -1.22 5.14
N ALA A 26 -7.94 -2.41 4.95
CA ALA A 26 -7.62 -3.22 6.17
C ALA A 26 -6.63 -2.43 7.02
N ALA A 27 -5.51 -2.08 6.45
CA ALA A 27 -4.48 -1.31 7.18
C ALA A 27 -5.11 -0.08 7.83
N VAL A 28 -5.70 0.75 7.03
CA VAL A 28 -6.36 1.98 7.56
C VAL A 28 -7.08 1.65 8.88
N SER A 29 -8.17 0.92 8.80
CA SER A 29 -8.89 0.54 10.04
C SER A 29 -7.91 -0.02 11.06
N ASN A 30 -7.04 -0.89 10.61
CA ASN A 30 -6.03 -1.48 11.52
C ASN A 30 -5.16 -0.36 12.10
N GLY A 31 -5.32 0.83 11.59
CA GLY A 31 -4.52 1.98 12.11
C GLY A 31 -3.16 2.02 11.44
N ILE A 32 -2.82 1.04 10.63
CA ILE A 32 -1.49 1.09 9.94
C ILE A 32 -1.33 2.52 9.42
N TYR A 33 -2.43 3.09 8.99
CA TYR A 33 -2.43 4.51 8.56
C TYR A 33 -3.73 5.14 9.03
N ASP A 34 -3.67 6.03 9.96
CA ASP A 34 -4.91 6.71 10.46
C ASP A 34 -5.49 7.57 9.32
N ILE A 35 -5.71 6.97 8.19
CA ILE A 35 -6.25 7.68 7.01
C ILE A 35 -7.73 7.35 6.82
N VAL A 36 -8.60 8.32 6.96
CA VAL A 36 -10.06 8.04 6.82
C VAL A 36 -10.61 8.72 5.56
N GLY A 37 -10.88 9.99 5.63
CA GLY A 37 -11.45 10.71 4.44
C GLY A 37 -10.33 11.04 3.45
N ASP A 38 -9.56 10.07 3.04
CA ASP A 38 -8.47 10.33 2.07
C ASP A 38 -8.67 9.49 0.80
N CYS A 39 -8.62 8.19 0.91
CA CYS A 39 -8.84 7.33 -0.29
C CYS A 39 -10.17 6.59 -0.18
N GLY A 40 -10.37 5.86 0.90
CA GLY A 40 -11.65 5.11 1.06
C GLY A 40 -11.99 4.44 -0.27
N GLY A 41 -11.03 3.78 -0.86
CA GLY A 41 -11.29 3.12 -2.17
C GLY A 41 -11.21 4.16 -3.28
N SER A 42 -10.50 5.24 -3.06
CA SER A 42 -10.39 6.29 -4.11
C SER A 42 -8.94 6.44 -4.57
N ALA A 43 -8.01 6.30 -3.67
CA ALA A 43 -6.57 6.42 -4.04
C ALA A 43 -6.19 7.87 -4.36
N SER A 44 -6.33 8.75 -3.41
CA SER A 44 -5.97 10.17 -3.65
C SER A 44 -5.08 10.71 -2.51
N CYS A 45 -4.55 9.82 -1.69
CA CYS A 45 -3.71 10.29 -0.54
C CYS A 45 -2.23 9.91 -0.63
N ALA A 46 -1.36 10.89 -0.56
CA ALA A 46 0.09 10.58 -0.61
C ALA A 46 0.56 10.10 0.77
N THR A 47 -0.35 9.94 1.70
CA THR A 47 0.04 9.48 3.06
C THR A 47 -0.03 7.96 3.16
N CYS A 48 -0.80 7.32 2.31
CA CYS A 48 -0.91 5.84 2.37
C CYS A 48 0.07 5.21 1.37
N HIS A 49 0.99 5.97 0.84
CA HIS A 49 1.94 5.36 -0.13
C HIS A 49 2.54 4.09 0.49
N VAL A 50 2.65 3.04 -0.26
CA VAL A 50 3.22 1.79 0.31
C VAL A 50 4.08 1.11 -0.73
N TYR A 51 4.95 0.27 -0.29
CA TYR A 51 5.84 -0.45 -1.22
C TYR A 51 5.59 -1.95 -1.12
N VAL A 52 5.00 -2.52 -2.12
CA VAL A 52 4.74 -3.99 -2.09
C VAL A 52 6.00 -4.73 -2.58
N ASN A 53 6.16 -6.01 -2.32
CA ASN A 53 7.40 -6.72 -2.82
C ASN A 53 7.18 -7.13 -4.27
N GLU A 54 8.17 -6.98 -5.10
CA GLU A 54 8.03 -7.39 -6.53
C GLU A 54 7.27 -8.72 -6.66
N ALA A 55 7.24 -9.53 -5.64
CA ALA A 55 6.53 -10.84 -5.73
C ALA A 55 5.01 -10.66 -5.73
N PHE A 56 4.46 -9.97 -4.75
CA PHE A 56 2.98 -9.80 -4.71
C PHE A 56 2.54 -8.61 -5.58
N THR A 57 3.46 -7.88 -6.15
CA THR A 57 3.06 -6.73 -7.01
C THR A 57 2.67 -7.26 -8.41
N ASP A 58 3.54 -8.04 -9.00
CA ASP A 58 3.25 -8.59 -10.37
C ASP A 58 1.99 -9.48 -10.32
N LYS A 59 1.54 -9.80 -9.15
CA LYS A 59 0.30 -10.64 -9.02
C LYS A 59 -0.89 -9.74 -9.22
N VAL A 60 -0.85 -8.71 -8.45
CA VAL A 60 -1.92 -7.71 -8.41
C VAL A 60 -1.72 -6.67 -9.52
N PRO A 61 -2.81 -6.21 -10.07
CA PRO A 61 -2.77 -5.21 -11.16
C PRO A 61 -2.14 -3.90 -10.70
N ALA A 62 -1.75 -3.12 -11.67
CA ALA A 62 -1.10 -1.81 -11.38
C ALA A 62 -2.12 -0.74 -11.05
N ALA A 63 -1.69 0.48 -11.00
CA ALA A 63 -2.60 1.61 -10.66
C ALA A 63 -2.84 2.51 -11.89
N ASN A 64 -3.76 3.43 -11.78
CA ASN A 64 -4.03 4.35 -12.92
C ASN A 64 -3.35 5.70 -12.70
N GLU A 65 -3.88 6.75 -13.28
CA GLU A 65 -3.29 8.10 -13.11
C GLU A 65 -3.53 8.62 -11.70
N ARG A 66 -4.48 8.04 -11.00
CA ARG A 66 -4.75 8.51 -9.60
C ARG A 66 -3.53 8.20 -8.74
N GLU A 67 -3.08 6.99 -8.76
CA GLU A 67 -1.89 6.59 -7.95
C GLU A 67 -0.63 7.34 -8.40
N ILE A 68 -0.72 8.19 -9.37
CA ILE A 68 0.51 8.90 -9.82
C ILE A 68 0.69 10.22 -9.06
N GLY A 69 -0.34 10.75 -8.47
CA GLY A 69 -0.19 12.04 -7.73
C GLY A 69 0.18 11.79 -6.27
N MET A 70 -0.78 11.45 -5.45
CA MET A 70 -0.47 11.21 -4.00
C MET A 70 0.74 10.29 -3.87
N LEU A 71 0.91 9.40 -4.78
CA LEU A 71 2.07 8.48 -4.71
C LEU A 71 3.35 9.27 -4.95
N GLU A 72 3.25 10.31 -5.74
CA GLU A 72 4.44 11.15 -6.02
C GLU A 72 4.61 12.20 -4.91
N CYS A 73 3.53 12.62 -4.30
CA CYS A 73 3.65 13.63 -3.22
C CYS A 73 4.72 13.21 -2.23
N VAL A 74 4.74 11.96 -1.85
CA VAL A 74 5.78 11.48 -0.91
C VAL A 74 6.99 10.98 -1.69
N THR A 75 7.72 11.89 -2.28
CA THR A 75 8.92 11.50 -3.08
C THR A 75 9.81 10.53 -2.30
N ALA A 76 9.54 9.26 -2.38
CA ALA A 76 10.38 8.27 -1.66
C ALA A 76 11.04 7.32 -2.66
N GLU A 77 11.92 7.84 -3.47
CA GLU A 77 12.60 6.98 -4.50
C GLU A 77 11.58 6.02 -5.11
N LEU A 78 10.46 6.56 -5.51
CA LEU A 78 9.37 5.75 -6.13
C LEU A 78 9.88 4.46 -6.75
N LYS A 79 9.13 3.40 -6.64
CA LYS A 79 9.55 2.10 -7.22
C LYS A 79 8.57 1.70 -8.33
N PRO A 80 8.91 0.69 -9.07
CA PRO A 80 8.03 0.22 -10.16
C PRO A 80 6.78 -0.41 -9.56
N ASN A 81 6.89 -0.97 -8.38
CA ASN A 81 5.72 -1.59 -7.72
C ASN A 81 5.12 -0.64 -6.68
N SER A 82 5.76 0.46 -6.40
CA SER A 82 5.24 1.42 -5.40
C SER A 82 3.76 1.72 -5.65
N ARG A 83 3.04 2.08 -4.62
CA ARG A 83 1.60 2.40 -4.81
C ARG A 83 0.99 2.91 -3.50
N LEU A 84 -0.13 3.57 -3.59
CA LEU A 84 -0.82 4.08 -2.37
C LEU A 84 -1.57 2.93 -1.69
N SER A 85 -1.55 2.88 -0.37
CA SER A 85 -2.30 1.81 0.34
C SER A 85 -3.66 1.65 -0.34
N CYS A 86 -4.12 2.74 -0.91
CA CYS A 86 -5.45 2.77 -1.61
C CYS A 86 -5.30 2.48 -3.10
N GLN A 87 -4.41 1.62 -3.50
CA GLN A 87 -4.27 1.35 -4.96
C GLN A 87 -4.36 -0.14 -5.28
N ILE A 88 -3.75 -0.95 -4.50
CA ILE A 88 -3.78 -2.41 -4.80
C ILE A 88 -4.90 -3.12 -4.04
N ILE A 89 -5.34 -4.21 -4.58
CA ILE A 89 -6.40 -5.01 -3.92
C ILE A 89 -5.80 -6.32 -3.43
N MET A 90 -6.44 -6.98 -2.52
CA MET A 90 -5.91 -8.26 -2.00
C MET A 90 -6.76 -9.42 -2.47
N THR A 91 -6.23 -10.27 -3.31
CA THR A 91 -7.03 -11.43 -3.80
C THR A 91 -6.78 -12.66 -2.91
N PRO A 92 -7.63 -13.63 -3.07
CA PRO A 92 -7.50 -14.88 -2.26
C PRO A 92 -6.31 -15.71 -2.74
N GLU A 93 -5.92 -15.56 -3.98
CA GLU A 93 -4.76 -16.34 -4.49
C GLU A 93 -3.46 -15.54 -4.28
N LEU A 94 -3.56 -14.24 -4.24
CA LEU A 94 -2.35 -13.40 -4.05
C LEU A 94 -2.20 -13.06 -2.58
N ASP A 95 -2.26 -14.07 -1.76
CA ASP A 95 -2.18 -13.85 -0.30
C ASP A 95 -0.79 -14.14 0.24
N GLY A 96 -0.43 -13.49 1.32
CA GLY A 96 0.92 -13.70 1.92
C GLY A 96 1.80 -12.58 1.42
N ILE A 97 1.23 -11.46 1.12
CA ILE A 97 2.03 -10.35 0.55
C ILE A 97 2.91 -9.66 1.57
N VAL A 98 3.95 -9.09 1.05
CA VAL A 98 4.95 -8.35 1.87
C VAL A 98 5.02 -6.90 1.39
N VAL A 99 4.24 -6.01 1.96
CA VAL A 99 4.33 -4.60 1.49
C VAL A 99 5.07 -3.78 2.51
N ASP A 100 5.37 -2.57 2.16
CA ASP A 100 6.17 -1.70 3.08
C ASP A 100 5.75 -0.24 3.00
N VAL A 101 6.31 0.55 3.87
CA VAL A 101 6.00 2.00 3.87
C VAL A 101 7.21 2.76 3.30
N PRO A 102 7.02 3.34 2.14
CA PRO A 102 8.10 4.08 1.48
C PRO A 102 8.43 5.40 2.20
N ASP A 103 7.74 5.69 3.27
CA ASP A 103 8.01 6.97 3.99
C ASP A 103 9.50 7.08 4.32
N ARG A 104 10.27 7.60 3.42
CA ARG A 104 11.74 7.73 3.67
C ARG A 104 12.15 9.19 3.85
N GLN A 105 13.43 9.45 3.92
CA GLN A 105 13.89 10.86 4.10
C GLN A 105 14.79 11.26 2.92
N TRP A 106 14.27 12.03 2.01
CA TRP A 106 15.09 12.46 0.84
C TRP A 106 14.80 13.93 0.50
N SER A 1 -6.31 -12.27 2.10
CA SER A 1 -4.91 -12.67 1.79
C SER A 1 -4.00 -12.41 3.00
N LYS A 2 -2.85 -13.02 3.00
CA LYS A 2 -1.89 -12.77 4.10
C LYS A 2 -1.13 -11.48 3.76
N VAL A 3 -1.38 -10.42 4.46
CA VAL A 3 -0.69 -9.15 4.12
C VAL A 3 0.35 -8.79 5.18
N VAL A 4 1.52 -8.40 4.76
CA VAL A 4 2.58 -8.05 5.75
C VAL A 4 3.11 -6.64 5.53
N TYR A 5 2.74 -5.78 6.42
CA TYR A 5 3.19 -4.37 6.33
C TYR A 5 4.55 -4.19 6.92
N VAL A 6 5.43 -3.55 6.21
CA VAL A 6 6.79 -3.30 6.76
C VAL A 6 7.07 -1.81 6.83
N SER A 7 7.59 -1.33 7.92
CA SER A 7 7.91 0.11 8.00
C SER A 7 9.22 0.37 7.28
N HIS A 8 9.79 1.51 7.46
CA HIS A 8 11.09 1.78 6.78
C HIS A 8 12.22 1.54 7.78
N ASP A 9 11.89 1.34 9.03
CA ASP A 9 12.93 1.07 10.06
C ASP A 9 12.97 -0.43 10.36
N GLY A 10 12.05 -1.19 9.80
CA GLY A 10 12.04 -2.65 10.04
C GLY A 10 10.85 -3.05 10.92
N THR A 11 9.85 -2.23 11.00
CA THR A 11 8.67 -2.59 11.83
C THR A 11 7.71 -3.37 10.93
N ARG A 12 6.91 -4.21 11.50
CA ARG A 12 5.98 -5.01 10.65
C ARG A 12 4.53 -4.95 11.16
N ARG A 13 3.59 -4.85 10.25
CA ARG A 13 2.15 -4.81 10.63
C ARG A 13 1.34 -5.64 9.62
N GLU A 14 1.53 -6.91 9.61
CA GLU A 14 0.81 -7.76 8.62
C GLU A 14 -0.69 -7.79 8.91
N LEU A 15 -1.50 -7.75 7.88
CA LEU A 15 -2.97 -7.76 8.09
C LEU A 15 -3.57 -9.08 7.60
N ASP A 16 -4.60 -9.53 8.24
CA ASP A 16 -5.28 -10.76 7.77
C ASP A 16 -6.50 -10.29 6.99
N VAL A 17 -6.32 -10.02 5.73
CA VAL A 17 -7.44 -9.48 4.91
C VAL A 17 -8.12 -10.57 4.09
N ALA A 18 -9.22 -10.23 3.46
CA ALA A 18 -9.94 -11.24 2.64
C ALA A 18 -9.89 -10.91 1.14
N ASP A 19 -10.95 -11.20 0.43
CA ASP A 19 -10.98 -10.93 -1.02
C ASP A 19 -11.81 -9.69 -1.33
N GLY A 20 -11.24 -8.73 -2.00
CA GLY A 20 -12.00 -7.49 -2.34
C GLY A 20 -11.50 -6.34 -1.46
N VAL A 21 -10.50 -6.60 -0.66
CA VAL A 21 -9.97 -5.52 0.22
C VAL A 21 -8.60 -5.05 -0.29
N SER A 22 -8.10 -4.03 0.31
CA SER A 22 -6.76 -3.47 -0.03
C SER A 22 -5.86 -3.50 1.21
N LEU A 23 -4.64 -3.06 1.11
CA LEU A 23 -3.78 -3.06 2.33
C LEU A 23 -4.14 -1.85 3.21
N MET A 24 -4.99 -0.99 2.70
CA MET A 24 -5.40 0.22 3.47
C MET A 24 -6.64 -0.04 4.33
N GLN A 25 -7.78 -0.08 3.70
CA GLN A 25 -9.05 -0.27 4.42
C GLN A 25 -8.93 -1.29 5.58
N ALA A 26 -7.98 -2.20 5.53
CA ALA A 26 -7.86 -3.19 6.64
C ALA A 26 -6.88 -2.60 7.64
N ALA A 27 -5.92 -1.87 7.12
CA ALA A 27 -4.89 -1.21 7.96
C ALA A 27 -5.47 0.05 8.62
N VAL A 28 -6.07 0.91 7.85
CA VAL A 28 -6.68 2.14 8.44
C VAL A 28 -7.45 1.73 9.69
N SER A 29 -8.39 0.85 9.54
CA SER A 29 -9.16 0.37 10.72
C SER A 29 -8.18 -0.23 11.72
N ASN A 30 -7.19 -0.90 11.22
CA ASN A 30 -6.16 -1.51 12.11
C ASN A 30 -5.34 -0.39 12.76
N GLY A 31 -5.66 0.83 12.47
CA GLY A 31 -4.91 1.97 13.07
C GLY A 31 -3.68 2.30 12.23
N ILE A 32 -3.30 1.42 11.34
CA ILE A 32 -2.10 1.71 10.49
C ILE A 32 -2.21 3.15 9.99
N TYR A 33 -3.31 3.48 9.38
CA TYR A 33 -3.52 4.89 8.95
C TYR A 33 -5.00 5.23 8.94
N ASP A 34 -5.52 5.79 10.00
CA ASP A 34 -6.96 6.17 10.00
C ASP A 34 -7.15 7.35 9.04
N ILE A 35 -6.70 7.21 7.83
CA ILE A 35 -6.80 8.32 6.84
C ILE A 35 -8.12 8.26 6.05
N VAL A 36 -9.04 9.13 6.37
CA VAL A 36 -10.33 9.14 5.63
C VAL A 36 -10.55 10.52 4.99
N GLY A 37 -9.51 11.14 4.49
CA GLY A 37 -9.68 12.49 3.86
C GLY A 37 -9.24 12.47 2.39
N ASP A 38 -8.04 12.02 2.12
CA ASP A 38 -7.56 11.98 0.71
C ASP A 38 -8.14 10.78 -0.03
N CYS A 39 -7.58 9.64 0.21
CA CYS A 39 -8.07 8.39 -0.46
C CYS A 39 -9.46 8.01 0.06
N GLY A 40 -9.70 8.15 1.33
CA GLY A 40 -11.04 7.76 1.87
C GLY A 40 -11.39 6.40 1.29
N GLY A 41 -10.40 5.59 1.05
CA GLY A 41 -10.65 4.25 0.45
C GLY A 41 -10.82 4.41 -1.06
N SER A 42 -10.08 5.33 -1.66
CA SER A 42 -10.22 5.52 -3.13
C SER A 42 -8.86 5.72 -3.79
N ALA A 43 -7.80 5.70 -3.03
CA ALA A 43 -6.43 5.85 -3.62
C ALA A 43 -6.16 7.28 -4.09
N SER A 44 -6.26 8.21 -3.20
CA SER A 44 -5.95 9.63 -3.52
C SER A 44 -5.05 10.18 -2.42
N CYS A 45 -4.23 9.33 -1.84
CA CYS A 45 -3.40 9.79 -0.68
C CYS A 45 -1.89 9.89 -0.91
N ALA A 46 -1.31 10.98 -0.52
CA ALA A 46 0.16 11.12 -0.66
C ALA A 46 0.83 10.66 0.64
N THR A 47 0.06 10.13 1.57
CA THR A 47 0.63 9.68 2.87
C THR A 47 0.60 8.15 3.01
N CYS A 48 -0.46 7.50 2.59
CA CYS A 48 -0.50 6.00 2.72
C CYS A 48 0.39 5.33 1.68
N HIS A 49 1.21 6.07 0.98
CA HIS A 49 2.08 5.42 -0.04
C HIS A 49 2.73 4.17 0.55
N VAL A 50 2.81 3.11 -0.20
CA VAL A 50 3.43 1.87 0.34
C VAL A 50 4.25 1.20 -0.73
N TYR A 51 5.15 0.36 -0.33
CA TYR A 51 6.01 -0.35 -1.29
C TYR A 51 5.78 -1.86 -1.16
N VAL A 52 5.39 -2.50 -2.23
CA VAL A 52 5.14 -3.98 -2.17
C VAL A 52 6.37 -4.75 -2.65
N ASN A 53 6.42 -6.06 -2.48
CA ASN A 53 7.60 -6.83 -2.95
C ASN A 53 7.39 -7.21 -4.42
N GLU A 54 8.40 -7.09 -5.23
CA GLU A 54 8.24 -7.44 -6.68
C GLU A 54 7.38 -8.71 -6.87
N ALA A 55 7.29 -9.55 -5.88
CA ALA A 55 6.49 -10.81 -6.03
C ALA A 55 4.98 -10.52 -6.06
N PHE A 56 4.46 -9.83 -5.08
CA PHE A 56 3.00 -9.55 -5.05
C PHE A 56 2.64 -8.30 -5.86
N THR A 57 3.62 -7.61 -6.38
CA THR A 57 3.31 -6.40 -7.21
C THR A 57 2.91 -6.82 -8.63
N ASP A 58 3.73 -7.62 -9.28
CA ASP A 58 3.42 -8.07 -10.67
C ASP A 58 2.13 -8.91 -10.68
N LYS A 59 1.64 -9.26 -9.52
CA LYS A 59 0.40 -10.08 -9.43
C LYS A 59 -0.79 -9.18 -9.63
N VAL A 60 -0.78 -8.17 -8.83
CA VAL A 60 -1.84 -7.18 -8.80
C VAL A 60 -1.69 -6.18 -9.97
N PRO A 61 -2.76 -5.49 -10.27
CA PRO A 61 -2.76 -4.52 -11.39
C PRO A 61 -1.75 -3.40 -11.19
N ALA A 62 -1.46 -2.73 -12.26
CA ALA A 62 -0.46 -1.62 -12.24
C ALA A 62 -1.07 -0.32 -11.69
N ALA A 63 -0.59 0.80 -12.17
CA ALA A 63 -1.11 2.11 -11.67
C ALA A 63 -1.95 2.83 -12.74
N ASN A 64 -2.98 3.52 -12.32
CA ASN A 64 -3.83 4.27 -13.29
C ASN A 64 -3.44 5.75 -13.27
N GLU A 65 -4.35 6.62 -13.61
CA GLU A 65 -4.04 8.08 -13.60
C GLU A 65 -4.14 8.62 -12.17
N ARG A 66 -4.96 8.00 -11.35
CA ARG A 66 -5.11 8.48 -9.94
C ARG A 66 -3.89 8.07 -9.12
N GLU A 67 -3.52 6.82 -9.18
CA GLU A 67 -2.35 6.35 -8.39
C GLU A 67 -1.06 7.03 -8.86
N ILE A 68 -1.11 7.82 -9.90
CA ILE A 68 0.14 8.48 -10.37
C ILE A 68 0.32 9.85 -9.68
N GLY A 69 -0.71 10.34 -9.04
CA GLY A 69 -0.58 11.68 -8.37
C GLY A 69 -0.07 11.50 -6.93
N MET A 70 -0.93 11.15 -6.01
CA MET A 70 -0.46 10.99 -4.59
C MET A 70 0.81 10.14 -4.57
N LEU A 71 0.88 9.19 -5.44
CA LEU A 71 2.07 8.30 -5.50
C LEU A 71 3.27 9.10 -6.02
N GLU A 72 3.02 10.21 -6.65
CA GLU A 72 4.13 11.06 -7.16
C GLU A 72 4.53 12.08 -6.08
N CYS A 73 3.58 12.83 -5.59
CA CYS A 73 3.91 13.87 -4.57
C CYS A 73 4.78 13.25 -3.48
N VAL A 74 4.70 11.97 -3.33
CA VAL A 74 5.54 11.29 -2.32
C VAL A 74 6.95 11.11 -2.87
N THR A 75 7.57 12.19 -3.25
CA THR A 75 8.96 12.12 -3.82
C THR A 75 9.92 11.27 -2.97
N ALA A 76 9.82 9.97 -3.05
CA ALA A 76 10.75 9.10 -2.26
C ALA A 76 11.36 8.05 -3.19
N GLU A 77 12.10 8.47 -4.17
CA GLU A 77 12.70 7.50 -5.14
C GLU A 77 11.67 6.41 -5.45
N LEU A 78 10.54 6.81 -5.95
CA LEU A 78 9.46 5.86 -6.30
C LEU A 78 10.02 4.50 -6.73
N LYS A 79 9.42 3.44 -6.28
CA LYS A 79 9.91 2.08 -6.68
C LYS A 79 9.15 1.61 -7.92
N PRO A 80 9.62 0.56 -8.51
CA PRO A 80 8.95 0.01 -9.70
C PRO A 80 7.59 -0.56 -9.29
N ASN A 81 7.47 -0.94 -8.04
CA ASN A 81 6.19 -1.51 -7.56
C ASN A 81 5.51 -0.59 -6.53
N SER A 82 6.04 0.59 -6.29
CA SER A 82 5.39 1.49 -5.29
C SER A 82 3.89 1.60 -5.53
N ARG A 83 3.13 1.70 -4.47
CA ARG A 83 1.66 1.83 -4.61
C ARG A 83 1.10 2.54 -3.37
N LEU A 84 -0.07 3.09 -3.46
CA LEU A 84 -0.65 3.77 -2.26
C LEU A 84 -1.37 2.76 -1.38
N SER A 85 -1.29 2.90 -0.07
CA SER A 85 -1.99 1.92 0.82
C SER A 85 -3.39 1.68 0.27
N CYS A 86 -3.92 2.63 -0.45
CA CYS A 86 -5.30 2.50 -1.01
C CYS A 86 -5.23 2.31 -2.52
N GLN A 87 -4.29 1.53 -2.98
CA GLN A 87 -4.15 1.31 -4.45
C GLN A 87 -4.25 -0.17 -4.82
N ILE A 88 -3.55 -1.00 -4.13
CA ILE A 88 -3.58 -2.45 -4.47
C ILE A 88 -4.71 -3.16 -3.73
N ILE A 89 -5.19 -4.23 -4.30
CA ILE A 89 -6.27 -5.01 -3.67
C ILE A 89 -5.71 -6.36 -3.21
N MET A 90 -6.35 -6.97 -2.25
CA MET A 90 -5.85 -8.28 -1.75
C MET A 90 -6.82 -9.39 -2.15
N THR A 91 -6.58 -10.01 -3.27
CA THR A 91 -7.47 -11.11 -3.72
C THR A 91 -7.12 -12.39 -2.98
N PRO A 92 -7.95 -13.39 -3.16
CA PRO A 92 -7.72 -14.69 -2.50
C PRO A 92 -6.65 -15.49 -3.24
N GLU A 93 -6.12 -14.94 -4.30
CA GLU A 93 -5.06 -15.65 -5.07
C GLU A 93 -3.72 -14.92 -4.88
N LEU A 94 -3.78 -13.62 -4.71
CA LEU A 94 -2.53 -12.84 -4.50
C LEU A 94 -2.35 -12.60 -3.01
N ASP A 95 -2.41 -13.65 -2.26
CA ASP A 95 -2.32 -13.50 -0.79
C ASP A 95 -0.93 -13.84 -0.24
N GLY A 96 -0.56 -13.16 0.81
CA GLY A 96 0.79 -13.38 1.42
C GLY A 96 1.71 -12.30 0.92
N ILE A 97 1.15 -11.16 0.61
CA ILE A 97 1.97 -10.07 0.05
C ILE A 97 2.78 -9.29 1.08
N VAL A 98 4.06 -9.21 0.84
CA VAL A 98 4.96 -8.44 1.73
C VAL A 98 4.90 -6.97 1.35
N VAL A 99 4.52 -6.11 2.24
CA VAL A 99 4.45 -4.66 1.88
C VAL A 99 5.62 -3.93 2.47
N ASP A 100 5.60 -2.65 2.30
CA ASP A 100 6.65 -1.82 2.90
C ASP A 100 6.18 -0.38 2.95
N VAL A 101 6.40 0.27 4.03
CA VAL A 101 5.97 1.70 4.12
C VAL A 101 7.19 2.57 3.77
N PRO A 102 7.06 3.28 2.68
CA PRO A 102 8.17 4.14 2.17
C PRO A 102 8.56 5.24 3.16
N ASP A 103 9.54 6.02 2.81
CA ASP A 103 9.99 7.12 3.72
C ASP A 103 9.65 8.49 3.15
N ARG A 104 8.59 9.06 3.62
CA ARG A 104 8.16 10.39 3.16
C ARG A 104 8.84 11.49 3.99
N GLN A 105 8.76 11.40 5.29
CA GLN A 105 9.39 12.44 6.14
C GLN A 105 10.92 12.33 6.06
N TRP A 106 11.53 13.13 5.23
CA TRP A 106 13.02 13.07 5.09
C TRP A 106 13.69 13.67 6.33
N SER A 1 -6.04 -13.04 2.26
CA SER A 1 -4.61 -13.40 2.08
C SER A 1 -3.80 -13.00 3.31
N LYS A 2 -2.60 -13.48 3.40
CA LYS A 2 -1.73 -13.09 4.54
C LYS A 2 -1.04 -11.78 4.17
N VAL A 3 -1.35 -10.72 4.85
CA VAL A 3 -0.73 -9.42 4.49
C VAL A 3 0.28 -8.99 5.54
N VAL A 4 1.40 -8.52 5.12
CA VAL A 4 2.44 -8.06 6.08
C VAL A 4 2.92 -6.68 5.65
N TYR A 5 2.85 -5.76 6.55
CA TYR A 5 3.23 -4.36 6.25
C TYR A 5 4.57 -4.00 6.86
N VAL A 6 5.38 -3.26 6.14
CA VAL A 6 6.69 -2.84 6.73
C VAL A 6 6.80 -1.33 6.77
N SER A 7 7.63 -0.82 7.62
CA SER A 7 7.81 0.64 7.69
C SER A 7 9.26 0.95 7.32
N HIS A 8 9.50 1.99 6.59
CA HIS A 8 10.89 2.33 6.20
C HIS A 8 11.80 2.28 7.44
N ASP A 9 11.23 2.39 8.62
CA ASP A 9 12.06 2.33 9.85
C ASP A 9 12.19 0.88 10.35
N GLY A 10 11.53 -0.05 9.69
CA GLY A 10 11.63 -1.48 10.12
C GLY A 10 10.32 -1.96 10.73
N THR A 11 9.61 -1.13 11.45
CA THR A 11 8.33 -1.57 12.05
C THR A 11 7.48 -2.26 10.98
N ARG A 12 6.96 -3.39 11.32
CA ARG A 12 6.13 -4.15 10.35
C ARG A 12 4.78 -4.59 10.96
N ARG A 13 3.77 -4.77 10.14
CA ARG A 13 2.45 -5.24 10.65
C ARG A 13 1.96 -6.41 9.80
N GLU A 14 1.01 -7.17 10.27
CA GLU A 14 0.50 -8.31 9.46
C GLU A 14 -1.03 -8.27 9.40
N LEU A 15 -1.61 -8.18 8.24
CA LEU A 15 -3.09 -8.11 8.16
C LEU A 15 -3.69 -9.39 7.59
N ASP A 16 -4.84 -9.75 8.08
CA ASP A 16 -5.56 -10.94 7.52
C ASP A 16 -6.61 -10.38 6.58
N VAL A 17 -6.28 -10.25 5.33
CA VAL A 17 -7.24 -9.65 4.36
C VAL A 17 -8.00 -10.71 3.56
N ALA A 18 -8.98 -10.28 2.83
CA ALA A 18 -9.79 -11.24 2.02
C ALA A 18 -9.71 -10.91 0.53
N ASP A 19 -10.73 -11.24 -0.21
CA ASP A 19 -10.73 -10.95 -1.67
C ASP A 19 -11.62 -9.73 -1.95
N GLY A 20 -11.06 -8.71 -2.52
CA GLY A 20 -11.85 -7.48 -2.83
C GLY A 20 -11.41 -6.34 -1.92
N VAL A 21 -10.38 -6.56 -1.14
CA VAL A 21 -9.89 -5.48 -0.22
C VAL A 21 -8.54 -4.96 -0.71
N SER A 22 -8.07 -3.94 -0.07
CA SER A 22 -6.74 -3.34 -0.40
C SER A 22 -5.82 -3.43 0.83
N LEU A 23 -4.62 -2.89 0.75
CA LEU A 23 -3.72 -2.95 1.94
C LEU A 23 -4.15 -1.90 2.95
N MET A 24 -4.99 -0.98 2.53
CA MET A 24 -5.42 0.11 3.44
C MET A 24 -6.67 -0.25 4.22
N GLN A 25 -7.80 -0.25 3.57
CA GLN A 25 -9.09 -0.52 4.27
C GLN A 25 -8.92 -1.59 5.37
N ALA A 26 -7.94 -2.47 5.30
CA ALA A 26 -7.76 -3.47 6.38
C ALA A 26 -6.80 -2.83 7.38
N ALA A 27 -5.73 -2.27 6.85
CA ALA A 27 -4.76 -1.54 7.70
C ALA A 27 -5.49 -0.37 8.36
N VAL A 28 -6.11 0.41 7.53
CA VAL A 28 -6.93 1.58 7.99
C VAL A 28 -7.65 1.21 9.29
N SER A 29 -8.48 0.20 9.25
CA SER A 29 -9.21 -0.23 10.48
C SER A 29 -8.21 -0.74 11.49
N ASN A 30 -7.27 -1.51 11.01
CA ASN A 30 -6.23 -2.07 11.90
C ASN A 30 -5.39 -0.93 12.50
N GLY A 31 -5.67 0.29 12.11
CA GLY A 31 -4.89 1.43 12.66
C GLY A 31 -3.63 1.65 11.82
N ILE A 32 -3.21 0.65 11.09
CA ILE A 32 -2.00 0.81 10.24
C ILE A 32 -2.04 2.17 9.55
N TYR A 33 -3.19 2.60 9.12
CA TYR A 33 -3.28 3.91 8.44
C TYR A 33 -4.05 4.95 9.25
N ASP A 34 -3.51 5.36 10.36
CA ASP A 34 -4.16 6.44 11.14
C ASP A 34 -3.64 7.77 10.60
N ILE A 35 -3.47 7.85 9.30
CA ILE A 35 -2.94 9.08 8.66
C ILE A 35 -4.05 10.12 8.50
N VAL A 36 -3.87 11.04 7.61
CA VAL A 36 -4.92 12.09 7.40
C VAL A 36 -6.06 11.54 6.54
N GLY A 37 -7.00 12.36 6.16
CA GLY A 37 -8.12 11.88 5.32
C GLY A 37 -8.01 12.45 3.90
N ASP A 38 -7.23 11.81 3.07
CA ASP A 38 -7.07 12.31 1.67
C ASP A 38 -7.53 11.25 0.67
N CYS A 39 -7.64 10.04 1.13
CA CYS A 39 -8.08 8.91 0.23
C CYS A 39 -9.47 8.43 0.63
N GLY A 40 -9.73 8.31 1.90
CA GLY A 40 -11.07 7.82 2.34
C GLY A 40 -11.44 6.62 1.49
N GLY A 41 -10.47 5.84 1.13
CA GLY A 41 -10.74 4.64 0.27
C GLY A 41 -10.87 5.10 -1.18
N SER A 42 -10.17 6.15 -1.54
CA SER A 42 -10.26 6.64 -2.95
C SER A 42 -8.87 6.81 -3.56
N ALA A 43 -7.84 6.66 -2.77
CA ALA A 43 -6.46 6.77 -3.30
C ALA A 43 -6.06 8.21 -3.61
N SER A 44 -6.12 9.06 -2.64
CA SER A 44 -5.68 10.47 -2.84
C SER A 44 -4.81 10.82 -1.63
N CYS A 45 -4.02 9.87 -1.17
CA CYS A 45 -3.21 10.11 0.07
C CYS A 45 -1.69 10.20 -0.12
N ALA A 46 -1.05 10.97 0.71
CA ALA A 46 0.43 11.08 0.64
C ALA A 46 1.04 10.40 1.87
N THR A 47 0.21 9.83 2.72
CA THR A 47 0.75 9.16 3.94
C THR A 47 0.59 7.63 3.85
N CYS A 48 -0.47 7.14 3.24
CA CYS A 48 -0.61 5.65 3.14
C CYS A 48 0.30 5.11 2.04
N HIS A 49 1.16 5.91 1.49
CA HIS A 49 2.05 5.39 0.42
C HIS A 49 2.77 4.14 0.93
N VAL A 50 3.10 3.22 0.07
CA VAL A 50 3.81 1.98 0.52
C VAL A 50 4.52 1.29 -0.64
N TYR A 51 5.41 0.40 -0.33
CA TYR A 51 6.13 -0.36 -1.37
C TYR A 51 5.81 -1.83 -1.22
N VAL A 52 5.30 -2.45 -2.23
CA VAL A 52 4.95 -3.90 -2.11
C VAL A 52 6.13 -4.78 -2.59
N ASN A 53 6.29 -5.99 -2.07
CA ASN A 53 7.42 -6.84 -2.57
C ASN A 53 7.08 -7.39 -3.96
N GLU A 54 7.98 -7.26 -4.89
CA GLU A 54 7.74 -7.74 -6.29
C GLU A 54 6.90 -9.03 -6.31
N ALA A 55 6.98 -9.83 -5.29
CA ALA A 55 6.20 -11.10 -5.29
C ALA A 55 4.68 -10.84 -5.25
N PHE A 56 4.27 -9.66 -4.88
CA PHE A 56 2.80 -9.37 -4.84
C PHE A 56 2.48 -8.10 -5.63
N THR A 57 3.49 -7.35 -5.99
CA THR A 57 3.23 -6.12 -6.80
C THR A 57 3.07 -6.54 -8.27
N ASP A 58 4.00 -7.32 -8.76
CA ASP A 58 3.92 -7.80 -10.17
C ASP A 58 2.66 -8.66 -10.33
N LYS A 59 2.16 -9.17 -9.24
CA LYS A 59 0.93 -10.00 -9.29
C LYS A 59 -0.27 -9.11 -9.40
N VAL A 60 -0.33 -8.25 -8.44
CA VAL A 60 -1.43 -7.30 -8.33
C VAL A 60 -1.27 -6.18 -9.36
N PRO A 61 -2.36 -5.82 -9.96
CA PRO A 61 -2.35 -4.77 -11.01
C PRO A 61 -1.94 -3.42 -10.44
N ALA A 62 -1.51 -2.58 -11.33
CA ALA A 62 -1.06 -1.23 -10.94
C ALA A 62 -2.25 -0.29 -10.73
N ALA A 63 -1.98 0.97 -10.63
CA ALA A 63 -3.08 1.96 -10.42
C ALA A 63 -3.26 2.82 -11.66
N ASN A 64 -4.04 3.88 -11.55
CA ASN A 64 -4.26 4.76 -12.72
C ASN A 64 -3.38 6.03 -12.63
N GLU A 65 -3.89 7.14 -13.07
CA GLU A 65 -3.10 8.40 -13.01
C GLU A 65 -3.16 8.99 -11.60
N ARG A 66 -4.18 8.67 -10.85
CA ARG A 66 -4.29 9.22 -9.46
C ARG A 66 -3.14 8.67 -8.61
N GLU A 67 -2.95 7.38 -8.62
CA GLU A 67 -1.85 6.78 -7.82
C GLU A 67 -0.51 7.35 -8.28
N ILE A 68 -0.47 8.05 -9.37
CA ILE A 68 0.83 8.61 -9.83
C ILE A 68 1.02 10.01 -9.23
N GLY A 69 -0.02 10.61 -8.73
CA GLY A 69 0.12 11.98 -8.13
C GLY A 69 0.43 11.88 -6.65
N MET A 70 -0.47 11.34 -5.87
CA MET A 70 -0.19 11.20 -4.42
C MET A 70 1.18 10.60 -4.26
N LEU A 71 1.37 9.56 -4.98
CA LEU A 71 2.63 8.79 -4.95
C LEU A 71 3.77 9.64 -5.51
N GLU A 72 3.48 10.51 -6.44
CA GLU A 72 4.55 11.38 -7.00
C GLU A 72 5.00 12.41 -5.96
N CYS A 73 4.08 12.99 -5.24
CA CYS A 73 4.46 13.99 -4.21
C CYS A 73 5.59 13.43 -3.34
N VAL A 74 5.50 12.19 -2.96
CA VAL A 74 6.56 11.59 -2.11
C VAL A 74 7.64 10.96 -3.00
N THR A 75 8.31 11.76 -3.77
CA THR A 75 9.38 11.24 -4.67
C THR A 75 10.37 10.33 -3.91
N ALA A 76 10.10 9.06 -3.86
CA ALA A 76 11.02 8.13 -3.15
C ALA A 76 11.38 6.93 -4.04
N GLU A 77 12.24 7.14 -5.01
CA GLU A 77 12.61 6.01 -5.93
C GLU A 77 11.39 5.17 -6.23
N LEU A 78 10.42 5.79 -6.81
CA LEU A 78 9.16 5.11 -7.15
C LEU A 78 9.37 3.92 -8.08
N LYS A 79 8.99 2.75 -7.65
CA LYS A 79 9.10 1.55 -8.52
C LYS A 79 7.70 1.20 -9.02
N PRO A 80 7.55 0.03 -9.58
CA PRO A 80 6.21 -0.37 -10.07
C PRO A 80 5.32 -0.75 -8.89
N ASN A 81 5.91 -1.21 -7.82
CA ASN A 81 5.09 -1.60 -6.64
C ASN A 81 4.85 -0.40 -5.72
N SER A 82 5.74 0.56 -5.71
CA SER A 82 5.52 1.76 -4.84
C SER A 82 4.11 2.29 -5.08
N ARG A 83 3.21 2.10 -4.17
CA ARG A 83 1.83 2.60 -4.40
C ARG A 83 1.16 3.06 -3.10
N LEU A 84 0.02 3.68 -3.21
CA LEU A 84 -0.68 4.18 -2.01
C LEU A 84 -1.53 3.08 -1.35
N SER A 85 -1.48 2.99 -0.05
CA SER A 85 -2.26 1.94 0.65
C SER A 85 -3.65 1.81 0.06
N CYS A 86 -4.19 2.89 -0.45
CA CYS A 86 -5.58 2.83 -1.01
C CYS A 86 -5.56 2.67 -2.53
N GLN A 87 -4.60 1.93 -3.05
CA GLN A 87 -4.55 1.70 -4.52
C GLN A 87 -4.49 0.22 -4.91
N ILE A 88 -3.64 -0.54 -4.29
CA ILE A 88 -3.56 -1.99 -4.70
C ILE A 88 -4.69 -2.78 -4.04
N ILE A 89 -5.11 -3.83 -4.68
CA ILE A 89 -6.21 -4.66 -4.11
C ILE A 89 -5.66 -6.03 -3.71
N MET A 90 -6.37 -6.72 -2.85
CA MET A 90 -5.91 -8.05 -2.40
C MET A 90 -6.83 -9.14 -2.96
N THR A 91 -6.29 -10.02 -3.75
CA THR A 91 -7.13 -11.11 -4.32
C THR A 91 -7.01 -12.38 -3.44
N PRO A 92 -7.89 -13.30 -3.68
CA PRO A 92 -7.90 -14.56 -2.89
C PRO A 92 -6.80 -15.51 -3.40
N GLU A 93 -6.08 -15.12 -4.42
CA GLU A 93 -5.00 -16.01 -4.95
C GLU A 93 -3.63 -15.39 -4.64
N LEU A 94 -3.58 -14.08 -4.57
CA LEU A 94 -2.29 -13.41 -4.27
C LEU A 94 -2.10 -13.26 -2.77
N ASP A 95 -1.95 -14.32 -2.05
CA ASP A 95 -1.82 -14.20 -0.58
C ASP A 95 -0.38 -14.32 -0.09
N GLY A 96 -0.05 -13.63 0.97
CA GLY A 96 1.32 -13.67 1.52
C GLY A 96 2.06 -12.45 1.03
N ILE A 97 1.36 -11.38 0.82
CA ILE A 97 2.01 -10.17 0.28
C ILE A 97 2.75 -9.38 1.34
N VAL A 98 3.93 -8.96 1.02
CA VAL A 98 4.73 -8.15 1.97
C VAL A 98 4.68 -6.68 1.54
N VAL A 99 4.30 -5.80 2.42
CA VAL A 99 4.25 -4.36 2.04
C VAL A 99 5.42 -3.66 2.65
N ASP A 100 5.50 -2.41 2.40
CA ASP A 100 6.57 -1.62 3.01
C ASP A 100 6.22 -0.15 2.94
N VAL A 101 6.59 0.62 3.92
CA VAL A 101 6.28 2.07 3.81
C VAL A 101 7.38 2.72 2.96
N PRO A 102 7.02 3.75 2.26
CA PRO A 102 7.95 4.43 1.35
C PRO A 102 8.67 5.60 2.04
N ASP A 103 9.98 5.59 2.04
CA ASP A 103 10.73 6.72 2.66
C ASP A 103 11.42 7.54 1.58
N ARG A 104 11.03 8.77 1.41
CA ARG A 104 11.67 9.62 0.36
C ARG A 104 12.52 10.71 1.01
N GLN A 105 12.57 10.74 2.31
CA GLN A 105 13.39 11.78 3.00
C GLN A 105 14.48 11.12 3.85
N TRP A 106 15.36 10.37 3.25
CA TRP A 106 16.44 9.71 4.03
C TRP A 106 17.41 10.75 4.59
N SER A 1 -6.55 -10.95 1.35
CA SER A 1 -5.75 -12.18 1.64
C SER A 1 -4.77 -11.93 2.79
N LYS A 2 -3.75 -12.74 2.88
CA LYS A 2 -2.74 -12.56 3.96
C LYS A 2 -1.81 -11.40 3.60
N VAL A 3 -1.62 -10.46 4.48
CA VAL A 3 -0.74 -9.32 4.14
C VAL A 3 0.14 -8.90 5.32
N VAL A 4 1.31 -8.43 5.02
CA VAL A 4 2.23 -7.95 6.09
C VAL A 4 2.77 -6.58 5.70
N TYR A 5 2.63 -5.63 6.57
CA TYR A 5 3.09 -4.25 6.24
C TYR A 5 4.44 -3.92 6.86
N VAL A 6 5.26 -3.23 6.13
CA VAL A 6 6.59 -2.85 6.69
C VAL A 6 6.74 -1.34 6.70
N SER A 7 7.22 -0.79 7.78
CA SER A 7 7.42 0.68 7.82
C SER A 7 8.71 1.00 7.07
N HIS A 8 9.37 2.06 7.41
CA HIS A 8 10.65 2.40 6.73
C HIS A 8 11.80 2.19 7.72
N ASP A 9 11.49 2.01 8.97
CA ASP A 9 12.55 1.78 9.99
C ASP A 9 12.65 0.28 10.30
N GLY A 10 11.89 -0.53 9.61
CA GLY A 10 11.95 -2.00 9.85
C GLY A 10 10.66 -2.48 10.51
N THR A 11 10.01 -1.63 11.28
CA THR A 11 8.74 -2.06 11.93
C THR A 11 7.82 -2.69 10.90
N ARG A 12 7.24 -3.78 11.24
CA ARG A 12 6.34 -4.48 10.29
C ARG A 12 4.99 -4.83 10.93
N ARG A 13 4.00 -5.10 10.13
CA ARG A 13 2.66 -5.47 10.66
C ARG A 13 2.06 -6.60 9.82
N GLU A 14 1.15 -7.35 10.35
CA GLU A 14 0.55 -8.45 9.54
C GLU A 14 -0.98 -8.41 9.63
N LEU A 15 -1.64 -8.34 8.50
CA LEU A 15 -3.13 -8.30 8.53
C LEU A 15 -3.72 -9.50 7.81
N ASP A 16 -4.87 -9.91 8.22
CA ASP A 16 -5.55 -11.04 7.54
C ASP A 16 -6.64 -10.45 6.66
N VAL A 17 -6.33 -10.14 5.43
CA VAL A 17 -7.34 -9.52 4.54
C VAL A 17 -7.97 -10.56 3.63
N ALA A 18 -9.09 -10.24 3.03
CA ALA A 18 -9.77 -11.22 2.14
C ALA A 18 -9.74 -10.75 0.68
N ASP A 19 -10.83 -10.88 -0.01
CA ASP A 19 -10.88 -10.47 -1.43
C ASP A 19 -11.72 -9.19 -1.60
N GLY A 20 -11.14 -8.18 -2.17
CA GLY A 20 -11.90 -6.91 -2.37
C GLY A 20 -11.33 -5.82 -1.45
N VAL A 21 -10.43 -6.17 -0.57
CA VAL A 21 -9.86 -5.13 0.34
C VAL A 21 -8.55 -4.59 -0.22
N SER A 22 -8.08 -3.52 0.35
CA SER A 22 -6.80 -2.93 -0.08
C SER A 22 -5.86 -2.89 1.13
N LEU A 23 -4.59 -2.76 0.92
CA LEU A 23 -3.68 -2.72 2.11
C LEU A 23 -4.09 -1.55 3.00
N MET A 24 -4.51 -0.46 2.42
CA MET A 24 -4.92 0.69 3.28
C MET A 24 -6.31 0.50 3.84
N GLN A 25 -6.87 -0.64 3.66
CA GLN A 25 -8.24 -0.88 4.21
C GLN A 25 -8.13 -1.72 5.49
N ALA A 26 -7.79 -3.00 5.37
CA ALA A 26 -7.67 -3.83 6.61
C ALA A 26 -6.84 -3.07 7.64
N ALA A 27 -5.67 -2.66 7.24
CA ALA A 27 -4.78 -1.90 8.16
C ALA A 27 -5.56 -0.70 8.70
N VAL A 28 -6.11 0.06 7.80
CA VAL A 28 -6.93 1.23 8.19
C VAL A 28 -7.76 0.89 9.44
N SER A 29 -8.56 -0.15 9.35
CA SER A 29 -9.37 -0.57 10.53
C SER A 29 -8.44 -0.88 11.68
N ASN A 30 -7.42 -1.63 11.40
CA ASN A 30 -6.42 -1.98 12.43
C ASN A 30 -5.71 -0.71 12.91
N GLY A 31 -6.00 0.41 12.30
CA GLY A 31 -5.34 1.68 12.71
C GLY A 31 -4.02 1.82 11.96
N ILE A 32 -3.55 0.75 11.37
CA ILE A 32 -2.29 0.82 10.61
C ILE A 32 -2.30 2.10 9.75
N TYR A 33 -3.44 2.44 9.20
CA TYR A 33 -3.53 3.71 8.39
C TYR A 33 -4.42 4.73 9.06
N ASP A 34 -3.97 5.40 10.08
CA ASP A 34 -4.84 6.44 10.70
C ASP A 34 -5.38 7.33 9.57
N ILE A 35 -4.67 7.34 8.46
CA ILE A 35 -5.11 8.14 7.28
C ILE A 35 -6.22 7.38 6.54
N VAL A 36 -7.46 7.62 6.87
CA VAL A 36 -8.57 6.88 6.20
C VAL A 36 -9.50 7.86 5.47
N GLY A 37 -9.56 9.09 5.91
CA GLY A 37 -10.46 10.06 5.23
C GLY A 37 -9.73 10.74 4.07
N ASP A 38 -8.82 10.04 3.44
CA ASP A 38 -8.07 10.65 2.30
C ASP A 38 -8.29 9.85 1.02
N CYS A 39 -8.19 8.55 1.09
CA CYS A 39 -8.40 7.70 -0.13
C CYS A 39 -9.70 6.92 -0.01
N GLY A 40 -9.82 6.10 1.01
CA GLY A 40 -11.06 5.30 1.18
C GLY A 40 -11.43 4.69 -0.18
N GLY A 41 -10.46 4.13 -0.85
CA GLY A 41 -10.73 3.54 -2.19
C GLY A 41 -10.77 4.65 -3.23
N SER A 42 -10.03 5.71 -3.01
CA SER A 42 -10.03 6.83 -3.99
C SER A 42 -8.64 7.00 -4.61
N ALA A 43 -7.61 6.85 -3.81
CA ALA A 43 -6.21 6.99 -4.35
C ALA A 43 -5.87 8.45 -4.64
N SER A 44 -5.93 9.29 -3.67
CA SER A 44 -5.57 10.72 -3.88
C SER A 44 -4.61 11.20 -2.78
N CYS A 45 -4.08 10.29 -2.00
CA CYS A 45 -3.17 10.73 -0.88
C CYS A 45 -1.71 10.30 -1.03
N ALA A 46 -0.81 11.24 -1.08
CA ALA A 46 0.62 10.87 -1.17
C ALA A 46 1.12 10.41 0.22
N THR A 47 0.26 10.43 1.20
CA THR A 47 0.69 10.01 2.56
C THR A 47 0.62 8.48 2.72
N CYS A 48 -0.15 7.81 1.90
CA CYS A 48 -0.25 6.32 2.03
C CYS A 48 0.68 5.64 1.02
N HIS A 49 1.61 6.36 0.45
CA HIS A 49 2.55 5.72 -0.52
C HIS A 49 3.02 4.39 0.09
N VAL A 50 3.03 3.33 -0.66
CA VAL A 50 3.49 2.04 -0.08
C VAL A 50 4.35 1.31 -1.08
N TYR A 51 5.17 0.45 -0.58
CA TYR A 51 6.09 -0.32 -1.44
C TYR A 51 5.78 -1.81 -1.29
N VAL A 52 5.35 -2.44 -2.35
CA VAL A 52 5.05 -3.90 -2.25
C VAL A 52 6.29 -4.70 -2.70
N ASN A 53 6.35 -5.99 -2.44
CA ASN A 53 7.54 -6.77 -2.89
C ASN A 53 7.34 -7.20 -4.35
N GLU A 54 8.35 -7.10 -5.15
CA GLU A 54 8.22 -7.50 -6.59
C GLU A 54 7.40 -8.80 -6.75
N ALA A 55 7.29 -9.60 -5.73
CA ALA A 55 6.52 -10.88 -5.88
C ALA A 55 5.00 -10.62 -5.88
N PHE A 56 4.48 -9.90 -4.92
CA PHE A 56 3.02 -9.66 -4.86
C PHE A 56 2.63 -8.46 -5.74
N THR A 57 3.59 -7.78 -6.31
CA THR A 57 3.24 -6.62 -7.17
C THR A 57 2.82 -7.11 -8.57
N ASP A 58 3.67 -7.88 -9.21
CA ASP A 58 3.37 -8.40 -10.58
C ASP A 58 2.10 -9.27 -10.55
N LYS A 59 1.65 -9.62 -9.39
CA LYS A 59 0.42 -10.47 -9.27
C LYS A 59 -0.80 -9.60 -9.44
N VAL A 60 -0.80 -8.61 -8.63
CA VAL A 60 -1.91 -7.65 -8.56
C VAL A 60 -1.85 -6.67 -9.74
N PRO A 61 -2.98 -6.14 -10.08
CA PRO A 61 -3.09 -5.19 -11.21
C PRO A 61 -2.28 -3.92 -10.96
N ALA A 62 -2.12 -3.15 -11.99
CA ALA A 62 -1.34 -1.90 -11.89
C ALA A 62 -2.20 -0.79 -11.28
N ALA A 63 -1.71 0.40 -11.31
CA ALA A 63 -2.47 1.54 -10.73
C ALA A 63 -2.97 2.49 -11.82
N ASN A 64 -4.00 3.25 -11.53
CA ASN A 64 -4.54 4.21 -12.54
C ASN A 64 -3.69 5.48 -12.61
N GLU A 65 -4.23 6.54 -13.16
CA GLU A 65 -3.45 7.82 -13.28
C GLU A 65 -3.45 8.59 -11.95
N ARG A 66 -4.41 8.35 -11.09
CA ARG A 66 -4.39 9.13 -9.79
C ARG A 66 -3.22 8.63 -8.96
N GLU A 67 -3.02 7.34 -8.93
CA GLU A 67 -1.90 6.75 -8.14
C GLU A 67 -0.56 7.30 -8.62
N ILE A 68 -0.54 8.03 -9.68
CA ILE A 68 0.75 8.56 -10.18
C ILE A 68 1.02 9.93 -9.54
N GLY A 69 0.02 10.53 -8.97
CA GLY A 69 0.21 11.87 -8.32
C GLY A 69 0.58 11.70 -6.84
N MET A 70 -0.38 11.45 -5.98
CA MET A 70 -0.05 11.32 -4.53
C MET A 70 1.12 10.36 -4.36
N LEU A 71 1.21 9.36 -5.17
CA LEU A 71 2.33 8.40 -5.05
C LEU A 71 3.63 9.13 -5.38
N GLU A 72 3.55 10.12 -6.23
CA GLU A 72 4.76 10.91 -6.58
C GLU A 72 4.90 12.10 -5.62
N CYS A 73 3.81 12.59 -5.10
CA CYS A 73 3.90 13.74 -4.16
C CYS A 73 4.96 13.45 -3.10
N VAL A 74 4.90 12.29 -2.51
CA VAL A 74 5.92 11.93 -1.49
C VAL A 74 7.09 11.23 -2.18
N THR A 75 7.92 11.97 -2.85
CA THR A 75 9.07 11.34 -3.57
C THR A 75 9.81 10.36 -2.66
N ALA A 76 9.39 9.13 -2.63
CA ALA A 76 10.07 8.13 -1.77
C ALA A 76 10.90 7.19 -2.64
N GLU A 77 11.57 7.72 -3.63
CA GLU A 77 12.40 6.88 -4.54
C GLU A 77 11.48 5.96 -5.35
N LEU A 78 10.42 6.54 -5.85
CA LEU A 78 9.42 5.80 -6.66
C LEU A 78 9.98 4.51 -7.25
N LYS A 79 9.23 3.45 -7.14
CA LYS A 79 9.68 2.13 -7.67
C LYS A 79 8.74 1.68 -8.78
N PRO A 80 9.10 0.61 -9.43
CA PRO A 80 8.24 0.07 -10.51
C PRO A 80 6.98 -0.52 -9.87
N ASN A 81 7.09 -0.94 -8.64
CA ASN A 81 5.91 -1.53 -7.95
C ASN A 81 5.32 -0.55 -6.92
N SER A 82 5.97 0.56 -6.64
CA SER A 82 5.40 1.51 -5.65
C SER A 82 3.92 1.79 -5.91
N ARG A 83 3.22 2.23 -4.91
CA ARG A 83 1.77 2.54 -5.07
C ARG A 83 1.22 3.14 -3.77
N LEU A 84 0.10 3.79 -3.84
CA LEU A 84 -0.51 4.39 -2.60
C LEU A 84 -1.23 3.30 -1.82
N SER A 85 -1.13 3.30 -0.50
CA SER A 85 -1.84 2.29 0.32
C SER A 85 -3.22 2.06 -0.30
N CYS A 86 -3.74 3.10 -0.88
CA CYS A 86 -5.11 3.06 -1.50
C CYS A 86 -5.07 2.69 -2.99
N GLN A 87 -4.19 1.80 -3.39
CA GLN A 87 -4.15 1.42 -4.82
C GLN A 87 -4.24 -0.07 -5.08
N ILE A 88 -3.59 -0.87 -4.29
CA ILE A 88 -3.64 -2.34 -4.55
C ILE A 88 -4.76 -3.01 -3.76
N ILE A 89 -5.27 -4.07 -4.30
CA ILE A 89 -6.34 -4.83 -3.62
C ILE A 89 -5.78 -6.18 -3.18
N MET A 90 -6.46 -6.86 -2.30
CA MET A 90 -5.94 -8.18 -1.85
C MET A 90 -6.84 -9.32 -2.36
N THR A 91 -6.34 -10.08 -3.30
CA THR A 91 -7.14 -11.22 -3.83
C THR A 91 -6.88 -12.47 -2.99
N PRO A 92 -7.80 -13.40 -3.06
CA PRO A 92 -7.67 -14.65 -2.28
C PRO A 92 -6.57 -15.55 -2.86
N GLU A 93 -5.94 -15.11 -3.92
CA GLU A 93 -4.86 -15.94 -4.53
C GLU A 93 -3.50 -15.26 -4.30
N LEU A 94 -3.49 -13.97 -4.17
CA LEU A 94 -2.21 -13.23 -3.95
C LEU A 94 -2.03 -12.95 -2.47
N ASP A 95 -1.98 -13.96 -1.69
CA ASP A 95 -1.85 -13.75 -0.22
C ASP A 95 -0.42 -13.95 0.27
N GLY A 96 -0.03 -13.18 1.25
CA GLY A 96 1.35 -13.27 1.77
C GLY A 96 2.13 -12.09 1.20
N ILE A 97 1.42 -11.07 0.84
CA ILE A 97 2.08 -9.90 0.20
C ILE A 97 2.84 -9.02 1.19
N VAL A 98 4.12 -8.98 1.03
CA VAL A 98 4.98 -8.12 1.90
C VAL A 98 4.85 -6.66 1.43
N VAL A 99 4.47 -5.77 2.29
CA VAL A 99 4.36 -4.34 1.86
C VAL A 99 5.52 -3.57 2.41
N ASP A 100 5.52 -2.31 2.17
CA ASP A 100 6.59 -1.46 2.74
C ASP A 100 6.15 -0.01 2.72
N VAL A 101 6.48 0.73 3.72
CA VAL A 101 6.12 2.18 3.70
C VAL A 101 7.33 2.99 3.23
N PRO A 102 7.26 3.40 1.98
CA PRO A 102 8.38 4.15 1.32
C PRO A 102 8.57 5.57 1.88
N ASP A 103 9.20 5.71 3.00
CA ASP A 103 9.43 7.09 3.55
C ASP A 103 10.92 7.44 3.49
N ARG A 104 11.59 7.05 2.45
CA ARG A 104 13.06 7.35 2.36
C ARG A 104 13.36 8.81 2.67
N GLN A 105 14.61 9.20 2.62
CA GLN A 105 14.98 10.60 2.92
C GLN A 105 15.66 11.25 1.72
N TRP A 106 14.96 11.38 0.63
CA TRP A 106 15.57 12.00 -0.58
C TRP A 106 14.62 13.06 -1.16
N SER A 1 -6.55 -11.43 1.27
CA SER A 1 -5.26 -12.19 1.18
C SER A 1 -4.35 -11.82 2.37
N LYS A 2 -3.50 -12.71 2.76
CA LYS A 2 -2.58 -12.41 3.90
C LYS A 2 -1.70 -11.22 3.53
N VAL A 3 -1.70 -10.18 4.33
CA VAL A 3 -0.87 -9.00 3.98
C VAL A 3 0.13 -8.71 5.12
N VAL A 4 1.29 -8.24 4.78
CA VAL A 4 2.30 -7.93 5.81
C VAL A 4 2.86 -6.54 5.56
N TYR A 5 2.80 -5.71 6.54
CA TYR A 5 3.24 -4.31 6.40
C TYR A 5 4.62 -4.06 6.98
N VAL A 6 5.44 -3.35 6.28
CA VAL A 6 6.80 -3.05 6.83
C VAL A 6 7.04 -1.55 6.92
N SER A 7 7.27 -1.06 8.09
CA SER A 7 7.57 0.38 8.23
C SER A 7 9.03 0.57 7.85
N HIS A 8 9.31 1.48 6.98
CA HIS A 8 10.74 1.67 6.56
C HIS A 8 11.68 1.60 7.77
N ASP A 9 11.17 1.87 8.95
CA ASP A 9 12.05 1.80 10.16
C ASP A 9 12.21 0.32 10.61
N GLY A 10 11.55 -0.58 9.94
CA GLY A 10 11.67 -2.02 10.31
C GLY A 10 10.36 -2.53 10.93
N THR A 11 9.68 -1.72 11.71
CA THR A 11 8.42 -2.17 12.32
C THR A 11 7.53 -2.79 11.25
N ARG A 12 6.93 -3.88 11.54
CA ARG A 12 6.07 -4.57 10.53
C ARG A 12 4.69 -4.91 11.10
N ARG A 13 3.66 -4.88 10.26
CA ARG A 13 2.31 -5.25 10.74
C ARG A 13 1.68 -6.25 9.76
N GLU A 14 1.35 -7.43 10.21
CA GLU A 14 0.74 -8.45 9.31
C GLU A 14 -0.78 -8.40 9.41
N LEU A 15 -1.46 -8.21 8.31
CA LEU A 15 -2.94 -8.16 8.36
C LEU A 15 -3.55 -9.39 7.70
N ASP A 16 -4.67 -9.83 8.20
CA ASP A 16 -5.35 -11.00 7.59
C ASP A 16 -6.46 -10.45 6.71
N VAL A 17 -6.16 -10.16 5.48
CA VAL A 17 -7.19 -9.58 4.58
C VAL A 17 -7.80 -10.65 3.68
N ALA A 18 -8.91 -10.34 3.06
CA ALA A 18 -9.56 -11.33 2.17
C ALA A 18 -9.63 -10.81 0.73
N ASP A 19 -10.71 -11.07 0.05
CA ASP A 19 -10.85 -10.60 -1.35
C ASP A 19 -11.72 -9.34 -1.41
N GLY A 20 -11.23 -8.31 -2.02
CA GLY A 20 -12.02 -7.06 -2.13
C GLY A 20 -11.41 -5.96 -1.26
N VAL A 21 -10.46 -6.28 -0.43
CA VAL A 21 -9.85 -5.22 0.43
C VAL A 21 -8.52 -4.75 -0.16
N SER A 22 -7.99 -3.71 0.41
CA SER A 22 -6.67 -3.17 -0.07
C SER A 22 -5.69 -3.19 1.10
N LEU A 23 -4.42 -3.00 0.85
CA LEU A 23 -3.45 -3.02 1.99
C LEU A 23 -3.84 -1.93 2.99
N MET A 24 -4.46 -0.89 2.54
CA MET A 24 -4.85 0.18 3.48
C MET A 24 -6.11 -0.20 4.22
N GLN A 25 -7.15 -0.46 3.50
CA GLN A 25 -8.44 -0.81 4.15
C GLN A 25 -8.22 -1.69 5.39
N ALA A 26 -7.80 -2.92 5.23
CA ALA A 26 -7.59 -3.77 6.45
C ALA A 26 -6.79 -2.96 7.48
N ALA A 27 -5.63 -2.51 7.08
CA ALA A 27 -4.78 -1.72 8.01
C ALA A 27 -5.60 -0.56 8.57
N VAL A 28 -6.13 0.24 7.69
CA VAL A 28 -6.98 1.39 8.08
C VAL A 28 -7.82 1.01 9.31
N SER A 29 -8.67 0.03 9.16
CA SER A 29 -9.51 -0.42 10.31
C SER A 29 -8.59 -0.80 11.46
N ASN A 30 -7.60 -1.60 11.16
CA ASN A 30 -6.62 -2.01 12.20
C ASN A 30 -5.92 -0.77 12.76
N GLY A 31 -6.15 0.36 12.16
CA GLY A 31 -5.47 1.61 12.64
C GLY A 31 -4.07 1.68 12.06
N ILE A 32 -3.64 0.65 11.40
CA ILE A 32 -2.29 0.67 10.79
C ILE A 32 -2.07 2.01 10.10
N TYR A 33 -3.11 2.61 9.57
CA TYR A 33 -2.94 3.92 8.88
C TYR A 33 -3.52 5.09 9.67
N ASP A 34 -3.08 5.31 10.86
CA ASP A 34 -3.58 6.51 11.59
C ASP A 34 -2.92 7.75 10.98
N ILE A 35 -3.01 7.87 9.67
CA ILE A 35 -2.38 9.01 8.96
C ILE A 35 -3.45 9.92 8.36
N VAL A 36 -3.05 10.98 7.73
CA VAL A 36 -4.03 11.90 7.09
C VAL A 36 -3.75 11.99 5.60
N GLY A 37 -4.52 11.31 4.81
CA GLY A 37 -4.30 11.35 3.33
C GLY A 37 -5.55 11.87 2.62
N ASP A 38 -5.48 11.98 1.32
CA ASP A 38 -6.67 12.48 0.55
C ASP A 38 -7.43 11.30 -0.08
N CYS A 39 -6.96 10.10 0.16
CA CYS A 39 -7.65 8.91 -0.42
C CYS A 39 -9.00 8.69 0.27
N GLY A 40 -9.09 8.97 1.54
CA GLY A 40 -10.38 8.75 2.25
C GLY A 40 -10.90 7.37 1.83
N GLY A 41 -9.99 6.47 1.57
CA GLY A 41 -10.39 5.12 1.11
C GLY A 41 -10.71 5.18 -0.38
N SER A 42 -9.96 5.98 -1.12
CA SER A 42 -10.23 6.09 -2.58
C SER A 42 -8.95 6.12 -3.40
N ALA A 43 -7.82 5.92 -2.78
CA ALA A 43 -6.53 5.89 -3.54
C ALA A 43 -6.08 7.27 -4.03
N SER A 44 -6.18 8.26 -3.21
CA SER A 44 -5.70 9.62 -3.59
C SER A 44 -4.87 10.16 -2.43
N CYS A 45 -4.00 9.36 -1.88
CA CYS A 45 -3.23 9.83 -0.68
C CYS A 45 -1.73 10.06 -0.86
N ALA A 46 -1.26 11.20 -0.44
CA ALA A 46 0.19 11.46 -0.50
C ALA A 46 0.80 11.05 0.86
N THR A 47 0.01 10.44 1.71
CA THR A 47 0.50 10.02 3.06
C THR A 47 0.59 8.49 3.17
N CYS A 48 -0.36 7.76 2.65
CA CYS A 48 -0.29 6.27 2.76
C CYS A 48 0.68 5.68 1.72
N HIS A 49 1.62 6.46 1.24
CA HIS A 49 2.58 5.92 0.23
C HIS A 49 3.07 4.55 0.73
N VAL A 50 3.16 3.57 -0.13
CA VAL A 50 3.60 2.21 0.31
C VAL A 50 4.40 1.53 -0.77
N TYR A 51 5.26 0.67 -0.36
CA TYR A 51 6.05 -0.09 -1.34
C TYR A 51 5.84 -1.58 -1.14
N VAL A 52 5.51 -2.30 -2.17
CA VAL A 52 5.28 -3.77 -2.03
C VAL A 52 6.58 -4.54 -2.34
N ASN A 53 6.64 -5.82 -2.04
CA ASN A 53 7.88 -6.61 -2.33
C ASN A 53 8.08 -6.73 -3.84
N GLU A 54 8.64 -7.80 -4.31
CA GLU A 54 8.84 -7.97 -5.79
C GLU A 54 7.81 -8.94 -6.40
N ALA A 55 7.15 -9.73 -5.59
CA ALA A 55 6.19 -10.74 -6.17
C ALA A 55 4.71 -10.31 -6.10
N PHE A 56 4.29 -9.65 -5.06
CA PHE A 56 2.83 -9.28 -4.97
C PHE A 56 2.56 -7.99 -5.73
N THR A 57 3.58 -7.30 -6.14
CA THR A 57 3.37 -6.03 -6.91
C THR A 57 3.11 -6.34 -8.38
N ASP A 58 3.64 -7.42 -8.87
CA ASP A 58 3.43 -7.78 -10.31
C ASP A 58 2.06 -8.43 -10.50
N LYS A 59 1.54 -9.06 -9.48
CA LYS A 59 0.21 -9.71 -9.61
C LYS A 59 -0.88 -8.65 -9.47
N VAL A 60 -0.83 -7.86 -8.43
CA VAL A 60 -1.84 -6.81 -8.23
C VAL A 60 -2.16 -6.11 -9.55
N PRO A 61 -3.34 -5.57 -9.62
CA PRO A 61 -3.79 -4.87 -10.86
C PRO A 61 -2.98 -3.61 -11.11
N ALA A 62 -3.04 -3.16 -12.33
CA ALA A 62 -2.30 -1.96 -12.75
C ALA A 62 -3.05 -0.68 -12.35
N ALA A 63 -2.46 0.12 -11.53
CA ALA A 63 -3.13 1.38 -11.09
C ALA A 63 -3.18 2.37 -12.27
N ASN A 64 -4.00 3.38 -12.17
CA ASN A 64 -4.10 4.37 -13.30
C ASN A 64 -3.29 5.63 -13.00
N GLU A 65 -3.48 6.67 -13.76
CA GLU A 65 -2.73 7.93 -13.53
C GLU A 65 -2.97 8.45 -12.12
N ARG A 66 -4.03 8.03 -11.48
CA ARG A 66 -4.30 8.50 -10.10
C ARG A 66 -3.20 8.00 -9.16
N GLU A 67 -2.95 6.72 -9.16
CA GLU A 67 -1.91 6.15 -8.28
C GLU A 67 -0.55 6.78 -8.58
N ILE A 68 -0.43 7.48 -9.65
CA ILE A 68 0.88 8.11 -9.99
C ILE A 68 0.99 9.54 -9.41
N GLY A 69 -0.09 10.08 -8.90
CA GLY A 69 -0.03 11.47 -8.35
C GLY A 69 0.33 11.43 -6.86
N MET A 70 -0.61 11.14 -6.00
CA MET A 70 -0.28 11.11 -4.54
C MET A 70 1.00 10.27 -4.34
N LEU A 71 1.14 9.23 -5.10
CA LEU A 71 2.33 8.37 -4.99
C LEU A 71 3.55 9.17 -5.47
N GLU A 72 3.30 10.15 -6.29
CA GLU A 72 4.40 11.01 -6.81
C GLU A 72 4.61 12.20 -5.87
N CYS A 73 3.56 12.78 -5.35
CA CYS A 73 3.73 13.94 -4.44
C CYS A 73 4.79 13.58 -3.41
N VAL A 74 4.71 12.39 -2.87
CA VAL A 74 5.73 11.95 -1.89
C VAL A 74 6.88 11.26 -2.65
N THR A 75 7.67 12.04 -3.34
CA THR A 75 8.79 11.46 -4.13
C THR A 75 9.60 10.47 -3.30
N ALA A 76 9.43 9.21 -3.56
CA ALA A 76 10.19 8.17 -2.81
C ALA A 76 10.90 7.25 -3.81
N GLU A 77 11.78 7.79 -4.62
CA GLU A 77 12.50 6.97 -5.63
C GLU A 77 11.54 5.95 -6.24
N LEU A 78 10.45 6.44 -6.78
CA LEU A 78 9.44 5.56 -7.41
C LEU A 78 10.07 4.33 -8.08
N LYS A 79 9.39 3.22 -8.00
CA LYS A 79 9.91 1.97 -8.64
C LYS A 79 8.74 1.31 -9.38
N PRO A 80 8.97 0.17 -9.96
CA PRO A 80 7.88 -0.53 -10.69
C PRO A 80 6.77 -1.00 -9.74
N ASN A 81 7.07 -1.22 -8.49
CA ASN A 81 6.01 -1.72 -7.56
C ASN A 81 5.62 -0.69 -6.49
N SER A 82 6.11 0.52 -6.54
CA SER A 82 5.70 1.52 -5.49
C SER A 82 4.19 1.65 -5.49
N ARG A 83 3.59 1.94 -4.36
CA ARG A 83 2.11 2.07 -4.34
C ARG A 83 1.64 2.99 -3.22
N LEU A 84 0.35 3.17 -3.13
CA LEU A 84 -0.27 3.98 -2.05
C LEU A 84 -1.11 3.01 -1.21
N SER A 85 -1.03 3.07 0.09
CA SER A 85 -1.81 2.10 0.90
C SER A 85 -3.21 1.88 0.30
N CYS A 86 -3.74 2.87 -0.40
CA CYS A 86 -5.11 2.73 -0.97
C CYS A 86 -5.08 2.53 -2.50
N GLN A 87 -4.22 1.67 -2.99
CA GLN A 87 -4.16 1.40 -4.47
C GLN A 87 -4.31 -0.07 -4.78
N ILE A 88 -3.58 -0.87 -4.08
CA ILE A 88 -3.61 -2.34 -4.35
C ILE A 88 -4.76 -3.01 -3.63
N ILE A 89 -5.26 -4.06 -4.21
CA ILE A 89 -6.37 -4.82 -3.58
C ILE A 89 -5.82 -6.18 -3.15
N MET A 90 -6.50 -6.84 -2.26
CA MET A 90 -6.00 -8.17 -1.81
C MET A 90 -6.91 -9.28 -2.32
N THR A 91 -6.47 -10.00 -3.32
CA THR A 91 -7.32 -11.10 -3.86
C THR A 91 -6.97 -12.41 -3.14
N PRO A 92 -7.82 -13.38 -3.28
CA PRO A 92 -7.59 -14.68 -2.63
C PRO A 92 -6.45 -15.43 -3.32
N GLU A 93 -5.89 -14.86 -4.35
CA GLU A 93 -4.76 -15.53 -5.06
C GLU A 93 -3.46 -14.78 -4.79
N LEU A 94 -3.55 -13.50 -4.54
CA LEU A 94 -2.32 -12.70 -4.24
C LEU A 94 -2.17 -12.49 -2.76
N ASP A 95 -2.18 -13.57 -2.04
CA ASP A 95 -2.06 -13.45 -0.55
C ASP A 95 -0.64 -13.74 -0.06
N GLY A 96 -0.23 -13.04 0.96
CA GLY A 96 1.14 -13.21 1.49
C GLY A 96 1.97 -12.05 1.00
N ILE A 97 1.32 -10.97 0.67
CA ILE A 97 2.05 -9.80 0.12
C ILE A 97 2.78 -8.98 1.18
N VAL A 98 4.07 -8.92 1.04
CA VAL A 98 4.88 -8.11 1.99
C VAL A 98 4.84 -6.65 1.55
N VAL A 99 4.50 -5.75 2.42
CA VAL A 99 4.45 -4.32 2.01
C VAL A 99 5.64 -3.60 2.57
N ASP A 100 5.68 -2.34 2.36
CA ASP A 100 6.77 -1.54 2.93
C ASP A 100 6.37 -0.07 2.95
N VAL A 101 6.65 0.59 4.02
CA VAL A 101 6.30 2.04 4.08
C VAL A 101 7.48 2.86 3.57
N PRO A 102 7.17 3.85 2.78
CA PRO A 102 8.21 4.71 2.17
C PRO A 102 8.69 5.80 3.13
N ASP A 103 9.91 5.71 3.62
CA ASP A 103 10.41 6.78 4.53
C ASP A 103 11.50 7.60 3.84
N ARG A 104 11.12 8.53 3.01
CA ARG A 104 12.15 9.37 2.31
C ARG A 104 12.10 10.79 2.85
N GLN A 105 13.00 11.14 3.74
CA GLN A 105 13.01 12.53 4.29
C GLN A 105 14.34 13.21 3.98
N TRP A 106 15.02 12.77 2.97
CA TRP A 106 16.33 13.40 2.62
C TRP A 106 16.14 14.89 2.30
N SER A 1 -6.14 -12.89 2.29
CA SER A 1 -4.70 -13.18 1.99
C SER A 1 -3.83 -12.85 3.19
N LYS A 2 -2.64 -13.35 3.21
CA LYS A 2 -1.71 -13.05 4.33
C LYS A 2 -0.90 -11.81 3.99
N VAL A 3 -1.25 -10.68 4.52
CA VAL A 3 -0.47 -9.47 4.17
C VAL A 3 0.35 -8.99 5.35
N VAL A 4 1.50 -8.47 5.08
CA VAL A 4 2.37 -7.94 6.17
C VAL A 4 2.84 -6.54 5.81
N TYR A 5 2.66 -5.62 6.70
CA TYR A 5 3.05 -4.21 6.42
C TYR A 5 4.35 -3.83 7.11
N VAL A 6 5.20 -3.16 6.40
CA VAL A 6 6.49 -2.73 7.01
C VAL A 6 6.60 -1.22 6.97
N SER A 7 6.97 -0.60 8.05
CA SER A 7 7.12 0.87 8.03
C SER A 7 8.46 1.21 7.36
N HIS A 8 8.98 2.37 7.61
CA HIS A 8 10.31 2.69 7.01
C HIS A 8 11.38 2.61 8.11
N ASP A 9 10.95 2.41 9.33
CA ASP A 9 11.93 2.29 10.45
C ASP A 9 12.12 0.80 10.80
N GLY A 10 11.46 -0.07 10.08
CA GLY A 10 11.61 -1.54 10.37
C GLY A 10 10.31 -2.09 10.95
N THR A 11 9.49 -1.25 11.54
CA THR A 11 8.22 -1.74 12.13
C THR A 11 7.49 -2.60 11.09
N ARG A 12 6.95 -3.69 11.54
CA ARG A 12 6.22 -4.60 10.61
C ARG A 12 4.85 -4.97 11.18
N ARG A 13 3.90 -5.22 10.32
CA ARG A 13 2.53 -5.61 10.78
C ARG A 13 1.97 -6.71 9.88
N GLU A 14 1.04 -7.49 10.35
CA GLU A 14 0.46 -8.57 9.49
C GLU A 14 -1.07 -8.53 9.55
N LEU A 15 -1.73 -8.50 8.42
CA LEU A 15 -3.23 -8.47 8.44
C LEU A 15 -3.80 -9.68 7.70
N ASP A 16 -5.08 -9.65 7.50
CA ASP A 16 -5.77 -10.73 6.75
C ASP A 16 -6.69 -10.03 5.75
N VAL A 17 -6.14 -9.61 4.64
CA VAL A 17 -6.96 -8.88 3.63
C VAL A 17 -7.43 -9.82 2.52
N ALA A 18 -8.70 -9.80 2.22
CA ALA A 18 -9.23 -10.70 1.17
C ALA A 18 -9.65 -9.92 -0.07
N ASP A 19 -10.47 -10.53 -0.88
CA ASP A 19 -10.95 -9.88 -2.12
C ASP A 19 -11.90 -8.74 -1.78
N GLY A 20 -11.60 -7.56 -2.25
CA GLY A 20 -12.48 -6.40 -1.96
C GLY A 20 -11.77 -5.42 -1.02
N VAL A 21 -10.70 -5.85 -0.39
CA VAL A 21 -9.99 -4.92 0.53
C VAL A 21 -8.66 -4.48 -0.09
N SER A 22 -8.07 -3.48 0.48
CA SER A 22 -6.75 -2.98 -0.02
C SER A 22 -5.74 -3.05 1.13
N LEU A 23 -4.47 -3.17 0.84
CA LEU A 23 -3.49 -3.22 1.96
C LEU A 23 -3.82 -2.10 2.92
N MET A 24 -4.41 -1.06 2.40
CA MET A 24 -4.79 0.09 3.25
C MET A 24 -5.97 -0.27 4.13
N GLN A 25 -7.08 -0.47 3.53
CA GLN A 25 -8.33 -0.77 4.25
C GLN A 25 -8.08 -1.69 5.48
N ALA A 26 -7.80 -2.96 5.30
CA ALA A 26 -7.59 -3.83 6.49
C ALA A 26 -6.71 -3.08 7.50
N ALA A 27 -5.56 -2.66 7.06
CA ALA A 27 -4.63 -1.93 7.95
C ALA A 27 -5.34 -0.70 8.51
N VAL A 28 -5.75 0.16 7.63
CA VAL A 28 -6.50 1.39 8.01
C VAL A 28 -7.36 1.08 9.25
N SER A 29 -8.33 0.24 9.09
CA SER A 29 -9.20 -0.14 10.23
C SER A 29 -8.32 -0.57 11.40
N ASN A 30 -7.42 -1.48 11.13
CA ASN A 30 -6.50 -1.96 12.20
C ASN A 30 -5.67 -0.79 12.73
N GLY A 31 -5.78 0.36 12.11
CA GLY A 31 -4.97 1.53 12.58
C GLY A 31 -3.59 1.47 11.96
N ILE A 32 -3.26 0.38 11.33
CA ILE A 32 -1.93 0.28 10.68
C ILE A 32 -1.64 1.58 9.93
N TYR A 33 -2.66 2.17 9.37
CA TYR A 33 -2.46 3.46 8.63
C TYR A 33 -2.98 4.65 9.43
N ASP A 34 -2.41 4.94 10.55
CA ASP A 34 -2.86 6.15 11.30
C ASP A 34 -2.43 7.39 10.53
N ILE A 35 -2.74 7.44 9.25
CA ILE A 35 -2.35 8.59 8.40
C ILE A 35 -3.57 9.48 8.13
N VAL A 36 -3.62 10.10 6.98
CA VAL A 36 -4.80 10.96 6.64
C VAL A 36 -5.80 10.16 5.81
N GLY A 37 -6.93 10.73 5.51
CA GLY A 37 -7.95 10.00 4.70
C GLY A 37 -8.24 10.77 3.42
N ASP A 38 -7.46 10.56 2.40
CA ASP A 38 -7.69 11.30 1.12
C ASP A 38 -7.95 10.32 -0.03
N CYS A 39 -8.07 9.05 0.27
CA CYS A 39 -8.33 8.06 -0.83
C CYS A 39 -9.74 7.48 -0.72
N GLY A 40 -10.11 6.94 0.42
CA GLY A 40 -11.47 6.35 0.54
C GLY A 40 -11.70 5.48 -0.70
N GLY A 41 -10.69 4.77 -1.12
CA GLY A 41 -10.82 3.93 -2.33
C GLY A 41 -10.65 4.82 -3.56
N SER A 42 -9.72 5.75 -3.51
CA SER A 42 -9.52 6.66 -4.66
C SER A 42 -8.04 6.75 -5.04
N ALA A 43 -7.15 6.69 -4.09
CA ALA A 43 -5.68 6.76 -4.39
C ALA A 43 -5.25 8.19 -4.73
N SER A 44 -5.41 9.09 -3.79
CA SER A 44 -5.00 10.51 -4.04
C SER A 44 -4.14 11.01 -2.87
N CYS A 45 -3.77 10.15 -1.97
CA CYS A 45 -2.95 10.58 -0.77
C CYS A 45 -1.53 10.04 -0.81
N ALA A 46 -0.56 10.90 -0.87
CA ALA A 46 0.85 10.43 -0.86
C ALA A 46 1.24 9.99 0.56
N THR A 47 0.32 10.10 1.49
CA THR A 47 0.63 9.69 2.90
C THR A 47 0.45 8.18 3.08
N CYS A 48 -0.47 7.59 2.37
CA CYS A 48 -0.66 6.11 2.50
C CYS A 48 0.27 5.39 1.52
N HIS A 49 1.20 6.09 0.92
CA HIS A 49 2.13 5.41 -0.03
C HIS A 49 2.68 4.14 0.60
N VAL A 50 3.03 3.16 -0.20
CA VAL A 50 3.59 1.91 0.36
C VAL A 50 4.44 1.21 -0.68
N TYR A 51 5.28 0.36 -0.25
CA TYR A 51 6.16 -0.39 -1.17
C TYR A 51 5.88 -1.88 -1.00
N VAL A 52 5.44 -2.52 -2.05
CA VAL A 52 5.13 -3.98 -1.93
C VAL A 52 6.31 -4.82 -2.49
N ASN A 53 6.48 -6.06 -2.05
CA ASN A 53 7.60 -6.87 -2.62
C ASN A 53 7.22 -7.35 -4.03
N GLU A 54 8.11 -7.17 -4.98
CA GLU A 54 7.80 -7.58 -6.39
C GLU A 54 6.98 -8.88 -6.43
N ALA A 55 7.11 -9.71 -5.43
CA ALA A 55 6.34 -11.00 -5.44
C ALA A 55 4.83 -10.75 -5.41
N PHE A 56 4.40 -9.62 -4.91
CA PHE A 56 2.93 -9.35 -4.86
C PHE A 56 2.59 -8.05 -5.60
N THR A 57 3.57 -7.27 -5.95
CA THR A 57 3.28 -6.00 -6.69
C THR A 57 3.06 -6.33 -8.16
N ASP A 58 3.70 -7.37 -8.64
CA ASP A 58 3.54 -7.76 -10.07
C ASP A 58 2.19 -8.46 -10.27
N LYS A 59 1.68 -9.07 -9.24
CA LYS A 59 0.37 -9.76 -9.36
C LYS A 59 -0.77 -8.76 -9.23
N VAL A 60 -0.76 -7.96 -8.20
CA VAL A 60 -1.84 -6.96 -8.00
C VAL A 60 -2.19 -6.30 -9.34
N PRO A 61 -3.40 -5.83 -9.42
CA PRO A 61 -3.88 -5.16 -10.66
C PRO A 61 -3.14 -3.85 -10.90
N ALA A 62 -3.33 -3.32 -12.06
CA ALA A 62 -2.66 -2.07 -12.44
C ALA A 62 -3.40 -0.87 -11.86
N ALA A 63 -2.72 -0.03 -11.15
CA ALA A 63 -3.37 1.16 -10.55
C ALA A 63 -3.77 2.16 -11.64
N ASN A 64 -4.51 3.18 -11.30
CA ASN A 64 -4.94 4.16 -12.34
C ASN A 64 -4.02 5.38 -12.35
N GLU A 65 -4.48 6.47 -12.93
CA GLU A 65 -3.65 7.70 -12.99
C GLU A 65 -3.57 8.37 -11.61
N ARG A 66 -4.54 8.14 -10.76
CA ARG A 66 -4.51 8.76 -9.42
C ARG A 66 -3.33 8.21 -8.63
N GLU A 67 -3.10 6.93 -8.71
CA GLU A 67 -1.95 6.33 -7.98
C GLU A 67 -0.64 6.82 -8.60
N ILE A 68 -0.70 7.55 -9.68
CA ILE A 68 0.55 8.04 -10.32
C ILE A 68 0.92 9.44 -9.78
N GLY A 69 -0.06 10.23 -9.42
CA GLY A 69 0.27 11.61 -8.93
C GLY A 69 0.63 11.59 -7.45
N MET A 70 -0.29 11.24 -6.59
CA MET A 70 0.06 11.22 -5.15
C MET A 70 1.35 10.47 -4.97
N LEU A 71 1.39 9.35 -5.62
CA LEU A 71 2.54 8.44 -5.48
C LEU A 71 3.82 9.19 -5.86
N GLU A 72 3.68 10.19 -6.67
CA GLU A 72 4.88 11.00 -7.07
C GLU A 72 5.09 12.12 -6.05
N CYS A 73 4.02 12.68 -5.54
CA CYS A 73 4.18 13.77 -4.54
C CYS A 73 5.16 13.32 -3.46
N VAL A 74 5.18 12.05 -3.18
CA VAL A 74 6.13 11.52 -2.17
C VAL A 74 7.44 11.13 -2.85
N THR A 75 8.13 12.09 -3.39
CA THR A 75 9.41 11.81 -4.10
C THR A 75 10.33 10.90 -3.26
N ALA A 76 10.13 9.62 -3.36
CA ALA A 76 10.99 8.67 -2.60
C ALA A 76 11.51 7.59 -3.55
N GLU A 77 12.38 7.96 -4.45
CA GLU A 77 12.92 6.97 -5.43
C GLU A 77 11.80 6.03 -5.89
N LEU A 78 10.69 6.62 -6.22
CA LEU A 78 9.50 5.84 -6.70
C LEU A 78 9.92 4.51 -7.31
N LYS A 79 9.23 3.45 -6.98
CA LYS A 79 9.59 2.13 -7.55
C LYS A 79 8.51 1.67 -8.53
N PRO A 80 8.83 0.64 -9.27
CA PRO A 80 7.87 0.10 -10.26
C PRO A 80 6.69 -0.54 -9.51
N ASN A 81 6.95 -1.04 -8.33
CA ASN A 81 5.87 -1.67 -7.53
C ASN A 81 5.29 -0.68 -6.52
N SER A 82 5.94 0.44 -6.30
CA SER A 82 5.40 1.43 -5.32
C SER A 82 3.92 1.68 -5.56
N ARG A 83 3.21 2.06 -4.54
CA ARG A 83 1.76 2.35 -4.71
C ARG A 83 1.17 2.88 -3.41
N LEU A 84 0.07 3.58 -3.48
CA LEU A 84 -0.58 4.11 -2.25
C LEU A 84 -1.29 3.00 -1.51
N SER A 85 -1.26 3.01 -0.20
CA SER A 85 -2.00 1.97 0.56
C SER A 85 -3.39 1.82 -0.07
N CYS A 86 -3.83 2.89 -0.69
CA CYS A 86 -5.18 2.94 -1.34
C CYS A 86 -5.12 2.57 -2.83
N GLN A 87 -4.21 1.74 -3.23
CA GLN A 87 -4.15 1.38 -4.68
C GLN A 87 -4.19 -0.12 -4.92
N ILE A 88 -3.54 -0.87 -4.11
CA ILE A 88 -3.52 -2.35 -4.34
C ILE A 88 -4.65 -3.03 -3.57
N ILE A 89 -5.23 -4.03 -4.15
CA ILE A 89 -6.32 -4.78 -3.49
C ILE A 89 -5.82 -6.17 -3.14
N MET A 90 -6.54 -6.91 -2.34
CA MET A 90 -6.06 -8.28 -1.99
C MET A 90 -6.93 -9.35 -2.64
N THR A 91 -6.40 -10.05 -3.59
CA THR A 91 -7.19 -11.13 -4.26
C THR A 91 -6.99 -12.45 -3.52
N PRO A 92 -7.84 -13.39 -3.81
CA PRO A 92 -7.76 -14.72 -3.16
C PRO A 92 -6.57 -15.53 -3.69
N GLU A 93 -5.89 -15.02 -4.68
CA GLU A 93 -4.71 -15.76 -5.24
C GLU A 93 -3.42 -15.03 -4.89
N LEU A 94 -3.47 -13.73 -4.74
CA LEU A 94 -2.24 -12.96 -4.40
C LEU A 94 -2.13 -12.78 -2.90
N ASP A 95 -2.14 -13.87 -2.20
CA ASP A 95 -2.08 -13.78 -0.72
C ASP A 95 -0.67 -14.06 -0.19
N GLY A 96 -0.33 -13.45 0.92
CA GLY A 96 1.01 -13.67 1.51
C GLY A 96 1.93 -12.55 1.01
N ILE A 97 1.38 -11.38 0.83
CA ILE A 97 2.20 -10.27 0.29
C ILE A 97 3.00 -9.54 1.35
N VAL A 98 4.04 -8.88 0.93
CA VAL A 98 4.88 -8.10 1.88
C VAL A 98 4.84 -6.62 1.49
N VAL A 99 4.48 -5.76 2.39
CA VAL A 99 4.43 -4.31 2.03
C VAL A 99 5.61 -3.59 2.64
N ASP A 100 5.64 -2.33 2.43
CA ASP A 100 6.71 -1.51 3.02
C ASP A 100 6.30 -0.05 3.00
N VAL A 101 6.69 0.71 3.97
CA VAL A 101 6.30 2.15 3.95
C VAL A 101 7.49 2.95 3.41
N PRO A 102 7.30 3.50 2.24
CA PRO A 102 8.38 4.28 1.58
C PRO A 102 8.66 5.59 2.35
N ASP A 103 9.91 5.89 2.58
CA ASP A 103 10.25 7.15 3.31
C ASP A 103 10.90 8.15 2.34
N ARG A 104 10.20 9.18 1.97
CA ARG A 104 10.79 10.18 1.03
C ARG A 104 11.29 11.40 1.82
N GLN A 105 12.59 11.57 1.89
CA GLN A 105 13.15 12.73 2.64
C GLN A 105 13.47 13.87 1.68
N TRP A 106 14.47 14.66 1.99
CA TRP A 106 14.83 15.80 1.09
C TRP A 106 15.36 15.26 -0.24
N SER A 1 -6.43 -13.29 2.14
CA SER A 1 -4.98 -13.29 1.82
C SER A 1 -4.16 -12.83 3.03
N LYS A 2 -2.97 -13.35 3.17
CA LYS A 2 -2.11 -12.94 4.31
C LYS A 2 -1.26 -11.74 3.92
N VAL A 3 -1.54 -10.59 4.46
CA VAL A 3 -0.73 -9.40 4.08
C VAL A 3 0.15 -8.96 5.23
N VAL A 4 1.32 -8.48 4.92
CA VAL A 4 2.25 -8.01 5.98
C VAL A 4 2.78 -6.63 5.63
N TYR A 5 2.61 -5.70 6.51
CA TYR A 5 3.07 -4.31 6.24
C TYR A 5 4.39 -3.98 6.92
N VAL A 6 5.25 -3.30 6.22
CA VAL A 6 6.56 -2.91 6.84
C VAL A 6 6.70 -1.40 6.84
N SER A 7 6.99 -0.82 7.96
CA SER A 7 7.16 0.65 7.99
C SER A 7 8.57 0.98 7.47
N HIS A 8 9.08 2.13 7.79
CA HIS A 8 10.46 2.45 7.32
C HIS A 8 11.43 2.29 8.48
N ASP A 9 10.92 1.93 9.64
CA ASP A 9 11.81 1.72 10.82
C ASP A 9 12.06 0.22 11.01
N GLY A 10 11.41 -0.60 10.22
CA GLY A 10 11.61 -2.07 10.34
C GLY A 10 10.35 -2.75 10.90
N THR A 11 9.61 -2.05 11.73
CA THR A 11 8.38 -2.67 12.29
C THR A 11 7.53 -3.25 11.17
N ARG A 12 7.12 -4.46 11.34
CA ARG A 12 6.29 -5.12 10.30
C ARG A 12 4.93 -5.53 10.86
N ARG A 13 3.87 -5.26 10.14
CA ARG A 13 2.51 -5.63 10.61
C ARG A 13 1.95 -6.74 9.71
N GLU A 14 1.01 -7.50 10.20
CA GLU A 14 0.43 -8.58 9.35
C GLU A 14 -1.11 -8.53 9.40
N LEU A 15 -1.75 -8.46 8.26
CA LEU A 15 -3.24 -8.40 8.27
C LEU A 15 -3.84 -9.59 7.53
N ASP A 16 -5.00 -10.01 7.95
CA ASP A 16 -5.69 -11.11 7.25
C ASP A 16 -6.80 -10.48 6.40
N VAL A 17 -6.47 -10.10 5.20
CA VAL A 17 -7.49 -9.43 4.33
C VAL A 17 -8.10 -10.42 3.36
N ALA A 18 -9.12 -10.01 2.66
CA ALA A 18 -9.78 -10.94 1.70
C ALA A 18 -9.75 -10.37 0.28
N ASP A 19 -10.82 -10.53 -0.45
CA ASP A 19 -10.86 -10.01 -1.84
C ASP A 19 -11.71 -8.73 -1.91
N GLY A 20 -11.15 -7.68 -2.43
CA GLY A 20 -11.91 -6.40 -2.54
C GLY A 20 -11.32 -5.37 -1.58
N VAL A 21 -10.43 -5.77 -0.72
CA VAL A 21 -9.82 -4.79 0.23
C VAL A 21 -8.47 -4.32 -0.29
N SER A 22 -7.95 -3.31 0.34
CA SER A 22 -6.61 -2.77 -0.05
C SER A 22 -5.69 -2.86 1.17
N LEU A 23 -4.49 -2.35 1.08
CA LEU A 23 -3.62 -2.41 2.28
C LEU A 23 -4.01 -1.29 3.23
N MET A 24 -4.38 -0.14 2.72
CA MET A 24 -4.80 0.96 3.63
C MET A 24 -6.22 0.76 4.11
N GLN A 25 -6.79 -0.37 3.83
CA GLN A 25 -8.17 -0.63 4.31
C GLN A 25 -8.12 -1.54 5.55
N ALA A 26 -7.78 -2.80 5.39
CA ALA A 26 -7.71 -3.71 6.58
C ALA A 26 -6.88 -3.02 7.65
N ALA A 27 -5.70 -2.61 7.29
CA ALA A 27 -4.80 -1.92 8.26
C ALA A 27 -5.56 -0.75 8.86
N VAL A 28 -6.12 0.07 8.01
CA VAL A 28 -6.93 1.22 8.47
C VAL A 28 -7.76 0.81 9.69
N SER A 29 -8.58 -0.20 9.53
CA SER A 29 -9.41 -0.68 10.68
C SER A 29 -8.50 -1.11 11.81
N ASN A 30 -7.54 -1.92 11.49
CA ASN A 30 -6.58 -2.39 12.51
C ASN A 30 -5.83 -1.20 13.12
N GLY A 31 -6.03 -0.03 12.56
CA GLY A 31 -5.33 1.18 13.09
C GLY A 31 -3.96 1.29 12.43
N ILE A 32 -3.53 0.25 11.77
CA ILE A 32 -2.21 0.28 11.08
C ILE A 32 -2.03 1.64 10.39
N TYR A 33 -3.07 2.16 9.78
CA TYR A 33 -2.94 3.49 9.11
C TYR A 33 -3.47 4.61 10.00
N ASP A 34 -2.95 4.72 11.18
CA ASP A 34 -3.39 5.82 12.09
C ASP A 34 -2.97 7.17 11.49
N ILE A 35 -2.27 7.15 10.39
CA ILE A 35 -1.82 8.42 9.75
C ILE A 35 -2.99 9.05 8.97
N VAL A 36 -2.74 9.63 7.84
CA VAL A 36 -3.86 10.25 7.06
C VAL A 36 -4.63 9.19 6.28
N GLY A 37 -5.93 9.25 6.33
CA GLY A 37 -6.76 8.25 5.58
C GLY A 37 -7.64 8.97 4.56
N ASP A 38 -7.04 9.71 3.68
CA ASP A 38 -7.85 10.44 2.66
C ASP A 38 -8.24 9.50 1.51
N CYS A 39 -7.97 8.24 1.66
CA CYS A 39 -8.34 7.26 0.58
C CYS A 39 -9.46 6.35 1.04
N GLY A 40 -9.23 5.54 2.04
CA GLY A 40 -10.29 4.62 2.52
C GLY A 40 -10.96 3.96 1.31
N GLY A 41 -10.18 3.38 0.45
CA GLY A 41 -10.77 2.73 -0.76
C GLY A 41 -11.06 3.79 -1.82
N SER A 42 -10.24 4.81 -1.90
CA SER A 42 -10.48 5.88 -2.91
C SER A 42 -9.23 6.07 -3.78
N ALA A 43 -8.07 6.08 -3.17
CA ALA A 43 -6.81 6.26 -3.95
C ALA A 43 -6.66 7.69 -4.46
N SER A 44 -6.68 8.64 -3.58
CA SER A 44 -6.51 10.06 -4.00
C SER A 44 -5.48 10.79 -3.11
N CYS A 45 -4.79 10.08 -2.26
CA CYS A 45 -3.81 10.77 -1.34
C CYS A 45 -2.35 10.45 -1.64
N ALA A 46 -1.45 11.36 -1.34
CA ALA A 46 -0.01 11.09 -1.59
C ALA A 46 0.75 10.82 -0.29
N THR A 47 0.05 10.69 0.81
CA THR A 47 0.76 10.44 2.10
C THR A 47 0.65 8.97 2.50
N CYS A 48 0.15 8.15 1.61
CA CYS A 48 -0.01 6.69 1.92
C CYS A 48 0.91 5.88 1.00
N HIS A 49 1.83 6.54 0.35
CA HIS A 49 2.77 5.80 -0.56
C HIS A 49 3.19 4.49 0.11
N VAL A 50 3.32 3.43 -0.63
CA VAL A 50 3.74 2.16 -0.01
C VAL A 50 4.55 1.36 -1.00
N TYR A 51 5.37 0.51 -0.50
CA TYR A 51 6.23 -0.31 -1.39
C TYR A 51 5.96 -1.80 -1.16
N VAL A 52 5.57 -2.49 -2.20
CA VAL A 52 5.30 -3.96 -2.05
C VAL A 52 6.60 -4.72 -2.39
N ASN A 53 6.67 -6.00 -2.15
CA ASN A 53 7.92 -6.77 -2.47
C ASN A 53 8.04 -6.93 -3.99
N GLU A 54 8.60 -8.00 -4.46
CA GLU A 54 8.73 -8.18 -5.93
C GLU A 54 7.68 -9.19 -6.47
N ALA A 55 7.06 -9.95 -5.60
CA ALA A 55 6.08 -10.99 -6.09
C ALA A 55 4.62 -10.56 -5.97
N PHE A 56 4.22 -9.87 -4.94
CA PHE A 56 2.78 -9.51 -4.80
C PHE A 56 2.44 -8.23 -5.58
N THR A 57 3.43 -7.52 -6.05
CA THR A 57 3.14 -6.27 -6.83
C THR A 57 2.81 -6.64 -8.28
N ASP A 58 3.64 -7.46 -8.88
CA ASP A 58 3.38 -7.85 -10.30
C ASP A 58 2.05 -8.59 -10.39
N LYS A 59 1.51 -8.99 -9.28
CA LYS A 59 0.20 -9.72 -9.29
C LYS A 59 -0.95 -8.73 -9.10
N VAL A 60 -0.90 -7.93 -8.08
CA VAL A 60 -1.99 -6.94 -7.84
C VAL A 60 -2.35 -6.22 -9.14
N PRO A 61 -3.47 -5.56 -9.11
CA PRO A 61 -3.94 -4.80 -10.30
C PRO A 61 -3.04 -3.62 -10.61
N ALA A 62 -3.16 -3.15 -11.81
CA ALA A 62 -2.35 -2.00 -12.27
C ALA A 62 -2.96 -0.68 -11.80
N ALA A 63 -2.19 0.12 -11.15
CA ALA A 63 -2.71 1.44 -10.67
C ALA A 63 -2.96 2.36 -11.87
N ASN A 64 -3.80 3.36 -11.72
CA ASN A 64 -4.08 4.26 -12.88
C ASN A 64 -3.30 5.57 -12.80
N GLU A 65 -3.66 6.52 -13.62
CA GLU A 65 -2.97 7.84 -13.63
C GLU A 65 -3.20 8.56 -12.30
N ARG A 66 -4.21 8.20 -11.58
CA ARG A 66 -4.47 8.87 -10.28
C ARG A 66 -3.30 8.59 -9.33
N GLU A 67 -2.99 7.34 -9.17
CA GLU A 67 -1.89 6.96 -8.28
C GLU A 67 -0.57 7.60 -8.71
N ILE A 68 -0.24 7.53 -9.97
CA ILE A 68 1.05 8.12 -10.42
C ILE A 68 1.24 9.53 -9.86
N GLY A 69 0.19 10.25 -9.56
CA GLY A 69 0.39 11.63 -9.00
C GLY A 69 0.45 11.55 -7.47
N MET A 70 -0.64 11.22 -6.85
CA MET A 70 -0.65 11.10 -5.36
C MET A 70 0.55 10.27 -4.91
N LEU A 71 0.78 9.20 -5.60
CA LEU A 71 1.91 8.31 -5.28
C LEU A 71 3.21 9.05 -5.59
N GLU A 72 3.15 9.99 -6.51
CA GLU A 72 4.37 10.77 -6.87
C GLU A 72 4.47 12.04 -6.00
N CYS A 73 3.37 12.54 -5.51
CA CYS A 73 3.44 13.78 -4.68
C CYS A 73 4.56 13.63 -3.65
N VAL A 74 4.65 12.49 -3.05
CA VAL A 74 5.74 12.26 -2.06
C VAL A 74 6.97 11.70 -2.80
N THR A 75 7.79 12.57 -3.32
CA THR A 75 8.99 12.11 -4.08
C THR A 75 9.76 11.03 -3.33
N ALA A 76 9.51 9.79 -3.64
CA ALA A 76 10.22 8.67 -2.97
C ALA A 76 10.87 7.78 -4.03
N GLU A 77 11.55 8.37 -4.98
CA GLU A 77 12.20 7.56 -6.05
C GLU A 77 11.27 6.43 -6.48
N LEU A 78 10.10 6.80 -6.93
CA LEU A 78 9.07 5.81 -7.37
C LEU A 78 9.71 4.50 -7.84
N LYS A 79 9.16 3.39 -7.41
CA LYS A 79 9.71 2.08 -7.83
C LYS A 79 8.78 1.45 -8.87
N PRO A 80 9.19 0.35 -9.44
CA PRO A 80 8.34 -0.32 -10.44
C PRO A 80 7.10 -0.92 -9.78
N ASN A 81 7.20 -1.28 -8.54
CA ASN A 81 6.04 -1.87 -7.82
C ASN A 81 5.45 -0.87 -6.81
N SER A 82 6.05 0.28 -6.66
CA SER A 82 5.51 1.27 -5.68
C SER A 82 4.00 1.46 -5.85
N ARG A 83 3.36 1.99 -4.85
CA ARG A 83 1.89 2.22 -4.94
C ARG A 83 1.40 2.96 -3.69
N LEU A 84 0.21 3.48 -3.74
CA LEU A 84 -0.36 4.19 -2.56
C LEU A 84 -0.96 3.17 -1.59
N SER A 85 -0.93 3.45 -0.30
CA SER A 85 -1.56 2.48 0.63
C SER A 85 -2.96 2.18 0.08
N CYS A 86 -3.49 3.13 -0.65
CA CYS A 86 -4.85 2.99 -1.26
C CYS A 86 -4.75 2.78 -2.77
N GLN A 87 -3.85 1.94 -3.21
CA GLN A 87 -3.73 1.72 -4.68
C GLN A 87 -3.83 0.24 -5.02
N ILE A 88 -3.27 -0.59 -4.20
CA ILE A 88 -3.31 -2.05 -4.48
C ILE A 88 -4.47 -2.71 -3.73
N ILE A 89 -5.03 -3.72 -4.30
CA ILE A 89 -6.15 -4.45 -3.65
C ILE A 89 -5.65 -5.83 -3.25
N MET A 90 -6.32 -6.49 -2.34
CA MET A 90 -5.86 -7.83 -1.94
C MET A 90 -6.80 -8.92 -2.45
N THR A 91 -6.29 -9.86 -3.18
CA THR A 91 -7.16 -10.96 -3.70
C THR A 91 -6.81 -12.27 -2.98
N PRO A 92 -7.65 -13.25 -3.15
CA PRO A 92 -7.44 -14.57 -2.50
C PRO A 92 -6.29 -15.35 -3.16
N GLU A 93 -5.69 -14.81 -4.19
CA GLU A 93 -4.57 -15.54 -4.85
C GLU A 93 -3.24 -14.83 -4.58
N LEU A 94 -3.29 -13.56 -4.30
CA LEU A 94 -2.03 -12.80 -4.02
C LEU A 94 -1.79 -12.77 -2.53
N ASP A 95 -2.15 -13.81 -1.88
CA ASP A 95 -1.99 -13.86 -0.41
C ASP A 95 -0.57 -14.21 0.01
N GLY A 96 -0.14 -13.62 1.10
CA GLY A 96 1.24 -13.86 1.59
C GLY A 96 2.09 -12.68 1.18
N ILE A 97 1.46 -11.57 0.92
CA ILE A 97 2.21 -10.39 0.44
C ILE A 97 3.02 -9.70 1.52
N VAL A 98 4.00 -9.00 1.06
CA VAL A 98 4.89 -8.22 1.96
C VAL A 98 4.85 -6.76 1.51
N VAL A 99 4.47 -5.85 2.37
CA VAL A 99 4.41 -4.43 1.95
C VAL A 99 5.59 -3.69 2.52
N ASP A 100 5.62 -2.43 2.28
CA ASP A 100 6.69 -1.59 2.84
C ASP A 100 6.25 -0.14 2.82
N VAL A 101 6.52 0.57 3.85
CA VAL A 101 6.12 2.01 3.85
C VAL A 101 7.36 2.87 3.55
N PRO A 102 7.29 3.56 2.45
CA PRO A 102 8.42 4.43 2.02
C PRO A 102 8.62 5.57 3.04
N ASP A 103 9.70 6.30 2.94
CA ASP A 103 9.92 7.39 3.94
C ASP A 103 9.80 8.77 3.30
N ARG A 104 8.59 9.22 3.10
CA ARG A 104 8.37 10.57 2.51
C ARG A 104 7.78 11.52 3.56
N GLN A 105 8.63 12.17 4.32
CA GLN A 105 8.12 13.11 5.37
C GLN A 105 8.64 14.53 5.09
N TRP A 106 9.26 14.74 3.96
CA TRP A 106 9.79 16.10 3.65
C TRP A 106 8.65 17.11 3.62
N SER A 1 -6.66 -13.00 1.49
CA SER A 1 -5.18 -13.00 1.33
C SER A 1 -4.52 -12.37 2.56
N LYS A 2 -3.40 -12.89 2.98
CA LYS A 2 -2.70 -12.31 4.15
C LYS A 2 -1.89 -11.09 3.71
N VAL A 3 -1.91 -10.03 4.47
CA VAL A 3 -1.12 -8.84 4.06
C VAL A 3 -0.18 -8.42 5.18
N VAL A 4 1.03 -8.11 4.85
CA VAL A 4 1.99 -7.70 5.92
C VAL A 4 2.67 -6.40 5.54
N TYR A 5 2.56 -5.46 6.41
CA TYR A 5 3.10 -4.10 6.18
C TYR A 5 4.47 -3.89 6.84
N VAL A 6 5.35 -3.22 6.16
CA VAL A 6 6.68 -2.93 6.80
C VAL A 6 6.91 -1.42 6.85
N SER A 7 7.73 -0.99 7.77
CA SER A 7 8.01 0.47 7.87
C SER A 7 9.50 0.72 7.65
N HIS A 8 9.82 1.78 6.98
CA HIS A 8 11.26 2.10 6.71
C HIS A 8 12.10 1.89 7.98
N ASP A 9 11.50 1.96 9.14
CA ASP A 9 12.28 1.76 10.39
C ASP A 9 12.30 0.28 10.79
N GLY A 10 11.59 -0.55 10.06
CA GLY A 10 11.58 -2.01 10.39
C GLY A 10 10.22 -2.40 10.97
N THR A 11 9.58 -1.51 11.67
CA THR A 11 8.26 -1.84 12.25
C THR A 11 7.37 -2.44 11.16
N ARG A 12 6.76 -3.53 11.47
CA ARG A 12 5.89 -4.22 10.47
C ARG A 12 4.49 -4.46 11.03
N ARG A 13 3.50 -4.48 10.17
CA ARG A 13 2.10 -4.75 10.63
C ARG A 13 1.46 -5.78 9.70
N GLU A 14 1.08 -6.93 10.21
CA GLU A 14 0.49 -7.97 9.32
C GLU A 14 -0.97 -8.27 9.68
N LEU A 15 -1.85 -8.15 8.72
CA LEU A 15 -3.28 -8.42 8.95
C LEU A 15 -3.73 -9.70 8.26
N ASP A 16 -4.99 -9.96 8.33
CA ASP A 16 -5.56 -11.13 7.63
C ASP A 16 -6.58 -10.57 6.65
N VAL A 17 -6.17 -10.33 5.44
CA VAL A 17 -7.08 -9.71 4.45
C VAL A 17 -7.67 -10.76 3.53
N ALA A 18 -8.65 -10.38 2.75
CA ALA A 18 -9.29 -11.37 1.83
C ALA A 18 -9.45 -10.79 0.43
N ASP A 19 -10.53 -11.12 -0.23
CA ASP A 19 -10.77 -10.62 -1.60
C ASP A 19 -11.63 -9.36 -1.58
N GLY A 20 -11.14 -8.30 -2.14
CA GLY A 20 -11.94 -7.04 -2.17
C GLY A 20 -11.30 -5.98 -1.25
N VAL A 21 -10.30 -6.34 -0.49
CA VAL A 21 -9.66 -5.33 0.40
C VAL A 21 -8.39 -4.78 -0.23
N SER A 22 -7.88 -3.72 0.33
CA SER A 22 -6.63 -3.09 -0.18
C SER A 22 -5.58 -3.06 0.93
N LEU A 23 -4.33 -2.83 0.62
CA LEU A 23 -3.32 -2.79 1.71
C LEU A 23 -3.72 -1.69 2.68
N MET A 24 -4.57 -0.79 2.25
CA MET A 24 -5.03 0.30 3.16
C MET A 24 -6.13 -0.23 4.04
N GLN A 25 -7.23 -0.53 3.44
CA GLN A 25 -8.41 -1.03 4.20
C GLN A 25 -7.98 -1.95 5.35
N ALA A 26 -7.51 -3.15 5.07
CA ALA A 26 -7.08 -4.04 6.20
C ALA A 26 -6.30 -3.20 7.21
N ALA A 27 -5.15 -2.72 6.81
CA ALA A 27 -4.34 -1.86 7.73
C ALA A 27 -5.24 -0.81 8.37
N VAL A 28 -6.00 -0.14 7.55
CA VAL A 28 -6.94 0.91 8.04
C VAL A 28 -7.67 0.38 9.28
N SER A 29 -8.33 -0.75 9.15
CA SER A 29 -9.05 -1.35 10.30
C SER A 29 -8.07 -1.52 11.45
N ASN A 30 -6.94 -2.11 11.16
CA ASN A 30 -5.91 -2.28 12.20
C ASN A 30 -5.50 -0.90 12.72
N GLY A 31 -5.95 0.13 12.04
CA GLY A 31 -5.58 1.51 12.49
C GLY A 31 -4.27 1.91 11.81
N ILE A 32 -3.61 0.98 11.17
CA ILE A 32 -2.34 1.29 10.47
C ILE A 32 -2.45 2.64 9.78
N TYR A 33 -3.56 2.90 9.15
CA TYR A 33 -3.71 4.19 8.44
C TYR A 33 -4.67 5.16 9.13
N ASP A 34 -4.39 5.53 10.35
CA ASP A 34 -5.27 6.53 10.98
C ASP A 34 -5.21 7.80 10.13
N ILE A 35 -4.21 7.88 9.28
CA ILE A 35 -4.03 9.05 8.39
C ILE A 35 -4.97 8.95 7.18
N VAL A 36 -6.22 9.25 7.36
CA VAL A 36 -7.18 9.17 6.22
C VAL A 36 -7.83 10.54 5.95
N GLY A 37 -7.08 11.44 5.38
CA GLY A 37 -7.65 12.79 5.09
C GLY A 37 -7.59 13.07 3.58
N ASP A 38 -7.03 12.16 2.83
CA ASP A 38 -6.93 12.39 1.35
C ASP A 38 -7.69 11.28 0.60
N CYS A 39 -7.23 10.07 0.72
CA CYS A 39 -7.89 8.92 0.03
C CYS A 39 -9.24 8.62 0.64
N GLY A 40 -9.37 8.74 1.94
CA GLY A 40 -10.68 8.42 2.58
C GLY A 40 -11.14 7.07 2.02
N GLY A 41 -10.19 6.25 1.67
CA GLY A 41 -10.52 4.91 1.09
C GLY A 41 -10.85 5.08 -0.39
N SER A 42 -10.19 5.99 -1.06
CA SER A 42 -10.49 6.20 -2.51
C SER A 42 -9.22 6.44 -3.33
N ALA A 43 -8.07 6.30 -2.72
CA ALA A 43 -6.79 6.50 -3.46
C ALA A 43 -6.54 7.97 -3.82
N SER A 44 -6.48 8.79 -2.85
CA SER A 44 -6.19 10.22 -3.06
C SER A 44 -5.13 10.65 -2.05
N CYS A 45 -4.27 9.75 -1.63
CA CYS A 45 -3.30 10.12 -0.56
C CYS A 45 -1.83 10.23 -0.97
N ALA A 46 -1.12 11.07 -0.29
CA ALA A 46 0.34 11.22 -0.55
C ALA A 46 1.11 10.67 0.65
N THR A 47 0.42 10.21 1.66
CA THR A 47 1.11 9.69 2.88
C THR A 47 0.96 8.16 3.00
N CYS A 48 -0.13 7.58 2.56
CA CYS A 48 -0.26 6.10 2.70
C CYS A 48 0.61 5.40 1.65
N HIS A 49 1.44 6.12 0.94
CA HIS A 49 2.31 5.45 -0.06
C HIS A 49 2.93 4.20 0.56
N VAL A 50 3.03 3.14 -0.18
CA VAL A 50 3.63 1.91 0.39
C VAL A 50 4.42 1.18 -0.69
N TYR A 51 5.30 0.35 -0.28
CA TYR A 51 6.13 -0.42 -1.24
C TYR A 51 5.87 -1.91 -1.05
N VAL A 52 5.41 -2.58 -2.06
CA VAL A 52 5.12 -4.04 -1.93
C VAL A 52 6.42 -4.84 -2.16
N ASN A 53 6.45 -6.13 -1.85
CA ASN A 53 7.72 -6.89 -2.08
C ASN A 53 7.84 -7.29 -3.56
N GLU A 54 8.34 -8.46 -3.87
CA GLU A 54 8.50 -8.83 -5.31
C GLU A 54 7.40 -9.78 -5.82
N ALA A 55 6.82 -10.60 -4.98
CA ALA A 55 5.79 -11.57 -5.49
C ALA A 55 4.35 -11.11 -5.25
N PHE A 56 4.11 -9.85 -5.11
CA PHE A 56 2.69 -9.39 -4.89
C PHE A 56 2.42 -8.09 -5.66
N THR A 57 3.44 -7.37 -6.03
CA THR A 57 3.23 -6.12 -6.82
C THR A 57 3.02 -6.50 -8.29
N ASP A 58 3.92 -7.30 -8.81
CA ASP A 58 3.78 -7.75 -10.24
C ASP A 58 2.53 -8.62 -10.37
N LYS A 59 2.00 -9.05 -9.27
CA LYS A 59 0.77 -9.88 -9.28
C LYS A 59 -0.42 -8.98 -9.46
N VAL A 60 -0.46 -8.05 -8.58
CA VAL A 60 -1.55 -7.07 -8.52
C VAL A 60 -1.38 -6.02 -9.62
N PRO A 61 -2.48 -5.66 -10.22
CA PRO A 61 -2.47 -4.67 -11.32
C PRO A 61 -2.07 -3.28 -10.83
N ALA A 62 -1.69 -2.46 -11.76
CA ALA A 62 -1.26 -1.09 -11.43
C ALA A 62 -2.47 -0.19 -11.24
N ALA A 63 -2.23 1.08 -11.07
CA ALA A 63 -3.35 2.04 -10.86
C ALA A 63 -3.51 2.96 -12.07
N ASN A 64 -4.33 3.98 -11.94
CA ASN A 64 -4.53 4.92 -13.09
C ASN A 64 -3.71 6.21 -12.88
N GLU A 65 -4.02 7.24 -13.62
CA GLU A 65 -3.26 8.52 -13.48
C GLU A 65 -3.41 9.08 -12.06
N ARG A 66 -4.44 8.69 -11.35
CA ARG A 66 -4.61 9.19 -9.96
C ARG A 66 -3.46 8.70 -9.09
N GLU A 67 -3.29 7.41 -9.03
CA GLU A 67 -2.19 6.82 -8.22
C GLU A 67 -0.81 7.29 -8.69
N ILE A 68 -0.73 8.13 -9.68
CA ILE A 68 0.61 8.59 -10.15
C ILE A 68 1.01 9.88 -9.41
N GLY A 69 0.08 10.77 -9.17
CA GLY A 69 0.41 12.05 -8.46
C GLY A 69 0.40 11.81 -6.94
N MET A 70 -0.72 11.42 -6.41
CA MET A 70 -0.78 11.16 -4.94
C MET A 70 0.40 10.30 -4.53
N LEU A 71 0.67 9.32 -5.33
CA LEU A 71 1.80 8.41 -5.07
C LEU A 71 3.10 9.15 -5.38
N GLU A 72 3.09 10.00 -6.36
CA GLU A 72 4.33 10.77 -6.69
C GLU A 72 4.62 11.79 -5.58
N CYS A 73 3.62 12.14 -4.81
CA CYS A 73 3.87 13.13 -3.72
C CYS A 73 5.10 12.68 -2.92
N VAL A 74 5.39 11.41 -2.97
CA VAL A 74 6.58 10.90 -2.24
C VAL A 74 7.81 10.94 -3.16
N THR A 75 8.37 12.12 -3.35
CA THR A 75 9.57 12.28 -4.23
C THR A 75 10.68 11.29 -3.87
N ALA A 76 10.46 10.02 -4.07
CA ALA A 76 11.51 9.02 -3.73
C ALA A 76 11.73 8.05 -4.89
N GLU A 77 11.95 8.57 -6.07
CA GLU A 77 12.16 7.68 -7.26
C GLU A 77 11.21 6.49 -7.20
N LEU A 78 9.93 6.77 -7.19
CA LEU A 78 8.88 5.70 -7.12
C LEU A 78 9.40 4.36 -7.63
N LYS A 79 9.02 3.28 -6.99
CA LYS A 79 9.49 1.95 -7.44
C LYS A 79 8.50 1.39 -8.46
N PRO A 80 8.89 0.32 -9.11
CA PRO A 80 8.00 -0.32 -10.11
C PRO A 80 6.79 -0.91 -9.40
N ASN A 81 6.96 -1.26 -8.16
CA ASN A 81 5.83 -1.86 -7.38
C ASN A 81 5.25 -0.84 -6.39
N SER A 82 5.86 0.31 -6.25
CA SER A 82 5.33 1.31 -5.28
C SER A 82 3.83 1.51 -5.48
N ARG A 83 3.16 1.96 -4.45
CA ARG A 83 1.69 2.20 -4.58
C ARG A 83 1.14 2.82 -3.30
N LEU A 84 0.01 3.46 -3.41
CA LEU A 84 -0.62 4.11 -2.21
C LEU A 84 -1.32 3.05 -1.36
N SER A 85 -1.21 3.12 -0.06
CA SER A 85 -1.89 2.10 0.79
C SER A 85 -3.31 1.87 0.27
N CYS A 86 -3.93 2.89 -0.26
CA CYS A 86 -5.35 2.75 -0.74
C CYS A 86 -5.40 2.57 -2.26
N GLN A 87 -4.48 1.81 -2.81
CA GLN A 87 -4.48 1.59 -4.28
C GLN A 87 -4.47 0.10 -4.65
N ILE A 88 -3.68 -0.68 -4.00
CA ILE A 88 -3.65 -2.13 -4.36
C ILE A 88 -4.77 -2.89 -3.67
N ILE A 89 -5.26 -3.92 -4.30
CA ILE A 89 -6.34 -4.73 -3.70
C ILE A 89 -5.79 -6.11 -3.33
N MET A 90 -6.46 -6.79 -2.44
CA MET A 90 -5.99 -8.14 -2.04
C MET A 90 -6.93 -9.22 -2.57
N THR A 91 -6.47 -10.04 -3.48
CA THR A 91 -7.35 -11.11 -4.02
C THR A 91 -7.19 -12.38 -3.18
N PRO A 92 -8.07 -13.33 -3.41
CA PRO A 92 -8.02 -14.60 -2.65
C PRO A 92 -6.84 -15.47 -3.09
N GLU A 93 -6.16 -15.11 -4.14
CA GLU A 93 -5.00 -15.92 -4.59
C GLU A 93 -3.69 -15.16 -4.32
N LEU A 94 -3.67 -13.89 -4.60
CA LEU A 94 -2.44 -13.08 -4.36
C LEU A 94 -2.23 -12.86 -2.86
N ASP A 95 -2.19 -13.90 -2.10
CA ASP A 95 -2.03 -13.74 -0.64
C ASP A 95 -0.60 -14.02 -0.18
N GLY A 96 -0.24 -13.46 0.95
CA GLY A 96 1.14 -13.67 1.48
C GLY A 96 2.00 -12.51 1.02
N ILE A 97 1.41 -11.38 0.78
CA ILE A 97 2.20 -10.24 0.28
C ILE A 97 2.95 -9.52 1.40
N VAL A 98 3.99 -8.84 1.03
CA VAL A 98 4.78 -8.07 2.03
C VAL A 98 4.83 -6.62 1.57
N VAL A 99 4.43 -5.71 2.40
CA VAL A 99 4.47 -4.28 1.97
C VAL A 99 5.63 -3.60 2.62
N ASP A 100 5.72 -2.34 2.40
CA ASP A 100 6.80 -1.57 3.04
C ASP A 100 6.48 -0.10 3.00
N VAL A 101 6.74 0.60 4.04
CA VAL A 101 6.47 2.06 4.01
C VAL A 101 7.73 2.77 3.53
N PRO A 102 7.60 3.42 2.40
CA PRO A 102 8.75 4.13 1.79
C PRO A 102 9.22 5.27 2.70
N ASP A 103 10.46 5.66 2.60
CA ASP A 103 10.97 6.77 3.48
C ASP A 103 11.14 8.08 2.69
N ARG A 104 10.12 8.89 2.65
CA ARG A 104 10.20 10.19 1.92
C ARG A 104 10.21 11.35 2.92
N GLN A 105 10.98 11.24 3.96
CA GLN A 105 11.04 12.33 4.97
C GLN A 105 12.47 12.88 5.09
N TRP A 106 13.37 12.37 4.29
CA TRP A 106 14.77 12.86 4.36
C TRP A 106 14.97 14.05 3.40
N SER A 1 -6.87 -12.64 1.44
CA SER A 1 -5.40 -12.82 1.27
C SER A 1 -4.64 -12.27 2.49
N LYS A 2 -3.57 -12.91 2.87
CA LYS A 2 -2.78 -12.43 4.04
C LYS A 2 -1.88 -11.27 3.61
N VAL A 3 -1.77 -10.25 4.42
CA VAL A 3 -0.90 -9.12 4.04
C VAL A 3 0.08 -8.80 5.17
N VAL A 4 1.25 -8.37 4.83
CA VAL A 4 2.27 -8.03 5.87
C VAL A 4 2.84 -6.65 5.59
N TYR A 5 2.85 -5.82 6.58
CA TYR A 5 3.32 -4.43 6.39
C TYR A 5 4.69 -4.19 6.99
N VAL A 6 5.52 -3.46 6.31
CA VAL A 6 6.86 -3.14 6.88
C VAL A 6 7.07 -1.64 6.99
N SER A 7 7.87 -1.23 7.93
CA SER A 7 8.15 0.22 8.08
C SER A 7 9.63 0.43 7.78
N HIS A 8 9.96 1.46 7.06
CA HIS A 8 11.40 1.69 6.76
C HIS A 8 12.25 1.52 8.02
N ASP A 9 11.66 1.67 9.18
CA ASP A 9 12.43 1.50 10.44
C ASP A 9 12.48 0.03 10.84
N GLY A 10 11.77 -0.81 10.13
CA GLY A 10 11.78 -2.27 10.44
C GLY A 10 10.44 -2.71 11.01
N THR A 11 9.80 -1.88 11.79
CA THR A 11 8.49 -2.28 12.37
C THR A 11 7.58 -2.80 11.26
N ARG A 12 6.97 -3.91 11.51
CA ARG A 12 6.09 -4.52 10.47
C ARG A 12 4.70 -4.85 11.06
N ARG A 13 3.69 -4.92 10.22
CA ARG A 13 2.32 -5.26 10.71
C ARG A 13 1.68 -6.27 9.76
N GLU A 14 1.31 -7.43 10.26
CA GLU A 14 0.68 -8.46 9.37
C GLU A 14 -0.85 -8.35 9.45
N LEU A 15 -1.50 -8.16 8.34
CA LEU A 15 -2.99 -8.07 8.37
C LEU A 15 -3.62 -9.30 7.73
N ASP A 16 -4.77 -9.68 8.22
CA ASP A 16 -5.46 -10.85 7.64
C ASP A 16 -6.54 -10.32 6.70
N VAL A 17 -6.20 -10.08 5.47
CA VAL A 17 -7.18 -9.52 4.52
C VAL A 17 -7.79 -10.62 3.65
N ALA A 18 -8.82 -10.30 2.93
CA ALA A 18 -9.47 -11.33 2.06
C ALA A 18 -9.55 -10.85 0.61
N ASP A 19 -10.68 -11.00 -0.02
CA ASP A 19 -10.83 -10.57 -1.42
C ASP A 19 -11.71 -9.31 -1.52
N GLY A 20 -11.19 -8.27 -2.10
CA GLY A 20 -12.00 -7.03 -2.22
C GLY A 20 -11.41 -5.94 -1.32
N VAL A 21 -10.47 -6.27 -0.49
CA VAL A 21 -9.87 -5.23 0.40
C VAL A 21 -8.57 -4.70 -0.19
N SER A 22 -8.06 -3.66 0.39
CA SER A 22 -6.78 -3.07 -0.07
C SER A 22 -5.78 -3.10 1.09
N LEU A 23 -4.50 -3.11 0.83
CA LEU A 23 -3.53 -3.15 1.97
C LEU A 23 -3.91 -2.08 2.98
N MET A 24 -4.61 -1.08 2.55
CA MET A 24 -5.01 -0.01 3.50
C MET A 24 -6.26 -0.40 4.25
N GLN A 25 -7.33 -0.58 3.55
CA GLN A 25 -8.61 -0.92 4.20
C GLN A 25 -8.40 -1.86 5.40
N ALA A 26 -7.74 -2.98 5.25
CA ALA A 26 -7.51 -3.84 6.45
C ALA A 26 -6.69 -3.02 7.45
N ALA A 27 -5.62 -2.45 6.97
CA ALA A 27 -4.73 -1.62 7.86
C ALA A 27 -5.56 -0.48 8.44
N VAL A 28 -6.07 0.34 7.57
CA VAL A 28 -6.95 1.49 7.94
C VAL A 28 -7.73 1.19 9.23
N SER A 29 -8.52 0.15 9.22
CA SER A 29 -9.30 -0.22 10.45
C SER A 29 -8.34 -0.57 11.55
N ASN A 30 -7.39 -1.40 11.24
CA ASN A 30 -6.37 -1.79 12.23
C ASN A 30 -5.65 -0.52 12.69
N GLY A 31 -5.88 0.57 11.99
CA GLY A 31 -5.21 1.85 12.38
C GLY A 31 -3.85 1.95 11.69
N ILE A 32 -3.42 0.90 11.07
CA ILE A 32 -2.10 0.95 10.36
C ILE A 32 -2.02 2.27 9.59
N TYR A 33 -3.14 2.79 9.16
CA TYR A 33 -3.11 4.08 8.41
C TYR A 33 -3.88 5.19 9.12
N ASP A 34 -3.39 5.63 10.25
CA ASP A 34 -4.05 6.76 10.94
C ASP A 34 -3.40 8.05 10.42
N ILE A 35 -2.88 8.00 9.21
CA ILE A 35 -2.21 9.18 8.61
C ILE A 35 -3.24 10.16 8.07
N VAL A 36 -2.83 11.05 7.22
CA VAL A 36 -3.79 12.04 6.64
C VAL A 36 -3.83 11.93 5.11
N GLY A 37 -4.66 11.07 4.59
CA GLY A 37 -4.75 10.91 3.11
C GLY A 37 -6.17 11.23 2.64
N ASP A 38 -6.32 11.72 1.44
CA ASP A 38 -7.69 12.04 0.93
C ASP A 38 -8.33 10.80 0.30
N CYS A 39 -7.67 9.69 0.41
CA CYS A 39 -8.18 8.41 -0.17
C CYS A 39 -9.42 7.92 0.60
N GLY A 40 -9.46 8.11 1.89
CA GLY A 40 -10.63 7.63 2.67
C GLY A 40 -10.97 6.21 2.20
N GLY A 41 -9.96 5.48 1.80
CA GLY A 41 -10.19 4.09 1.32
C GLY A 41 -10.68 4.14 -0.13
N SER A 42 -10.18 5.07 -0.92
CA SER A 42 -10.62 5.16 -2.34
C SER A 42 -9.44 5.49 -3.25
N ALA A 43 -8.24 5.45 -2.74
CA ALA A 43 -7.05 5.76 -3.59
C ALA A 43 -7.01 7.22 -4.01
N SER A 44 -7.08 8.07 -3.05
CA SER A 44 -7.01 9.53 -3.28
C SER A 44 -6.00 10.11 -2.29
N CYS A 45 -4.99 9.33 -1.93
CA CYS A 45 -4.03 9.82 -0.90
C CYS A 45 -2.61 10.13 -1.38
N ALA A 46 -2.00 11.07 -0.72
CA ALA A 46 -0.60 11.45 -1.04
C ALA A 46 0.30 11.01 0.13
N THR A 47 -0.29 10.46 1.17
CA THR A 47 0.53 10.04 2.36
C THR A 47 0.61 8.52 2.50
N CYS A 48 -0.34 7.79 1.99
CA CYS A 48 -0.25 6.30 2.13
C CYS A 48 0.77 5.72 1.14
N HIS A 49 1.62 6.54 0.57
CA HIS A 49 2.65 6.00 -0.37
C HIS A 49 3.35 4.82 0.33
N VAL A 50 3.58 3.73 -0.35
CA VAL A 50 4.28 2.58 0.30
C VAL A 50 4.85 1.67 -0.77
N TYR A 51 5.65 0.72 -0.37
CA TYR A 51 6.26 -0.19 -1.37
C TYR A 51 5.88 -1.65 -1.11
N VAL A 52 5.29 -2.28 -2.09
CA VAL A 52 4.90 -3.73 -1.93
C VAL A 52 6.07 -4.62 -2.40
N ASN A 53 6.24 -5.82 -1.87
CA ASN A 53 7.36 -6.68 -2.38
C ASN A 53 7.03 -7.21 -3.77
N GLU A 54 7.96 -7.13 -4.67
CA GLU A 54 7.70 -7.63 -6.06
C GLU A 54 6.92 -8.94 -6.03
N ALA A 55 7.04 -9.70 -4.97
CA ALA A 55 6.32 -11.00 -4.90
C ALA A 55 4.80 -10.78 -4.96
N PHE A 56 4.34 -9.57 -4.72
CA PHE A 56 2.88 -9.31 -4.76
C PHE A 56 2.56 -8.09 -5.61
N THR A 57 3.56 -7.35 -6.01
CA THR A 57 3.29 -6.16 -6.85
C THR A 57 3.09 -6.60 -8.31
N ASP A 58 3.87 -7.55 -8.76
CA ASP A 58 3.73 -8.04 -10.17
C ASP A 58 2.46 -8.90 -10.30
N LYS A 59 1.89 -9.25 -9.19
CA LYS A 59 0.63 -10.07 -9.20
C LYS A 59 -0.53 -9.17 -9.49
N VAL A 60 -0.60 -8.19 -8.67
CA VAL A 60 -1.67 -7.20 -8.73
C VAL A 60 -1.36 -6.15 -9.81
N PRO A 61 -2.37 -5.86 -10.59
CA PRO A 61 -2.22 -4.89 -11.70
C PRO A 61 -1.98 -3.48 -11.21
N ALA A 62 -1.44 -2.68 -12.07
CA ALA A 62 -1.15 -1.27 -11.74
C ALA A 62 -2.41 -0.43 -11.87
N ALA A 63 -2.30 0.82 -11.54
CA ALA A 63 -3.47 1.73 -11.64
C ALA A 63 -3.28 2.74 -12.77
N ASN A 64 -3.88 3.89 -12.66
CA ASN A 64 -3.72 4.92 -13.73
C ASN A 64 -2.69 5.96 -13.31
N GLU A 65 -2.94 7.21 -13.60
CA GLU A 65 -1.96 8.27 -13.22
C GLU A 65 -2.12 8.62 -11.74
N ARG A 66 -3.23 8.28 -11.15
CA ARG A 66 -3.44 8.60 -9.71
C ARG A 66 -2.52 7.74 -8.84
N GLU A 67 -2.56 6.46 -9.03
CA GLU A 67 -1.69 5.56 -8.21
C GLU A 67 -0.22 5.95 -8.39
N ILE A 68 0.07 6.72 -9.39
CA ILE A 68 1.48 7.13 -9.63
C ILE A 68 1.78 8.45 -8.92
N GLY A 69 1.16 9.53 -9.33
CA GLY A 69 1.44 10.85 -8.67
C GLY A 69 0.83 10.89 -7.27
N MET A 70 -0.40 10.50 -7.12
CA MET A 70 -1.01 10.50 -5.75
C MET A 70 -0.04 9.80 -4.83
N LEU A 71 0.33 8.64 -5.25
CA LEU A 71 1.27 7.80 -4.49
C LEU A 71 2.60 8.55 -4.40
N GLU A 72 3.14 8.99 -5.50
CA GLU A 72 4.43 9.75 -5.45
C GLU A 72 4.16 11.23 -5.10
N CYS A 73 3.04 11.54 -4.53
CA CYS A 73 2.79 12.97 -4.18
C CYS A 73 4.01 13.50 -3.45
N VAL A 74 4.73 12.61 -2.82
CA VAL A 74 5.97 13.01 -2.11
C VAL A 74 7.15 12.92 -3.11
N THR A 75 8.34 12.61 -2.67
CA THR A 75 9.49 12.52 -3.64
C THR A 75 10.25 11.22 -3.42
N ALA A 76 9.57 10.10 -3.49
CA ALA A 76 10.27 8.80 -3.27
C ALA A 76 10.61 8.14 -4.61
N GLU A 77 10.89 8.92 -5.62
CA GLU A 77 11.22 8.34 -6.96
C GLU A 77 10.35 7.12 -7.23
N LEU A 78 9.06 7.34 -7.27
CA LEU A 78 8.08 6.24 -7.52
C LEU A 78 8.72 5.03 -8.20
N LYS A 79 8.45 3.86 -7.69
CA LYS A 79 9.01 2.62 -8.30
C LYS A 79 7.97 2.01 -9.23
N PRO A 80 8.20 0.80 -9.64
CA PRO A 80 7.25 0.12 -10.53
C PRO A 80 6.12 -0.50 -9.70
N ASN A 81 6.41 -0.85 -8.47
CA ASN A 81 5.37 -1.46 -7.60
C ASN A 81 4.86 -0.48 -6.54
N SER A 82 5.46 0.68 -6.42
CA SER A 82 4.97 1.64 -5.38
C SER A 82 3.46 1.81 -5.49
N ARG A 83 2.80 1.96 -4.37
CA ARG A 83 1.32 2.13 -4.40
C ARG A 83 0.85 2.80 -3.11
N LEU A 84 -0.24 3.52 -3.15
CA LEU A 84 -0.76 4.15 -1.90
C LEU A 84 -1.40 3.04 -1.07
N SER A 85 -1.37 3.13 0.23
CA SER A 85 -2.01 2.03 1.01
C SER A 85 -3.39 1.75 0.41
N CYS A 86 -3.96 2.73 -0.24
CA CYS A 86 -5.32 2.57 -0.84
C CYS A 86 -5.21 2.55 -2.37
N GLN A 87 -4.29 1.77 -2.90
CA GLN A 87 -4.11 1.71 -4.37
C GLN A 87 -4.23 0.28 -4.88
N ILE A 88 -3.70 -0.65 -4.15
CA ILE A 88 -3.78 -2.08 -4.60
C ILE A 88 -4.87 -2.81 -3.83
N ILE A 89 -5.38 -3.87 -4.39
CA ILE A 89 -6.44 -4.65 -3.70
C ILE A 89 -5.87 -6.00 -3.28
N MET A 90 -6.53 -6.68 -2.39
CA MET A 90 -6.01 -8.01 -1.93
C MET A 90 -6.91 -9.13 -2.45
N THR A 91 -6.45 -9.88 -3.42
CA THR A 91 -7.28 -11.00 -3.96
C THR A 91 -6.99 -12.27 -3.17
N PRO A 92 -7.87 -13.23 -3.32
CA PRO A 92 -7.71 -14.52 -2.61
C PRO A 92 -6.61 -15.36 -3.26
N GLU A 93 -6.09 -14.91 -4.37
CA GLU A 93 -5.00 -15.68 -5.05
C GLU A 93 -3.66 -15.01 -4.80
N LEU A 94 -3.66 -13.71 -4.59
CA LEU A 94 -2.39 -12.99 -4.32
C LEU A 94 -2.24 -12.76 -2.83
N ASP A 95 -2.27 -13.82 -2.09
CA ASP A 95 -2.18 -13.70 -0.62
C ASP A 95 -0.77 -13.99 -0.10
N GLY A 96 -0.42 -13.37 0.99
CA GLY A 96 0.94 -13.58 1.57
C GLY A 96 1.79 -12.39 1.17
N ILE A 97 1.18 -11.30 0.85
CA ILE A 97 1.94 -10.12 0.39
C ILE A 97 2.71 -9.43 1.50
N VAL A 98 3.75 -8.77 1.10
CA VAL A 98 4.59 -8.02 2.07
C VAL A 98 4.64 -6.56 1.61
N VAL A 99 4.33 -5.65 2.48
CA VAL A 99 4.37 -4.22 2.08
C VAL A 99 5.60 -3.61 2.66
N ASP A 100 5.77 -2.37 2.40
CA ASP A 100 6.93 -1.69 2.98
C ASP A 100 6.74 -0.19 2.98
N VAL A 101 7.11 0.44 4.03
CA VAL A 101 6.99 1.92 4.07
C VAL A 101 8.36 2.51 3.71
N PRO A 102 8.37 3.25 2.63
CA PRO A 102 9.64 3.86 2.15
C PRO A 102 10.14 4.90 3.15
N ASP A 103 11.09 5.71 2.76
CA ASP A 103 11.62 6.75 3.68
C ASP A 103 11.18 8.14 3.23
N ARG A 104 10.45 8.21 2.15
CA ARG A 104 9.99 9.53 1.64
C ARG A 104 8.48 9.67 1.84
N GLN A 105 8.05 9.98 3.03
CA GLN A 105 6.58 10.13 3.28
C GLN A 105 6.26 11.59 3.63
N TRP A 106 7.24 12.44 3.61
CA TRP A 106 6.99 13.88 3.94
C TRP A 106 7.80 14.79 3.01
N SER A 1 -6.59 -10.84 1.35
CA SER A 1 -5.84 -12.10 1.65
C SER A 1 -4.86 -11.88 2.79
N LYS A 2 -3.83 -12.67 2.86
CA LYS A 2 -2.83 -12.51 3.94
C LYS A 2 -1.87 -11.37 3.57
N VAL A 3 -1.80 -10.35 4.36
CA VAL A 3 -0.90 -9.22 4.00
C VAL A 3 0.10 -8.92 5.11
N VAL A 4 1.26 -8.46 4.76
CA VAL A 4 2.30 -8.12 5.77
C VAL A 4 2.86 -6.74 5.46
N TYR A 5 2.87 -5.90 6.44
CA TYR A 5 3.32 -4.50 6.22
C TYR A 5 4.67 -4.22 6.84
N VAL A 6 5.46 -3.44 6.16
CA VAL A 6 6.80 -3.07 6.74
C VAL A 6 6.92 -1.56 6.82
N SER A 7 7.29 -1.06 7.95
CA SER A 7 7.46 0.42 8.06
C SER A 7 8.81 0.76 7.43
N HIS A 8 9.43 1.80 7.88
CA HIS A 8 10.77 2.15 7.31
C HIS A 8 11.84 1.91 8.39
N ASP A 9 11.41 1.68 9.60
CA ASP A 9 12.38 1.40 10.70
C ASP A 9 12.43 -0.11 10.95
N GLY A 10 11.70 -0.88 10.18
CA GLY A 10 11.71 -2.36 10.36
C GLY A 10 10.37 -2.83 10.93
N THR A 11 9.71 -2.01 11.71
CA THR A 11 8.40 -2.42 12.28
C THR A 11 7.52 -2.95 11.15
N ARG A 12 6.87 -4.04 11.41
CA ARG A 12 6.00 -4.64 10.35
C ARG A 12 4.59 -4.96 10.91
N ARG A 13 3.59 -4.96 10.06
CA ARG A 13 2.21 -5.30 10.53
C ARG A 13 1.58 -6.32 9.58
N GLU A 14 1.19 -7.46 10.07
CA GLU A 14 0.58 -8.50 9.19
C GLU A 14 -0.95 -8.39 9.22
N LEU A 15 -1.58 -8.23 8.08
CA LEU A 15 -3.06 -8.11 8.09
C LEU A 15 -3.73 -9.34 7.48
N ASP A 16 -4.89 -9.66 7.97
CA ASP A 16 -5.65 -10.81 7.40
C ASP A 16 -6.76 -10.21 6.54
N VAL A 17 -6.47 -9.89 5.31
CA VAL A 17 -7.49 -9.24 4.44
C VAL A 17 -8.15 -10.28 3.52
N ALA A 18 -9.17 -9.88 2.81
CA ALA A 18 -9.86 -10.83 1.90
C ALA A 18 -9.81 -10.37 0.44
N ASP A 19 -10.86 -10.62 -0.29
CA ASP A 19 -10.90 -10.21 -1.72
C ASP A 19 -11.73 -8.93 -1.88
N GLY A 20 -11.23 -8.00 -2.63
CA GLY A 20 -11.98 -6.72 -2.85
C GLY A 20 -11.42 -5.65 -1.91
N VAL A 21 -10.48 -6.01 -1.07
CA VAL A 21 -9.90 -5.02 -0.12
C VAL A 21 -8.55 -4.52 -0.65
N SER A 22 -8.02 -3.54 0.02
CA SER A 22 -6.69 -2.96 -0.34
C SER A 22 -5.75 -3.13 0.84
N LEU A 23 -4.53 -2.69 0.74
CA LEU A 23 -3.60 -2.84 1.89
C LEU A 23 -3.91 -1.78 2.93
N MET A 24 -4.67 -0.79 2.56
CA MET A 24 -5.00 0.29 3.53
C MET A 24 -6.27 0.01 4.33
N GLN A 25 -7.40 0.09 3.69
CA GLN A 25 -8.70 -0.09 4.39
C GLN A 25 -8.63 -1.21 5.47
N ALA A 26 -7.72 -2.16 5.36
CA ALA A 26 -7.64 -3.21 6.41
C ALA A 26 -6.71 -2.68 7.48
N ALA A 27 -5.55 -2.27 7.05
CA ALA A 27 -4.57 -1.68 7.99
C ALA A 27 -5.21 -0.45 8.62
N VAL A 28 -5.83 0.35 7.80
CA VAL A 28 -6.55 1.55 8.28
C VAL A 28 -7.34 1.19 9.55
N SER A 29 -8.25 0.28 9.43
CA SER A 29 -9.03 -0.15 10.62
C SER A 29 -8.07 -0.70 11.65
N ASN A 30 -7.03 -1.30 11.15
CA ASN A 30 -5.98 -1.85 12.04
C ASN A 30 -5.11 -0.72 12.56
N GLY A 31 -5.53 0.51 12.34
CA GLY A 31 -4.73 1.67 12.82
C GLY A 31 -3.35 1.67 12.17
N ILE A 32 -3.19 0.88 11.15
CA ILE A 32 -1.86 0.83 10.46
C ILE A 32 -1.65 2.12 9.66
N TYR A 33 -2.70 2.69 9.12
CA TYR A 33 -2.53 3.95 8.33
C TYR A 33 -2.99 5.17 9.13
N ASP A 34 -2.50 5.33 10.31
CA ASP A 34 -2.86 6.54 11.09
C ASP A 34 -2.02 7.72 10.59
N ILE A 35 -1.97 7.89 9.30
CA ILE A 35 -1.17 8.99 8.70
C ILE A 35 -1.91 10.33 8.79
N VAL A 36 -1.78 11.17 7.82
CA VAL A 36 -2.48 12.48 7.86
C VAL A 36 -3.90 12.34 7.31
N GLY A 37 -4.08 12.51 6.03
CA GLY A 37 -5.45 12.40 5.44
C GLY A 37 -5.80 10.91 5.26
N ASP A 38 -6.99 10.63 4.78
CA ASP A 38 -7.38 9.21 4.58
C ASP A 38 -7.71 8.96 3.10
N CYS A 39 -7.73 7.72 2.70
CA CYS A 39 -8.04 7.41 1.27
C CYS A 39 -9.40 6.73 1.17
N GLY A 40 -9.83 6.06 2.21
CA GLY A 40 -11.16 5.39 2.18
C GLY A 40 -11.38 4.72 0.81
N GLY A 41 -10.32 4.34 0.16
CA GLY A 41 -10.47 3.69 -1.18
C GLY A 41 -10.69 4.76 -2.25
N SER A 42 -10.14 5.92 -2.05
CA SER A 42 -10.31 7.02 -3.05
C SER A 42 -8.96 7.41 -3.63
N ALA A 43 -7.93 7.39 -2.83
CA ALA A 43 -6.57 7.74 -3.33
C ALA A 43 -6.42 9.24 -3.57
N SER A 44 -6.59 10.02 -2.56
CA SER A 44 -6.42 11.50 -2.69
C SER A 44 -5.54 11.99 -1.54
N CYS A 45 -4.77 11.09 -0.99
CA CYS A 45 -3.90 11.44 0.19
C CYS A 45 -2.40 11.38 -0.17
N ALA A 46 -1.57 12.00 0.60
CA ALA A 46 -0.10 11.99 0.27
C ALA A 46 0.72 11.15 1.28
N THR A 47 0.12 10.61 2.31
CA THR A 47 0.94 9.83 3.29
C THR A 47 0.65 8.32 3.25
N CYS A 48 0.24 7.81 2.12
CA CYS A 48 -0.03 6.34 2.04
C CYS A 48 0.95 5.70 1.06
N HIS A 49 1.77 6.50 0.44
CA HIS A 49 2.77 5.94 -0.52
C HIS A 49 3.36 4.69 0.13
N VAL A 50 3.37 3.57 -0.55
CA VAL A 50 3.92 2.36 0.09
C VAL A 50 4.72 1.57 -0.92
N TYR A 51 5.55 0.71 -0.42
CA TYR A 51 6.41 -0.10 -1.31
C TYR A 51 6.07 -1.58 -1.15
N VAL A 52 5.69 -2.22 -2.22
CA VAL A 52 5.37 -3.66 -2.13
C VAL A 52 6.65 -4.46 -2.44
N ASN A 53 6.64 -5.76 -2.28
CA ASN A 53 7.88 -6.56 -2.57
C ASN A 53 8.05 -6.68 -4.09
N GLU A 54 8.61 -7.76 -4.56
CA GLU A 54 8.78 -7.93 -6.03
C GLU A 54 7.74 -8.88 -6.62
N ALA A 55 7.07 -9.66 -5.80
CA ALA A 55 6.08 -10.65 -6.35
C ALA A 55 4.62 -10.19 -6.24
N PHE A 56 4.24 -9.50 -5.21
CA PHE A 56 2.80 -9.09 -5.10
C PHE A 56 2.52 -7.80 -5.86
N THR A 57 3.52 -7.08 -6.29
CA THR A 57 3.26 -5.82 -7.05
C THR A 57 2.95 -6.14 -8.51
N ASP A 58 3.47 -7.24 -9.00
CA ASP A 58 3.20 -7.62 -10.43
C ASP A 58 1.93 -8.47 -10.49
N LYS A 59 1.60 -9.13 -9.42
CA LYS A 59 0.37 -9.96 -9.41
C LYS A 59 -0.83 -9.05 -9.20
N VAL A 60 -0.79 -8.23 -8.19
CA VAL A 60 -1.90 -7.29 -7.92
C VAL A 60 -2.39 -6.67 -9.23
N PRO A 61 -3.52 -6.06 -9.16
CA PRO A 61 -4.11 -5.40 -10.35
C PRO A 61 -3.28 -4.21 -10.80
N ALA A 62 -3.54 -3.78 -11.99
CA ALA A 62 -2.80 -2.64 -12.58
C ALA A 62 -3.35 -1.32 -12.04
N ALA A 63 -2.57 -0.61 -11.29
CA ALA A 63 -3.04 0.69 -10.73
C ALA A 63 -3.21 1.74 -11.84
N ASN A 64 -3.93 2.81 -11.56
CA ASN A 64 -4.15 3.86 -12.59
C ASN A 64 -3.20 5.05 -12.38
N GLU A 65 -3.67 6.24 -12.70
CA GLU A 65 -2.82 7.45 -12.54
C GLU A 65 -2.66 7.80 -11.06
N ARG A 66 -3.62 7.46 -10.24
CA ARG A 66 -3.49 7.76 -8.79
C ARG A 66 -2.31 6.99 -8.23
N GLU A 67 -2.21 5.74 -8.54
CA GLU A 67 -1.07 4.96 -8.01
C GLU A 67 0.23 5.62 -8.47
N ILE A 68 0.17 6.47 -9.45
CA ILE A 68 1.41 7.15 -9.92
C ILE A 68 1.60 8.48 -9.17
N GLY A 69 0.74 9.45 -9.42
CA GLY A 69 0.89 10.77 -8.74
C GLY A 69 0.38 10.69 -7.31
N MET A 70 -0.79 10.14 -7.11
CA MET A 70 -1.33 10.02 -5.72
C MET A 70 -0.24 9.40 -4.85
N LEU A 71 0.40 8.44 -5.42
CA LEU A 71 1.48 7.68 -4.74
C LEU A 71 2.76 8.52 -4.74
N GLU A 72 2.95 9.35 -5.72
CA GLU A 72 4.17 10.20 -5.77
C GLU A 72 3.94 11.48 -4.97
N CYS A 73 2.85 11.57 -4.24
CA CYS A 73 2.61 12.80 -3.46
C CYS A 73 3.89 13.14 -2.69
N VAL A 74 4.40 12.19 -1.95
CA VAL A 74 5.66 12.43 -1.22
C VAL A 74 6.85 12.03 -2.08
N THR A 75 7.68 12.96 -2.44
CA THR A 75 8.85 12.62 -3.28
C THR A 75 9.57 11.39 -2.70
N ALA A 76 9.29 10.24 -3.23
CA ALA A 76 9.94 9.00 -2.71
C ALA A 76 10.58 8.23 -3.86
N GLU A 77 11.17 8.92 -4.80
CA GLU A 77 11.81 8.22 -5.96
C GLU A 77 10.95 7.04 -6.40
N LEU A 78 9.75 7.33 -6.79
CA LEU A 78 8.80 6.27 -7.25
C LEU A 78 9.53 5.06 -7.84
N LYS A 79 9.35 3.92 -7.26
CA LYS A 79 10.02 2.68 -7.78
C LYS A 79 9.15 2.09 -8.89
N PRO A 80 9.45 0.89 -9.28
CA PRO A 80 8.65 0.22 -10.33
C PRO A 80 7.40 -0.41 -9.68
N ASN A 81 7.52 -0.79 -8.44
CA ASN A 81 6.36 -1.40 -7.74
C ASN A 81 5.74 -0.43 -6.73
N SER A 82 6.34 0.71 -6.49
CA SER A 82 5.74 1.66 -5.51
C SER A 82 4.26 1.84 -5.81
N ARG A 83 3.41 1.69 -4.82
CA ARG A 83 1.96 1.86 -5.07
C ARG A 83 1.29 2.55 -3.87
N LEU A 84 0.11 3.04 -4.09
CA LEU A 84 -0.64 3.76 -3.02
C LEU A 84 -1.22 2.78 -1.99
N SER A 85 -1.11 3.10 -0.72
CA SER A 85 -1.74 2.22 0.29
C SER A 85 -3.22 2.11 -0.09
N CYS A 86 -3.69 3.09 -0.82
CA CYS A 86 -5.12 3.11 -1.24
C CYS A 86 -5.26 2.78 -2.75
N GLN A 87 -4.36 2.01 -3.31
CA GLN A 87 -4.47 1.66 -4.75
C GLN A 87 -4.44 0.15 -4.99
N ILE A 88 -3.59 -0.56 -4.29
CA ILE A 88 -3.53 -2.03 -4.53
C ILE A 88 -4.66 -2.74 -3.81
N ILE A 89 -5.14 -3.80 -4.40
CA ILE A 89 -6.23 -4.59 -3.78
C ILE A 89 -5.69 -5.95 -3.34
N MET A 90 -6.35 -6.60 -2.42
CA MET A 90 -5.86 -7.92 -1.97
C MET A 90 -6.79 -9.04 -2.44
N THR A 91 -6.31 -9.89 -3.30
CA THR A 91 -7.17 -11.00 -3.79
C THR A 91 -6.90 -12.26 -2.96
N PRO A 92 -7.78 -13.22 -3.09
CA PRO A 92 -7.65 -14.48 -2.34
C PRO A 92 -6.48 -15.31 -2.86
N GLU A 93 -6.17 -15.21 -4.13
CA GLU A 93 -5.02 -15.99 -4.68
C GLU A 93 -3.70 -15.26 -4.40
N LEU A 94 -3.68 -13.96 -4.57
CA LEU A 94 -2.44 -13.18 -4.32
C LEU A 94 -2.25 -12.93 -2.83
N ASP A 95 -2.11 -13.97 -2.05
CA ASP A 95 -1.95 -13.75 -0.60
C ASP A 95 -0.49 -13.88 -0.17
N GLY A 96 -0.14 -13.23 0.90
CA GLY A 96 1.27 -13.26 1.38
C GLY A 96 1.91 -11.94 0.99
N ILE A 97 1.09 -10.95 0.72
CA ILE A 97 1.63 -9.65 0.27
C ILE A 97 2.58 -9.03 1.29
N VAL A 98 3.74 -8.68 0.83
CA VAL A 98 4.73 -8.02 1.72
C VAL A 98 4.80 -6.54 1.34
N VAL A 99 4.44 -5.67 2.24
CA VAL A 99 4.46 -4.21 1.90
C VAL A 99 5.65 -3.53 2.53
N ASP A 100 5.73 -2.27 2.32
CA ASP A 100 6.81 -1.50 2.93
C ASP A 100 6.48 -0.01 2.92
N VAL A 101 6.78 0.68 3.97
CA VAL A 101 6.50 2.14 3.99
C VAL A 101 7.78 2.91 3.59
N PRO A 102 7.72 3.52 2.44
CA PRO A 102 8.88 4.27 1.87
C PRO A 102 9.17 5.60 2.58
N ASP A 103 10.11 5.63 3.48
CA ASP A 103 10.46 6.94 4.13
C ASP A 103 11.86 7.37 3.69
N ARG A 104 11.98 8.07 2.60
CA ARG A 104 13.35 8.48 2.15
C ARG A 104 13.56 9.99 2.29
N GLN A 105 12.79 10.63 3.15
CA GLN A 105 12.95 12.10 3.34
C GLN A 105 14.34 12.41 3.90
N TRP A 106 15.36 12.27 3.10
CA TRP A 106 16.73 12.56 3.59
C TRP A 106 17.09 14.03 3.33
N SER A 1 -6.00 -13.30 2.01
CA SER A 1 -4.55 -13.34 1.67
C SER A 1 -3.70 -12.88 2.86
N LYS A 2 -2.55 -13.47 3.04
CA LYS A 2 -1.67 -13.07 4.16
C LYS A 2 -0.91 -11.80 3.77
N VAL A 3 -1.24 -10.69 4.37
CA VAL A 3 -0.53 -9.44 4.02
C VAL A 3 0.34 -8.96 5.17
N VAL A 4 1.50 -8.43 4.85
CA VAL A 4 2.39 -7.92 5.91
C VAL A 4 2.86 -6.51 5.57
N TYR A 5 2.63 -5.63 6.47
CA TYR A 5 2.96 -4.19 6.25
C TYR A 5 4.25 -3.78 6.94
N VAL A 6 5.06 -3.02 6.28
CA VAL A 6 6.31 -2.54 6.95
C VAL A 6 6.36 -1.02 6.99
N SER A 7 7.13 -0.48 7.88
CA SER A 7 7.25 0.99 7.98
C SER A 7 8.72 1.36 7.77
N HIS A 8 8.98 2.38 7.01
CA HIS A 8 10.40 2.77 6.77
C HIS A 8 11.20 2.70 8.08
N ASP A 9 10.55 2.81 9.21
CA ASP A 9 11.29 2.75 10.50
C ASP A 9 11.47 1.30 10.95
N GLY A 10 10.91 0.37 10.23
CA GLY A 10 11.07 -1.08 10.60
C GLY A 10 9.74 -1.66 11.10
N THR A 11 9.00 -0.92 11.89
CA THR A 11 7.70 -1.45 12.41
C THR A 11 6.88 -2.00 11.25
N ARG A 12 6.33 -3.16 11.45
CA ARG A 12 5.51 -3.81 10.38
C ARG A 12 4.15 -4.26 10.94
N ARG A 13 3.19 -4.49 10.07
CA ARG A 13 1.84 -4.97 10.54
C ARG A 13 1.32 -6.05 9.59
N GLU A 14 1.02 -7.22 10.12
CA GLU A 14 0.50 -8.32 9.25
C GLU A 14 -1.03 -8.35 9.28
N LEU A 15 -1.67 -8.36 8.13
CA LEU A 15 -3.17 -8.38 8.13
C LEU A 15 -3.70 -9.60 7.37
N ASP A 16 -4.82 -10.10 7.83
CA ASP A 16 -5.45 -11.24 7.14
C ASP A 16 -6.60 -10.68 6.30
N VAL A 17 -6.32 -10.32 5.07
CA VAL A 17 -7.38 -9.72 4.22
C VAL A 17 -8.00 -10.75 3.29
N ALA A 18 -9.05 -10.39 2.61
CA ALA A 18 -9.71 -11.36 1.69
C ALA A 18 -9.68 -10.83 0.25
N ASP A 19 -10.79 -10.91 -0.45
CA ASP A 19 -10.82 -10.44 -1.86
C ASP A 19 -11.66 -9.16 -1.97
N GLY A 20 -11.09 -8.11 -2.50
CA GLY A 20 -11.86 -6.84 -2.65
C GLY A 20 -11.32 -5.78 -1.69
N VAL A 21 -10.44 -6.14 -0.79
CA VAL A 21 -9.91 -5.13 0.15
C VAL A 21 -8.57 -4.57 -0.34
N SER A 22 -8.10 -3.54 0.30
CA SER A 22 -6.79 -2.94 -0.07
C SER A 22 -5.87 -2.99 1.15
N LEU A 23 -4.63 -2.66 1.00
CA LEU A 23 -3.75 -2.71 2.19
C LEU A 23 -4.19 -1.62 3.15
N MET A 24 -4.75 -0.56 2.63
CA MET A 24 -5.20 0.55 3.51
C MET A 24 -6.60 0.32 4.04
N GLN A 25 -7.18 -0.80 3.75
CA GLN A 25 -8.55 -1.06 4.25
C GLN A 25 -8.47 -1.98 5.48
N ALA A 26 -8.02 -3.20 5.30
CA ALA A 26 -7.90 -4.11 6.49
C ALA A 26 -7.14 -3.37 7.58
N ALA A 27 -6.03 -2.78 7.20
CA ALA A 27 -5.20 -2.04 8.19
C ALA A 27 -6.04 -0.92 8.78
N VAL A 28 -6.60 -0.13 7.92
CA VAL A 28 -7.48 0.99 8.35
C VAL A 28 -8.30 0.54 9.57
N SER A 29 -9.06 -0.51 9.40
CA SER A 29 -9.85 -1.04 10.54
C SER A 29 -8.90 -1.40 11.67
N ASN A 30 -7.85 -2.09 11.32
CA ASN A 30 -6.83 -2.48 12.33
C ASN A 30 -6.14 -1.24 12.88
N GLY A 31 -6.47 -0.09 12.34
CA GLY A 31 -5.83 1.17 12.81
C GLY A 31 -4.40 1.23 12.29
N ILE A 32 -4.00 0.25 11.52
CA ILE A 32 -2.62 0.24 10.97
C ILE A 32 -2.33 1.60 10.32
N TYR A 33 -3.33 2.25 9.80
CA TYR A 33 -3.09 3.58 9.16
C TYR A 33 -3.59 4.72 10.02
N ASP A 34 -3.18 4.79 11.24
CA ASP A 34 -3.60 5.93 12.11
C ASP A 34 -2.78 7.17 11.70
N ILE A 35 -2.66 7.42 10.42
CA ILE A 35 -1.89 8.58 9.92
C ILE A 35 -2.82 9.49 9.12
N VAL A 36 -2.34 10.63 8.73
CA VAL A 36 -3.21 11.56 7.93
C VAL A 36 -3.25 11.12 6.47
N GLY A 37 -4.16 10.25 6.17
CA GLY A 37 -4.29 9.75 4.77
C GLY A 37 -5.68 10.07 4.23
N ASP A 38 -5.76 10.72 3.09
CA ASP A 38 -7.08 11.06 2.51
C ASP A 38 -7.37 10.17 1.30
N CYS A 39 -7.40 8.88 1.49
CA CYS A 39 -7.68 7.96 0.33
C CYS A 39 -9.05 7.31 0.48
N GLY A 40 -9.29 6.62 1.56
CA GLY A 40 -10.60 5.93 1.73
C GLY A 40 -10.93 5.23 0.42
N GLY A 41 -9.95 4.60 -0.18
CA GLY A 41 -10.17 3.91 -1.48
C GLY A 41 -10.12 4.96 -2.58
N SER A 42 -9.26 5.93 -2.46
CA SER A 42 -9.17 7.00 -3.51
C SER A 42 -7.74 7.15 -4.01
N ALA A 43 -6.77 6.75 -3.23
CA ALA A 43 -5.35 6.87 -3.68
C ALA A 43 -4.98 8.33 -4.00
N SER A 44 -5.07 9.18 -3.02
CA SER A 44 -4.73 10.62 -3.25
C SER A 44 -3.79 11.13 -2.14
N CYS A 45 -3.33 10.26 -1.29
CA CYS A 45 -2.43 10.70 -0.17
C CYS A 45 -1.01 10.19 -0.33
N ALA A 46 -0.07 11.06 -0.48
CA ALA A 46 1.35 10.62 -0.61
C ALA A 46 1.88 10.20 0.76
N THR A 47 1.06 10.28 1.78
CA THR A 47 1.53 9.89 3.16
C THR A 47 1.37 8.39 3.37
N CYS A 48 0.42 7.77 2.74
CA CYS A 48 0.26 6.30 2.91
C CYS A 48 1.10 5.56 1.87
N HIS A 49 1.97 6.27 1.21
CA HIS A 49 2.83 5.62 0.18
C HIS A 49 3.34 4.27 0.71
N VAL A 50 3.38 3.27 -0.13
CA VAL A 50 3.86 1.93 0.30
C VAL A 50 4.58 1.25 -0.84
N TYR A 51 5.45 0.38 -0.51
CA TYR A 51 6.17 -0.37 -1.56
C TYR A 51 5.94 -1.87 -1.36
N VAL A 52 5.54 -2.56 -2.39
CA VAL A 52 5.25 -4.02 -2.24
C VAL A 52 6.48 -4.86 -2.66
N ASN A 53 6.49 -6.14 -2.36
CA ASN A 53 7.66 -6.99 -2.76
C ASN A 53 7.37 -7.60 -4.14
N GLU A 54 8.34 -7.60 -5.01
CA GLU A 54 8.14 -8.16 -6.38
C GLU A 54 7.24 -9.41 -6.37
N ALA A 55 7.21 -10.13 -5.28
CA ALA A 55 6.37 -11.36 -5.23
C ALA A 55 4.87 -11.04 -5.23
N PHE A 56 4.50 -9.81 -4.94
CA PHE A 56 3.05 -9.48 -4.92
C PHE A 56 2.77 -8.20 -5.73
N THR A 57 3.80 -7.49 -6.12
CA THR A 57 3.56 -6.25 -6.92
C THR A 57 3.34 -6.64 -8.38
N ASP A 58 3.88 -7.77 -8.78
CA ASP A 58 3.71 -8.22 -10.20
C ASP A 58 2.28 -8.72 -10.41
N LYS A 59 1.69 -9.29 -9.39
CA LYS A 59 0.29 -9.80 -9.53
C LYS A 59 -0.71 -8.65 -9.42
N VAL A 60 -0.61 -7.87 -8.38
CA VAL A 60 -1.54 -6.74 -8.19
C VAL A 60 -1.81 -6.03 -9.52
N PRO A 61 -3.00 -5.52 -9.63
CA PRO A 61 -3.42 -4.78 -10.85
C PRO A 61 -2.69 -3.46 -10.95
N ALA A 62 -2.84 -2.81 -12.06
CA ALA A 62 -2.18 -1.52 -12.30
C ALA A 62 -2.96 -0.39 -11.65
N ALA A 63 -2.28 0.49 -10.98
CA ALA A 63 -2.98 1.63 -10.31
C ALA A 63 -3.56 2.60 -11.33
N ASN A 64 -4.25 3.61 -10.86
CA ASN A 64 -4.86 4.61 -11.81
C ASN A 64 -4.01 5.87 -11.90
N GLU A 65 -4.61 6.96 -12.28
CA GLU A 65 -3.87 8.25 -12.40
C GLU A 65 -3.69 8.89 -11.02
N ARG A 66 -4.62 8.68 -10.13
CA ARG A 66 -4.48 9.30 -8.77
C ARG A 66 -3.27 8.69 -8.06
N GLU A 67 -3.05 7.43 -8.26
CA GLU A 67 -1.88 6.75 -7.62
C GLU A 67 -0.59 7.29 -8.24
N ILE A 68 -0.69 8.09 -9.27
CA ILE A 68 0.55 8.63 -9.92
C ILE A 68 0.96 9.97 -9.30
N GLY A 69 0.01 10.79 -8.91
CA GLY A 69 0.37 12.12 -8.34
C GLY A 69 0.84 11.99 -6.89
N MET A 70 -0.02 11.59 -6.00
CA MET A 70 0.43 11.46 -4.59
C MET A 70 1.72 10.68 -4.57
N LEU A 71 1.70 9.60 -5.27
CA LEU A 71 2.85 8.70 -5.29
C LEU A 71 4.07 9.44 -5.80
N GLU A 72 3.86 10.41 -6.65
CA GLU A 72 4.99 11.21 -7.17
C GLU A 72 5.37 12.30 -6.16
N CYS A 73 4.41 12.90 -5.53
CA CYS A 73 4.74 13.96 -4.52
C CYS A 73 5.80 13.41 -3.57
N VAL A 74 5.66 12.18 -3.18
CA VAL A 74 6.69 11.57 -2.28
C VAL A 74 7.76 10.91 -3.13
N THR A 75 8.52 11.70 -3.83
CA THR A 75 9.59 11.14 -4.72
C THR A 75 10.45 10.12 -3.98
N ALA A 76 10.17 8.86 -4.18
CA ALA A 76 10.97 7.79 -3.52
C ALA A 76 11.40 6.76 -4.57
N GLU A 77 12.21 7.17 -5.51
CA GLU A 77 12.66 6.23 -6.58
C GLU A 77 11.51 5.33 -7.00
N LEU A 78 10.47 5.93 -7.47
CA LEU A 78 9.28 5.18 -7.92
C LEU A 78 9.64 3.99 -8.81
N LYS A 79 9.05 2.86 -8.55
CA LYS A 79 9.32 1.64 -9.38
C LYS A 79 7.97 1.13 -9.89
N PRO A 80 7.98 0.04 -10.60
CA PRO A 80 6.71 -0.53 -11.11
C PRO A 80 5.82 -1.03 -9.97
N ASN A 81 6.40 -1.38 -8.86
CA ASN A 81 5.58 -1.90 -7.73
C ASN A 81 5.27 -0.83 -6.68
N SER A 82 5.92 0.29 -6.70
CA SER A 82 5.63 1.35 -5.68
C SER A 82 4.13 1.67 -5.68
N ARG A 83 3.59 2.09 -4.58
CA ARG A 83 2.14 2.41 -4.58
C ARG A 83 1.69 2.98 -3.23
N LEU A 84 0.54 3.61 -3.19
CA LEU A 84 0.03 4.19 -1.90
C LEU A 84 -0.68 3.10 -1.08
N SER A 85 -0.59 3.15 0.23
CA SER A 85 -1.31 2.14 1.05
C SER A 85 -2.70 1.93 0.42
N CYS A 86 -3.19 3.00 -0.13
CA CYS A 86 -4.53 3.05 -0.80
C CYS A 86 -4.39 2.80 -2.31
N GLN A 87 -3.65 1.82 -2.72
CA GLN A 87 -3.49 1.61 -4.19
C GLN A 87 -3.81 0.19 -4.62
N ILE A 88 -3.35 -0.76 -3.90
CA ILE A 88 -3.55 -2.18 -4.33
C ILE A 88 -4.65 -2.87 -3.53
N ILE A 89 -5.26 -3.84 -4.15
CA ILE A 89 -6.33 -4.61 -3.46
C ILE A 89 -5.78 -5.99 -3.10
N MET A 90 -6.45 -6.71 -2.25
CA MET A 90 -5.94 -8.05 -1.88
C MET A 90 -6.83 -9.15 -2.45
N THR A 91 -6.30 -9.97 -3.31
CA THR A 91 -7.11 -11.07 -3.90
C THR A 91 -6.91 -12.36 -3.10
N PRO A 92 -7.77 -13.30 -3.32
CA PRO A 92 -7.68 -14.60 -2.61
C PRO A 92 -6.51 -15.42 -3.16
N GLU A 93 -5.82 -14.90 -4.14
CA GLU A 93 -4.66 -15.66 -4.71
C GLU A 93 -3.36 -14.93 -4.32
N LEU A 94 -3.29 -13.65 -4.58
CA LEU A 94 -2.06 -12.87 -4.23
C LEU A 94 -1.89 -12.81 -2.71
N ASP A 95 -1.80 -13.93 -2.07
CA ASP A 95 -1.67 -13.91 -0.60
C ASP A 95 -0.24 -14.16 -0.13
N GLY A 96 0.16 -13.49 0.92
CA GLY A 96 1.54 -13.65 1.44
C GLY A 96 2.35 -12.45 1.00
N ILE A 97 1.69 -11.37 0.72
CA ILE A 97 2.39 -10.17 0.22
C ILE A 97 3.11 -9.40 1.32
N VAL A 98 4.17 -8.76 0.94
CA VAL A 98 4.96 -7.95 1.91
C VAL A 98 4.89 -6.49 1.50
N VAL A 99 4.45 -5.62 2.37
CA VAL A 99 4.37 -4.19 1.99
C VAL A 99 5.49 -3.44 2.62
N ASP A 100 5.58 -2.20 2.31
CA ASP A 100 6.61 -1.38 2.94
C ASP A 100 6.29 0.08 2.80
N VAL A 101 6.59 0.88 3.77
CA VAL A 101 6.32 2.33 3.61
C VAL A 101 7.61 3.00 3.10
N PRO A 102 7.46 3.82 2.09
CA PRO A 102 8.64 4.46 1.47
C PRO A 102 9.15 5.65 2.27
N ASP A 103 10.45 5.75 2.45
CA ASP A 103 11.02 6.91 3.18
C ASP A 103 11.80 7.80 2.21
N ARG A 104 11.23 8.91 1.84
CA ARG A 104 11.95 9.83 0.89
C ARG A 104 12.38 11.10 1.62
N GLN A 105 12.56 11.03 2.91
CA GLN A 105 12.98 12.24 3.67
C GLN A 105 14.32 11.98 4.37
N TRP A 106 14.63 12.75 5.39
CA TRP A 106 15.92 12.55 6.11
C TRP A 106 15.71 12.70 7.61
N SER A 1 -6.57 -12.27 1.79
CA SER A 1 -5.19 -12.81 1.62
C SER A 1 -4.33 -12.47 2.84
N LYS A 2 -3.33 -13.25 3.10
CA LYS A 2 -2.43 -12.95 4.26
C LYS A 2 -1.58 -11.73 3.92
N VAL A 3 -1.63 -10.70 4.70
CA VAL A 3 -0.84 -9.50 4.35
C VAL A 3 0.13 -9.08 5.47
N VAL A 4 1.28 -8.61 5.09
CA VAL A 4 2.28 -8.13 6.09
C VAL A 4 2.80 -6.77 5.67
N TYR A 5 2.70 -5.81 6.54
CA TYR A 5 3.16 -4.44 6.19
C TYR A 5 4.50 -4.14 6.84
N VAL A 6 5.34 -3.45 6.14
CA VAL A 6 6.67 -3.09 6.75
C VAL A 6 6.83 -1.58 6.77
N SER A 7 7.52 -1.07 7.74
CA SER A 7 7.74 0.39 7.81
C SER A 7 9.20 0.66 7.51
N HIS A 8 9.49 1.68 6.76
CA HIS A 8 10.91 1.96 6.44
C HIS A 8 11.77 1.86 7.71
N ASP A 9 11.18 1.99 8.87
CA ASP A 9 11.98 1.89 10.12
C ASP A 9 12.17 0.42 10.51
N GLY A 10 11.53 -0.48 9.81
CA GLY A 10 11.69 -1.94 10.12
C GLY A 10 10.42 -2.54 10.73
N THR A 11 9.71 -1.81 11.56
CA THR A 11 8.49 -2.38 12.17
C THR A 11 7.61 -3.00 11.09
N ARG A 12 6.94 -4.06 11.42
CA ARG A 12 6.08 -4.74 10.42
C ARG A 12 4.68 -5.00 10.99
N ARG A 13 3.70 -5.17 10.13
CA ARG A 13 2.31 -5.43 10.61
C ARG A 13 1.63 -6.49 9.72
N GLU A 14 1.19 -7.58 10.28
CA GLU A 14 0.52 -8.62 9.45
C GLU A 14 -1.00 -8.50 9.55
N LEU A 15 -1.66 -8.35 8.43
CA LEU A 15 -3.15 -8.22 8.46
C LEU A 15 -3.80 -9.46 7.85
N ASP A 16 -4.95 -9.82 8.34
CA ASP A 16 -5.67 -10.97 7.75
C ASP A 16 -6.74 -10.40 6.83
N VAL A 17 -6.41 -10.20 5.59
CA VAL A 17 -7.39 -9.59 4.65
C VAL A 17 -8.08 -10.65 3.81
N ALA A 18 -9.07 -10.27 3.06
CA ALA A 18 -9.80 -11.25 2.21
C ALA A 18 -9.80 -10.80 0.75
N ASP A 19 -10.90 -10.99 0.06
CA ASP A 19 -10.95 -10.59 -1.36
C ASP A 19 -11.76 -9.29 -1.50
N GLY A 20 -11.18 -8.28 -2.08
CA GLY A 20 -11.90 -6.99 -2.26
C GLY A 20 -11.31 -5.91 -1.34
N VAL A 21 -10.34 -6.25 -0.53
CA VAL A 21 -9.73 -5.20 0.36
C VAL A 21 -8.39 -4.74 -0.20
N SER A 22 -7.87 -3.70 0.37
CA SER A 22 -6.55 -3.16 -0.08
C SER A 22 -5.57 -3.16 1.10
N LEU A 23 -4.30 -3.00 0.86
CA LEU A 23 -3.34 -2.95 2.02
C LEU A 23 -3.81 -1.85 2.95
N MET A 24 -4.35 -0.82 2.38
CA MET A 24 -4.84 0.32 3.19
C MET A 24 -6.05 -0.10 4.00
N GLN A 25 -7.11 -0.40 3.34
CA GLN A 25 -8.37 -0.78 4.02
C GLN A 25 -8.11 -1.64 5.28
N ALA A 26 -7.77 -2.90 5.13
CA ALA A 26 -7.54 -3.74 6.37
C ALA A 26 -6.72 -2.94 7.36
N ALA A 27 -5.58 -2.49 6.95
CA ALA A 27 -4.69 -1.69 7.84
C ALA A 27 -5.48 -0.50 8.41
N VAL A 28 -5.96 0.32 7.51
CA VAL A 28 -6.77 1.51 7.88
C VAL A 28 -7.56 1.25 9.18
N SER A 29 -8.48 0.32 9.14
CA SER A 29 -9.27 0.00 10.35
C SER A 29 -8.35 -0.44 11.46
N ASN A 30 -7.44 -1.31 11.14
CA ASN A 30 -6.45 -1.76 12.14
C ASN A 30 -5.67 -0.54 12.62
N GLY A 31 -5.84 0.58 11.97
CA GLY A 31 -5.10 1.81 12.40
C GLY A 31 -3.73 1.80 11.76
N ILE A 32 -3.36 0.72 11.15
CA ILE A 32 -2.03 0.65 10.48
C ILE A 32 -1.78 1.96 9.73
N TYR A 33 -2.82 2.55 9.20
CA TYR A 33 -2.64 3.84 8.46
C TYR A 33 -3.18 5.02 9.25
N ASP A 34 -2.65 5.28 10.41
CA ASP A 34 -3.13 6.47 11.18
C ASP A 34 -2.56 7.74 10.53
N ILE A 35 -2.60 7.83 9.23
CA ILE A 35 -2.07 9.02 8.52
C ILE A 35 -3.19 9.66 7.68
N VAL A 36 -3.43 10.92 7.86
CA VAL A 36 -4.52 11.59 7.08
C VAL A 36 -4.06 11.93 5.66
N GLY A 37 -4.68 11.35 4.68
CA GLY A 37 -4.29 11.64 3.27
C GLY A 37 -5.49 12.21 2.52
N ASP A 38 -5.50 12.09 1.21
CA ASP A 38 -6.66 12.63 0.43
C ASP A 38 -7.40 11.48 -0.27
N CYS A 39 -6.99 10.28 -0.02
CA CYS A 39 -7.65 9.09 -0.65
C CYS A 39 -9.05 8.86 -0.09
N GLY A 40 -9.25 9.04 1.19
CA GLY A 40 -10.60 8.79 1.75
C GLY A 40 -11.07 7.45 1.21
N GLY A 41 -10.14 6.58 0.94
CA GLY A 41 -10.47 5.25 0.37
C GLY A 41 -10.69 5.40 -1.14
N SER A 42 -9.93 6.24 -1.78
CA SER A 42 -10.10 6.44 -3.25
C SER A 42 -8.77 6.59 -3.97
N ALA A 43 -7.67 6.40 -3.29
CA ALA A 43 -6.33 6.50 -3.96
C ALA A 43 -5.97 7.95 -4.32
N SER A 44 -6.04 8.81 -3.36
CA SER A 44 -5.65 10.23 -3.60
C SER A 44 -4.73 10.64 -2.45
N CYS A 45 -3.92 9.73 -1.97
CA CYS A 45 -3.07 10.10 -0.79
C CYS A 45 -1.56 10.22 -1.02
N ALA A 46 -1.02 11.35 -0.73
CA ALA A 46 0.45 11.49 -0.83
C ALA A 46 1.07 11.02 0.48
N THR A 47 0.27 10.45 1.36
CA THR A 47 0.79 9.97 2.67
C THR A 47 0.79 8.43 2.78
N CYS A 48 -0.24 7.76 2.32
CA CYS A 48 -0.25 6.26 2.43
C CYS A 48 0.68 5.62 1.39
N HIS A 49 1.61 6.34 0.82
CA HIS A 49 2.52 5.71 -0.17
C HIS A 49 3.00 4.37 0.40
N VAL A 50 3.04 3.34 -0.39
CA VAL A 50 3.50 2.03 0.15
C VAL A 50 4.38 1.34 -0.87
N TYR A 51 5.21 0.49 -0.38
CA TYR A 51 6.13 -0.26 -1.26
C TYR A 51 5.85 -1.75 -1.13
N VAL A 52 5.53 -2.40 -2.21
CA VAL A 52 5.23 -3.86 -2.14
C VAL A 52 6.45 -4.67 -2.59
N ASN A 53 6.41 -5.98 -2.50
CA ASN A 53 7.58 -6.80 -2.95
C ASN A 53 7.34 -7.25 -4.39
N GLU A 54 8.35 -7.20 -5.21
CA GLU A 54 8.17 -7.62 -6.64
C GLU A 54 7.25 -8.85 -6.76
N ALA A 55 7.16 -9.66 -5.73
CA ALA A 55 6.29 -10.87 -5.80
C ALA A 55 4.80 -10.51 -5.80
N PHE A 56 4.37 -9.62 -4.94
CA PHE A 56 2.92 -9.27 -4.90
C PHE A 56 2.61 -7.98 -5.66
N THR A 57 3.61 -7.24 -6.09
CA THR A 57 3.31 -5.98 -6.85
C THR A 57 2.98 -6.32 -8.30
N ASP A 58 3.60 -7.35 -8.83
CA ASP A 58 3.34 -7.73 -10.25
C ASP A 58 2.00 -8.44 -10.34
N LYS A 59 1.58 -9.08 -9.28
CA LYS A 59 0.28 -9.80 -9.31
C LYS A 59 -0.87 -8.80 -9.12
N VAL A 60 -0.82 -8.02 -8.06
CA VAL A 60 -1.88 -7.03 -7.81
C VAL A 60 -2.30 -6.35 -9.12
N PRO A 61 -3.44 -5.72 -9.07
CA PRO A 61 -3.98 -5.01 -10.26
C PRO A 61 -3.10 -3.84 -10.66
N ALA A 62 -3.28 -3.41 -11.87
CA ALA A 62 -2.50 -2.29 -12.42
C ALA A 62 -3.07 -0.94 -11.96
N ALA A 63 -2.26 -0.16 -11.31
CA ALA A 63 -2.74 1.17 -10.83
C ALA A 63 -2.96 2.11 -12.02
N ASN A 64 -3.85 3.06 -11.89
CA ASN A 64 -4.11 4.00 -13.02
C ASN A 64 -3.38 5.33 -12.83
N GLU A 65 -3.64 6.27 -13.69
CA GLU A 65 -2.98 7.61 -13.57
C GLU A 65 -3.21 8.18 -12.17
N ARG A 66 -4.20 7.67 -11.47
CA ARG A 66 -4.46 8.18 -10.10
C ARG A 66 -3.28 7.86 -9.21
N GLU A 67 -2.91 6.61 -9.14
CA GLU A 67 -1.76 6.18 -8.29
C GLU A 67 -0.47 6.88 -8.72
N ILE A 68 -0.48 7.64 -9.78
CA ILE A 68 0.77 8.31 -10.21
C ILE A 68 0.91 9.70 -9.60
N GLY A 69 -0.15 10.27 -9.07
CA GLY A 69 -0.05 11.63 -8.47
C GLY A 69 0.31 11.53 -6.98
N MET A 70 -0.66 11.31 -6.13
CA MET A 70 -0.34 11.24 -4.66
C MET A 70 0.86 10.33 -4.44
N LEU A 71 1.00 9.31 -5.23
CA LEU A 71 2.16 8.40 -5.07
C LEU A 71 3.43 9.19 -5.37
N GLU A 72 3.32 10.17 -6.22
CA GLU A 72 4.51 11.01 -6.55
C GLU A 72 4.57 12.21 -5.60
N CYS A 73 3.47 12.60 -5.02
CA CYS A 73 3.49 13.76 -4.10
C CYS A 73 4.64 13.57 -3.10
N VAL A 74 4.76 12.39 -2.57
CA VAL A 74 5.88 12.13 -1.62
C VAL A 74 7.09 11.61 -2.41
N THR A 75 7.83 12.51 -3.01
CA THR A 75 9.02 12.07 -3.80
C THR A 75 9.86 11.07 -3.01
N ALA A 76 9.58 9.81 -3.18
CA ALA A 76 10.36 8.76 -2.45
C ALA A 76 11.07 7.86 -3.46
N GLU A 77 11.87 8.42 -4.33
CA GLU A 77 12.58 7.60 -5.36
C GLU A 77 11.65 6.49 -5.86
N LEU A 78 10.46 6.89 -6.21
CA LEU A 78 9.42 5.95 -6.72
C LEU A 78 10.02 4.64 -7.22
N LYS A 79 9.44 3.53 -6.83
CA LYS A 79 9.97 2.21 -7.29
C LYS A 79 9.08 1.71 -8.43
N PRO A 80 9.51 0.66 -9.07
CA PRO A 80 8.70 0.07 -10.17
C PRO A 80 7.43 -0.54 -9.61
N ASN A 81 7.47 -0.96 -8.38
CA ASN A 81 6.26 -1.57 -7.74
C ASN A 81 5.62 -0.61 -6.74
N SER A 82 6.23 0.53 -6.49
CA SER A 82 5.63 1.49 -5.52
C SER A 82 4.14 1.71 -5.80
N ARG A 83 3.41 2.15 -4.81
CA ARG A 83 1.96 2.41 -5.00
C ARG A 83 1.38 3.03 -3.72
N LEU A 84 0.19 3.55 -3.79
CA LEU A 84 -0.42 4.17 -2.58
C LEU A 84 -1.17 3.12 -1.77
N SER A 85 -1.14 3.23 -0.46
CA SER A 85 -1.85 2.23 0.38
C SER A 85 -3.26 1.97 -0.17
N CYS A 86 -3.89 3.01 -0.65
CA CYS A 86 -5.30 2.88 -1.15
C CYS A 86 -5.34 2.60 -2.66
N GLN A 87 -4.41 1.83 -3.16
CA GLN A 87 -4.39 1.50 -4.61
C GLN A 87 -4.34 0.00 -4.87
N ILE A 88 -3.55 -0.72 -4.15
CA ILE A 88 -3.47 -2.19 -4.40
C ILE A 88 -4.59 -2.92 -3.65
N ILE A 89 -5.05 -3.99 -4.21
CA ILE A 89 -6.13 -4.77 -3.56
C ILE A 89 -5.59 -6.11 -3.08
N MET A 90 -6.30 -6.79 -2.23
CA MET A 90 -5.82 -8.11 -1.74
C MET A 90 -6.70 -9.23 -2.28
N THR A 91 -6.38 -9.71 -3.45
CA THR A 91 -7.19 -10.80 -4.06
C THR A 91 -6.96 -12.10 -3.28
N PRO A 92 -7.85 -13.03 -3.49
CA PRO A 92 -7.75 -14.34 -2.80
C PRO A 92 -6.67 -15.21 -3.47
N GLU A 93 -6.02 -14.68 -4.46
CA GLU A 93 -4.95 -15.45 -5.15
C GLU A 93 -3.59 -14.83 -4.84
N LEU A 94 -3.58 -13.58 -4.45
CA LEU A 94 -2.30 -12.90 -4.12
C LEU A 94 -2.15 -12.78 -2.61
N ASP A 95 -2.07 -13.89 -1.95
CA ASP A 95 -1.95 -13.83 -0.47
C ASP A 95 -0.51 -14.04 -0.02
N GLY A 96 -0.15 -13.40 1.06
CA GLY A 96 1.25 -13.47 1.55
C GLY A 96 1.90 -12.17 1.12
N ILE A 97 1.09 -11.17 0.93
CA ILE A 97 1.60 -9.87 0.42
C ILE A 97 2.55 -9.19 1.40
N VAL A 98 3.73 -8.93 0.93
CA VAL A 98 4.75 -8.23 1.76
C VAL A 98 4.75 -6.75 1.38
N VAL A 99 4.40 -5.87 2.27
CA VAL A 99 4.38 -4.43 1.92
C VAL A 99 5.57 -3.73 2.51
N ASP A 100 5.60 -2.46 2.32
CA ASP A 100 6.67 -1.65 2.91
C ASP A 100 6.25 -0.19 2.92
N VAL A 101 6.54 0.50 3.97
CA VAL A 101 6.15 1.95 3.99
C VAL A 101 7.35 2.80 3.55
N PRO A 102 7.23 3.34 2.37
CA PRO A 102 8.31 4.17 1.78
C PRO A 102 8.46 5.49 2.56
N ASP A 103 9.33 5.52 3.54
CA ASP A 103 9.50 6.79 4.32
C ASP A 103 10.87 7.40 4.02
N ARG A 104 10.90 8.48 3.30
CA ARG A 104 12.22 9.14 2.98
C ARG A 104 12.35 10.47 3.73
N GLN A 105 13.52 10.76 4.24
CA GLN A 105 13.70 12.04 4.98
C GLN A 105 14.77 12.88 4.30
N TRP A 106 15.29 12.43 3.19
CA TRP A 106 16.34 13.22 2.48
C TRP A 106 15.74 14.51 1.91
N SER A 1 -6.17 -10.89 1.46
CA SER A 1 -5.49 -12.12 1.97
C SER A 1 -4.49 -11.75 3.07
N LYS A 2 -3.51 -12.59 3.28
CA LYS A 2 -2.50 -12.30 4.34
C LYS A 2 -1.57 -11.18 3.88
N VAL A 3 -1.72 -10.00 4.43
CA VAL A 3 -0.82 -8.88 4.03
C VAL A 3 0.12 -8.53 5.16
N VAL A 4 1.32 -8.14 4.83
CA VAL A 4 2.30 -7.76 5.89
C VAL A 4 2.93 -6.42 5.56
N TYR A 5 2.99 -5.53 6.51
CA TYR A 5 3.57 -4.20 6.24
C TYR A 5 4.90 -4.01 6.92
N VAL A 6 5.87 -3.60 6.19
CA VAL A 6 7.21 -3.34 6.81
C VAL A 6 7.40 -1.84 7.00
N SER A 7 7.58 -1.41 8.21
CA SER A 7 7.81 0.02 8.45
C SER A 7 9.26 0.34 8.13
N HIS A 8 9.49 1.34 7.35
CA HIS A 8 10.89 1.70 6.99
C HIS A 8 11.85 1.52 8.17
N ASP A 9 11.35 1.61 9.38
CA ASP A 9 12.25 1.43 10.56
C ASP A 9 12.51 -0.07 10.82
N GLY A 10 11.90 -0.92 10.06
CA GLY A 10 12.11 -2.39 10.26
C GLY A 10 10.85 -3.05 10.82
N THR A 11 10.11 -2.34 11.64
CA THR A 11 8.88 -2.93 12.21
C THR A 11 8.04 -3.54 11.08
N ARG A 12 7.44 -4.65 11.35
CA ARG A 12 6.60 -5.33 10.32
C ARG A 12 5.20 -5.62 10.84
N ARG A 13 4.20 -5.09 10.18
CA ARG A 13 2.79 -5.35 10.61
C ARG A 13 2.18 -6.44 9.73
N GLU A 14 1.23 -7.18 10.23
CA GLU A 14 0.63 -8.24 9.39
C GLU A 14 -0.90 -8.13 9.42
N LEU A 15 -1.53 -8.22 8.29
CA LEU A 15 -3.01 -8.11 8.25
C LEU A 15 -3.62 -9.36 7.62
N ASP A 16 -4.76 -9.76 8.11
CA ASP A 16 -5.45 -10.91 7.51
C ASP A 16 -6.54 -10.33 6.61
N VAL A 17 -6.21 -10.01 5.40
CA VAL A 17 -7.19 -9.39 4.49
C VAL A 17 -7.81 -10.44 3.56
N ALA A 18 -8.79 -10.05 2.80
CA ALA A 18 -9.44 -11.05 1.90
C ALA A 18 -9.46 -10.56 0.45
N ASP A 19 -10.49 -10.89 -0.28
CA ASP A 19 -10.59 -10.48 -1.70
C ASP A 19 -11.45 -9.22 -1.82
N GLY A 20 -10.89 -8.19 -2.37
CA GLY A 20 -11.67 -6.92 -2.53
C GLY A 20 -11.12 -5.86 -1.59
N VAL A 21 -10.30 -6.24 -0.64
CA VAL A 21 -9.74 -5.23 0.30
C VAL A 21 -8.45 -4.63 -0.27
N SER A 22 -7.99 -3.60 0.36
CA SER A 22 -6.73 -2.93 -0.08
C SER A 22 -5.74 -2.96 1.08
N LEU A 23 -4.45 -2.94 0.85
CA LEU A 23 -3.53 -2.95 2.02
C LEU A 23 -3.96 -1.82 2.94
N MET A 24 -4.62 -0.84 2.40
CA MET A 24 -5.09 0.31 3.24
C MET A 24 -6.25 -0.14 4.10
N GLN A 25 -7.33 -0.45 3.47
CA GLN A 25 -8.56 -0.85 4.19
C GLN A 25 -8.23 -1.69 5.44
N ALA A 26 -7.77 -2.91 5.31
CA ALA A 26 -7.47 -3.69 6.55
C ALA A 26 -6.59 -2.82 7.47
N ALA A 27 -5.45 -2.41 6.98
CA ALA A 27 -4.54 -1.55 7.79
C ALA A 27 -5.34 -0.41 8.40
N VAL A 28 -5.96 0.36 7.56
CA VAL A 28 -6.82 1.49 7.99
C VAL A 28 -7.54 1.12 9.30
N SER A 29 -8.38 0.14 9.25
CA SER A 29 -9.11 -0.30 10.47
C SER A 29 -8.10 -0.73 11.53
N ASN A 30 -7.15 -1.51 11.14
CA ASN A 30 -6.11 -1.98 12.08
C ASN A 30 -5.37 -0.77 12.66
N GLY A 31 -5.64 0.40 12.15
CA GLY A 31 -4.95 1.61 12.66
C GLY A 31 -3.66 1.86 11.89
N ILE A 32 -3.16 0.86 11.22
CA ILE A 32 -1.91 1.02 10.43
C ILE A 32 -1.92 2.37 9.72
N TYR A 33 -3.06 2.79 9.22
CA TYR A 33 -3.10 4.09 8.50
C TYR A 33 -3.84 5.18 9.27
N ASP A 34 -3.38 5.51 10.44
CA ASP A 34 -4.04 6.62 11.17
C ASP A 34 -3.79 7.92 10.39
N ILE A 35 -2.90 7.86 9.43
CA ILE A 35 -2.57 9.05 8.59
C ILE A 35 -3.64 9.25 7.52
N VAL A 36 -4.47 10.24 7.68
CA VAL A 36 -5.54 10.50 6.66
C VAL A 36 -4.99 11.37 5.53
N GLY A 37 -5.22 10.98 4.30
CA GLY A 37 -4.71 11.78 3.15
C GLY A 37 -5.89 12.24 2.28
N ASP A 38 -5.77 12.12 0.99
CA ASP A 38 -6.89 12.54 0.09
C ASP A 38 -7.46 11.32 -0.64
N CYS A 39 -7.54 10.22 0.05
CA CYS A 39 -8.10 8.97 -0.57
C CYS A 39 -9.45 8.65 0.07
N GLY A 40 -9.60 8.91 1.34
CA GLY A 40 -10.89 8.60 2.01
C GLY A 40 -11.31 7.19 1.59
N GLY A 41 -10.36 6.34 1.34
CA GLY A 41 -10.69 4.96 0.91
C GLY A 41 -11.03 4.97 -0.58
N SER A 42 -10.40 5.85 -1.32
CA SER A 42 -10.70 5.92 -2.79
C SER A 42 -9.41 5.94 -3.61
N ALA A 43 -8.28 5.80 -2.97
CA ALA A 43 -6.99 5.78 -3.73
C ALA A 43 -6.62 7.15 -4.28
N SER A 44 -6.70 8.15 -3.47
CA SER A 44 -6.30 9.52 -3.92
C SER A 44 -5.41 10.12 -2.84
N CYS A 45 -4.47 9.35 -2.32
CA CYS A 45 -3.65 9.89 -1.19
C CYS A 45 -2.17 10.18 -1.52
N ALA A 46 -1.61 11.10 -0.78
CA ALA A 46 -0.17 11.44 -0.94
C ALA A 46 0.58 10.99 0.31
N THR A 47 -0.12 10.48 1.29
CA THR A 47 0.54 10.05 2.56
C THR A 47 0.55 8.52 2.72
N CYS A 48 -0.44 7.84 2.21
CA CYS A 48 -0.45 6.34 2.36
C CYS A 48 0.48 5.68 1.34
N HIS A 49 1.56 6.32 0.99
CA HIS A 49 2.51 5.69 0.02
C HIS A 49 3.01 4.38 0.63
N VAL A 50 3.01 3.31 -0.11
CA VAL A 50 3.49 2.03 0.47
C VAL A 50 4.32 1.29 -0.54
N TYR A 51 5.18 0.45 -0.06
CA TYR A 51 6.04 -0.33 -0.98
C TYR A 51 5.72 -1.81 -0.83
N VAL A 52 5.06 -2.35 -1.80
CA VAL A 52 4.68 -3.80 -1.74
C VAL A 52 5.84 -4.66 -2.34
N ASN A 53 6.08 -5.87 -1.90
CA ASN A 53 7.20 -6.65 -2.53
C ASN A 53 6.77 -7.12 -3.92
N GLU A 54 7.57 -6.83 -4.92
CA GLU A 54 7.23 -7.21 -6.32
C GLU A 54 6.48 -8.55 -6.37
N ALA A 55 6.81 -9.47 -5.52
CA ALA A 55 6.10 -10.78 -5.54
C ALA A 55 4.59 -10.59 -5.41
N PHE A 56 4.16 -9.43 -5.00
CA PHE A 56 2.69 -9.19 -4.86
C PHE A 56 2.28 -7.90 -5.58
N THR A 57 3.22 -7.06 -5.90
CA THR A 57 2.87 -5.79 -6.62
C THR A 57 2.68 -6.10 -8.11
N ASP A 58 3.42 -7.07 -8.61
CA ASP A 58 3.30 -7.43 -10.04
C ASP A 58 2.00 -8.21 -10.28
N LYS A 59 1.52 -8.88 -9.27
CA LYS A 59 0.26 -9.65 -9.42
C LYS A 59 -0.94 -8.71 -9.30
N VAL A 60 -1.00 -7.96 -8.24
CA VAL A 60 -2.13 -7.01 -8.07
C VAL A 60 -2.42 -6.29 -9.39
N PRO A 61 -3.55 -5.64 -9.43
CA PRO A 61 -3.97 -4.89 -10.64
C PRO A 61 -2.99 -3.77 -10.97
N ALA A 62 -3.07 -3.31 -12.17
CA ALA A 62 -2.19 -2.23 -12.66
C ALA A 62 -2.69 -0.86 -12.21
N ALA A 63 -1.87 -0.11 -11.55
CA ALA A 63 -2.28 1.24 -11.08
C ALA A 63 -2.43 2.18 -12.29
N ASN A 64 -3.36 3.10 -12.23
CA ASN A 64 -3.55 4.03 -13.38
C ASN A 64 -2.90 5.40 -13.14
N GLU A 65 -3.14 6.33 -14.03
CA GLU A 65 -2.54 7.69 -13.89
C GLU A 65 -2.86 8.28 -12.51
N ARG A 66 -3.87 7.80 -11.86
CA ARG A 66 -4.21 8.35 -10.51
C ARG A 66 -3.06 8.05 -9.55
N GLU A 67 -2.70 6.82 -9.42
CA GLU A 67 -1.61 6.45 -8.49
C GLU A 67 -0.31 7.16 -8.84
N ILE A 68 0.11 7.12 -10.07
CA ILE A 68 1.40 7.78 -10.43
C ILE A 68 1.48 9.21 -9.86
N GLY A 69 0.37 9.87 -9.64
CA GLY A 69 0.46 11.25 -9.07
C GLY A 69 0.39 11.17 -7.54
N MET A 70 -0.73 10.79 -7.01
CA MET A 70 -0.86 10.67 -5.53
C MET A 70 0.31 9.88 -4.96
N LEU A 71 0.67 8.83 -5.65
CA LEU A 71 1.79 7.99 -5.20
C LEU A 71 3.09 8.78 -5.39
N GLU A 72 3.06 9.73 -6.30
CA GLU A 72 4.25 10.58 -6.56
C GLU A 72 4.19 11.83 -5.68
N CYS A 73 3.06 12.10 -5.08
CA CYS A 73 2.97 13.32 -4.22
C CYS A 73 4.16 13.35 -3.27
N VAL A 74 4.42 12.26 -2.61
CA VAL A 74 5.60 12.21 -1.71
C VAL A 74 6.80 11.71 -2.50
N THR A 75 7.58 12.60 -3.04
CA THR A 75 8.76 12.19 -3.85
C THR A 75 9.58 11.14 -3.11
N ALA A 76 9.30 9.89 -3.35
CA ALA A 76 10.07 8.81 -2.67
C ALA A 76 10.67 7.87 -3.71
N GLU A 77 11.35 8.41 -4.69
CA GLU A 77 11.96 7.55 -5.75
C GLU A 77 11.00 6.42 -6.11
N LEU A 78 9.84 6.78 -6.56
CA LEU A 78 8.80 5.79 -6.95
C LEU A 78 9.42 4.49 -7.46
N LYS A 79 9.10 3.40 -6.83
CA LYS A 79 9.65 2.09 -7.27
C LYS A 79 8.74 1.53 -8.37
N PRO A 80 9.18 0.47 -9.00
CA PRO A 80 8.36 -0.16 -10.05
C PRO A 80 7.09 -0.74 -9.43
N ASN A 81 7.16 -1.09 -8.18
CA ASN A 81 5.97 -1.68 -7.50
C ASN A 81 5.37 -0.71 -6.48
N SER A 82 5.98 0.43 -6.26
CA SER A 82 5.41 1.39 -5.26
C SER A 82 3.92 1.60 -5.50
N ARG A 83 3.16 1.75 -4.45
CA ARG A 83 1.70 1.96 -4.60
C ARG A 83 1.14 2.70 -3.38
N LEU A 84 -0.05 3.21 -3.49
CA LEU A 84 -0.68 3.94 -2.35
C LEU A 84 -1.42 2.94 -1.46
N SER A 85 -1.40 3.12 -0.16
CA SER A 85 -2.13 2.16 0.70
C SER A 85 -3.53 1.91 0.12
N CYS A 86 -4.21 2.98 -0.24
CA CYS A 86 -5.59 2.85 -0.80
C CYS A 86 -5.52 2.75 -2.33
N GLN A 87 -4.55 2.05 -2.84
CA GLN A 87 -4.40 1.92 -4.31
C GLN A 87 -4.40 0.45 -4.74
N ILE A 88 -3.74 -0.38 -4.00
CA ILE A 88 -3.70 -1.82 -4.39
C ILE A 88 -4.81 -2.60 -3.69
N ILE A 89 -5.29 -3.62 -4.31
CA ILE A 89 -6.36 -4.45 -3.69
C ILE A 89 -5.77 -5.81 -3.33
N MET A 90 -6.45 -6.57 -2.51
CA MET A 90 -5.90 -7.89 -2.14
C MET A 90 -6.74 -9.01 -2.75
N THR A 91 -6.11 -9.89 -3.46
CA THR A 91 -6.86 -11.02 -4.08
C THR A 91 -6.59 -12.31 -3.31
N PRO A 92 -7.47 -13.26 -3.47
CA PRO A 92 -7.32 -14.56 -2.78
C PRO A 92 -6.18 -15.37 -3.41
N GLU A 93 -5.56 -14.86 -4.43
CA GLU A 93 -4.43 -15.59 -5.07
C GLU A 93 -3.11 -14.87 -4.78
N LEU A 94 -3.17 -13.58 -4.58
CA LEU A 94 -1.94 -12.80 -4.28
C LEU A 94 -1.78 -12.68 -2.79
N ASP A 95 -2.11 -13.72 -2.10
CA ASP A 95 -2.04 -13.70 -0.63
C ASP A 95 -0.63 -13.97 -0.11
N GLY A 96 -0.26 -13.30 0.95
CA GLY A 96 1.11 -13.48 1.50
C GLY A 96 1.95 -12.31 1.03
N ILE A 97 1.32 -11.19 0.78
CA ILE A 97 2.05 -10.02 0.26
C ILE A 97 2.84 -9.31 1.34
N VAL A 98 4.07 -8.99 1.02
CA VAL A 98 4.93 -8.26 1.99
C VAL A 98 5.02 -6.79 1.57
N VAL A 99 4.29 -5.92 2.21
CA VAL A 99 4.40 -4.50 1.80
C VAL A 99 5.23 -3.72 2.82
N ASP A 100 5.55 -2.52 2.48
CA ASP A 100 6.42 -1.71 3.38
C ASP A 100 6.03 -0.24 3.36
N VAL A 101 6.64 0.51 4.22
CA VAL A 101 6.36 1.97 4.27
C VAL A 101 7.55 2.74 3.70
N PRO A 102 7.35 3.31 2.53
CA PRO A 102 8.42 4.07 1.84
C PRO A 102 8.72 5.40 2.55
N ASP A 103 9.69 5.44 3.42
CA ASP A 103 10.03 6.71 4.11
C ASP A 103 11.37 7.24 3.61
N ARG A 104 11.36 8.34 2.92
CA ARG A 104 12.64 8.91 2.40
C ARG A 104 12.97 10.22 3.14
N GLN A 105 14.04 10.21 3.90
CA GLN A 105 14.42 11.44 4.64
C GLN A 105 15.80 11.94 4.19
N TRP A 106 16.36 11.30 3.20
CA TRP A 106 17.71 11.74 2.71
C TRP A 106 17.58 12.48 1.39
N SER A 1 -6.54 -12.41 2.13
CA SER A 1 -5.11 -12.75 1.78
C SER A 1 -4.19 -12.28 2.91
N LYS A 2 -3.15 -13.03 3.17
CA LYS A 2 -2.19 -12.64 4.24
C LYS A 2 -1.39 -11.42 3.79
N VAL A 3 -1.39 -10.36 4.57
CA VAL A 3 -0.63 -9.16 4.15
C VAL A 3 0.41 -8.81 5.22
N VAL A 4 1.61 -8.46 4.81
CA VAL A 4 2.66 -8.12 5.80
C VAL A 4 3.21 -6.71 5.62
N TYR A 5 2.90 -5.84 6.55
CA TYR A 5 3.37 -4.44 6.46
C TYR A 5 4.78 -4.30 6.98
N VAL A 6 5.60 -3.64 6.23
CA VAL A 6 6.99 -3.41 6.72
C VAL A 6 7.29 -1.93 6.82
N SER A 7 7.78 -1.48 7.93
CA SER A 7 8.09 -0.04 8.05
C SER A 7 9.42 0.24 7.35
N HIS A 8 10.05 1.31 7.67
CA HIS A 8 11.38 1.59 7.03
C HIS A 8 12.48 1.23 8.01
N ASP A 9 12.13 0.98 9.25
CA ASP A 9 13.15 0.60 10.26
C ASP A 9 13.11 -0.92 10.46
N GLY A 10 12.25 -1.61 9.77
CA GLY A 10 12.16 -3.09 9.92
C GLY A 10 10.86 -3.47 10.63
N THR A 11 10.25 -2.56 11.33
CA THR A 11 8.98 -2.89 12.03
C THR A 11 8.03 -3.57 11.06
N ARG A 12 7.30 -4.52 11.54
CA ARG A 12 6.35 -5.25 10.65
C ARG A 12 4.92 -5.20 11.20
N ARG A 13 3.95 -5.02 10.33
CA ARG A 13 2.52 -4.97 10.77
C ARG A 13 1.64 -5.72 9.76
N GLU A 14 1.79 -6.99 9.68
CA GLU A 14 1.00 -7.78 8.69
C GLU A 14 -0.48 -7.77 9.06
N LEU A 15 -1.33 -7.68 8.07
CA LEU A 15 -2.79 -7.65 8.32
C LEU A 15 -3.42 -8.95 7.86
N ASP A 16 -4.48 -9.36 8.47
CA ASP A 16 -5.19 -10.58 8.01
C ASP A 16 -6.37 -10.10 7.18
N VAL A 17 -6.14 -9.86 5.93
CA VAL A 17 -7.22 -9.32 5.06
C VAL A 17 -7.87 -10.43 4.25
N ALA A 18 -8.95 -10.11 3.58
CA ALA A 18 -9.65 -11.14 2.76
C ALA A 18 -9.67 -10.73 1.29
N ASP A 19 -10.76 -10.94 0.62
CA ASP A 19 -10.85 -10.58 -0.81
C ASP A 19 -11.71 -9.32 -0.99
N GLY A 20 -11.17 -8.33 -1.64
CA GLY A 20 -11.95 -7.08 -1.86
C GLY A 20 -11.35 -5.93 -1.03
N VAL A 21 -10.39 -6.21 -0.19
CA VAL A 21 -9.78 -5.11 0.61
C VAL A 21 -8.43 -4.70 0.02
N SER A 22 -7.88 -3.63 0.51
CA SER A 22 -6.57 -3.15 0.02
C SER A 22 -5.57 -3.11 1.19
N LEU A 23 -4.29 -3.10 0.91
CA LEU A 23 -3.32 -3.05 2.04
C LEU A 23 -3.62 -1.86 2.92
N MET A 24 -4.35 -0.91 2.43
CA MET A 24 -4.67 0.27 3.26
C MET A 24 -5.94 0.03 4.03
N GLN A 25 -7.01 -0.23 3.35
CA GLN A 25 -8.31 -0.46 4.01
C GLN A 25 -8.12 -1.26 5.30
N ALA A 26 -7.68 -2.50 5.24
CA ALA A 26 -7.49 -3.26 6.50
C ALA A 26 -6.71 -2.38 7.48
N ALA A 27 -5.55 -1.91 7.09
CA ALA A 27 -4.76 -1.01 7.98
C ALA A 27 -5.66 0.14 8.42
N VAL A 28 -6.21 0.83 7.46
CA VAL A 28 -7.16 1.94 7.72
C VAL A 28 -8.05 1.58 8.92
N SER A 29 -8.59 0.40 8.93
CA SER A 29 -9.44 -0.02 10.08
C SER A 29 -8.54 -0.45 11.22
N ASN A 30 -7.53 -1.21 10.89
CA ASN A 30 -6.57 -1.68 11.94
C ASN A 30 -5.92 -0.47 12.62
N GLY A 31 -6.16 0.71 12.09
CA GLY A 31 -5.57 1.93 12.70
C GLY A 31 -4.15 2.14 12.21
N ILE A 32 -3.52 1.13 11.68
CA ILE A 32 -2.13 1.33 11.17
C ILE A 32 -2.14 2.58 10.29
N TYR A 33 -3.26 2.85 9.68
CA TYR A 33 -3.37 4.00 8.76
C TYR A 33 -4.06 5.22 9.38
N ASP A 34 -3.59 5.73 10.47
CA ASP A 34 -4.21 6.96 11.03
C ASP A 34 -3.84 8.12 10.11
N ILE A 35 -4.17 7.98 8.85
CA ILE A 35 -3.84 9.02 7.82
C ILE A 35 -4.84 10.19 7.88
N VAL A 36 -5.03 10.85 6.77
CA VAL A 36 -5.98 12.02 6.75
C VAL A 36 -7.14 11.74 5.79
N GLY A 37 -7.59 12.73 5.06
CA GLY A 37 -8.73 12.51 4.12
C GLY A 37 -8.32 12.84 2.68
N ASP A 38 -7.70 11.92 2.00
CA ASP A 38 -7.29 12.17 0.59
C ASP A 38 -7.98 11.14 -0.32
N CYS A 39 -7.61 9.90 -0.17
CA CYS A 39 -8.24 8.81 -1.01
C CYS A 39 -9.70 8.62 -0.62
N GLY A 40 -10.10 9.16 0.50
CA GLY A 40 -11.51 8.97 0.93
C GLY A 40 -11.84 7.49 0.82
N GLY A 41 -10.84 6.65 0.89
CA GLY A 41 -11.07 5.19 0.78
C GLY A 41 -11.34 4.83 -0.69
N SER A 42 -10.79 5.58 -1.61
CA SER A 42 -11.05 5.26 -3.05
C SER A 42 -9.78 5.45 -3.90
N ALA A 43 -8.63 5.29 -3.32
CA ALA A 43 -7.38 5.43 -4.12
C ALA A 43 -7.16 6.85 -4.62
N SER A 44 -7.34 7.80 -3.78
CA SER A 44 -7.10 9.21 -4.16
C SER A 44 -6.23 9.87 -3.10
N CYS A 45 -5.16 9.21 -2.68
CA CYS A 45 -4.33 9.81 -1.59
C CYS A 45 -2.94 10.31 -1.98
N ALA A 46 -2.43 11.21 -1.20
CA ALA A 46 -1.06 11.73 -1.42
C ALA A 46 -0.16 11.26 -0.27
N THR A 47 -0.75 10.69 0.76
CA THR A 47 0.05 10.25 1.94
C THR A 47 0.12 8.72 2.06
N CYS A 48 -0.88 7.99 1.63
CA CYS A 48 -0.81 6.50 1.78
C CYS A 48 0.18 5.93 0.76
N HIS A 49 1.43 6.23 0.91
CA HIS A 49 2.43 5.66 -0.02
C HIS A 49 2.86 4.32 0.58
N VAL A 50 2.91 3.28 -0.21
CA VAL A 50 3.31 1.98 0.36
C VAL A 50 4.16 1.23 -0.64
N TYR A 51 4.96 0.36 -0.17
CA TYR A 51 5.85 -0.40 -1.07
C TYR A 51 5.59 -1.90 -0.97
N VAL A 52 5.18 -2.50 -2.04
CA VAL A 52 4.91 -3.97 -2.00
C VAL A 52 6.13 -4.73 -2.56
N ASN A 53 6.22 -6.03 -2.36
CA ASN A 53 7.38 -6.77 -2.92
C ASN A 53 7.05 -7.25 -4.34
N GLU A 54 7.97 -7.15 -5.25
CA GLU A 54 7.71 -7.57 -6.66
C GLU A 54 6.86 -8.84 -6.70
N ALA A 55 6.91 -9.66 -5.69
CA ALA A 55 6.11 -10.92 -5.70
C ALA A 55 4.60 -10.63 -5.61
N PHE A 56 4.22 -9.45 -5.20
CA PHE A 56 2.75 -9.14 -5.10
C PHE A 56 2.42 -7.82 -5.79
N THR A 57 3.41 -7.02 -6.11
CA THR A 57 3.12 -5.74 -6.82
C THR A 57 2.94 -6.03 -8.31
N ASP A 58 3.49 -7.13 -8.77
CA ASP A 58 3.36 -7.48 -10.22
C ASP A 58 2.06 -8.26 -10.45
N LYS A 59 1.54 -8.88 -9.44
CA LYS A 59 0.28 -9.64 -9.60
C LYS A 59 -0.90 -8.66 -9.56
N VAL A 60 -0.90 -7.79 -8.60
CA VAL A 60 -1.99 -6.79 -8.49
C VAL A 60 -2.28 -6.18 -9.86
N PRO A 61 -3.44 -5.58 -9.96
CA PRO A 61 -3.87 -4.94 -11.24
C PRO A 61 -3.00 -3.77 -11.61
N ALA A 62 -3.09 -3.38 -12.84
CA ALA A 62 -2.31 -2.24 -13.38
C ALA A 62 -2.96 -0.92 -13.01
N ALA A 63 -2.23 -0.05 -12.37
CA ALA A 63 -2.80 1.27 -11.99
C ALA A 63 -2.58 2.30 -13.10
N ASN A 64 -3.34 3.36 -13.10
CA ASN A 64 -3.17 4.41 -14.15
C ASN A 64 -2.35 5.59 -13.60
N GLU A 65 -2.33 6.69 -14.31
CA GLU A 65 -1.56 7.87 -13.84
C GLU A 65 -2.08 8.34 -12.48
N ARG A 66 -3.31 8.03 -12.16
CA ARG A 66 -3.86 8.47 -10.84
C ARG A 66 -3.10 7.76 -9.71
N GLU A 67 -2.37 6.74 -10.04
CA GLU A 67 -1.59 6.01 -8.99
C GLU A 67 -0.13 6.47 -9.04
N ILE A 68 0.21 7.31 -9.98
CA ILE A 68 1.62 7.76 -10.11
C ILE A 68 1.87 9.05 -9.30
N GLY A 69 1.16 10.11 -9.58
CA GLY A 69 1.40 11.38 -8.82
C GLY A 69 0.83 11.23 -7.41
N MET A 70 -0.37 10.76 -7.30
CA MET A 70 -0.98 10.55 -5.96
C MET A 70 0.01 9.82 -5.08
N LEU A 71 0.46 8.74 -5.62
CA LEU A 71 1.43 7.86 -4.95
C LEU A 71 2.77 8.57 -4.84
N GLU A 72 3.11 9.38 -5.82
CA GLU A 72 4.39 10.13 -5.74
C GLU A 72 4.15 11.48 -5.06
N CYS A 73 2.97 11.70 -4.52
CA CYS A 73 2.71 12.99 -3.86
C CYS A 73 3.87 13.29 -2.90
N VAL A 74 4.22 12.33 -2.09
CA VAL A 74 5.35 12.53 -1.16
C VAL A 74 6.64 12.06 -1.85
N THR A 75 7.54 12.97 -2.12
CA THR A 75 8.79 12.58 -2.81
C THR A 75 9.44 11.37 -2.13
N ALA A 76 9.10 10.20 -2.56
CA ALA A 76 9.69 8.97 -1.95
C ALA A 76 10.33 8.10 -3.05
N GLU A 77 11.05 8.72 -3.95
CA GLU A 77 11.70 7.95 -5.05
C GLU A 77 10.76 6.87 -5.57
N LEU A 78 9.62 7.28 -6.06
CA LEU A 78 8.62 6.33 -6.60
C LEU A 78 9.30 5.10 -7.23
N LYS A 79 8.82 3.93 -6.93
CA LYS A 79 9.44 2.70 -7.49
C LYS A 79 8.47 2.06 -8.50
N PRO A 80 8.95 1.07 -9.21
CA PRO A 80 8.08 0.38 -10.20
C PRO A 80 6.94 -0.35 -9.50
N ASN A 81 7.16 -0.84 -8.31
CA ASN A 81 6.07 -1.55 -7.58
C ASN A 81 5.40 -0.61 -6.57
N SER A 82 5.96 0.54 -6.32
CA SER A 82 5.33 1.47 -5.35
C SER A 82 3.85 1.62 -5.68
N ARG A 83 3.04 1.88 -4.69
CA ARG A 83 1.58 2.02 -4.94
C ARG A 83 0.93 2.83 -3.82
N LEU A 84 -0.13 3.54 -4.11
CA LEU A 84 -0.82 4.29 -3.02
C LEU A 84 -1.55 3.26 -2.17
N SER A 85 -1.38 3.32 -0.89
CA SER A 85 -2.02 2.29 -0.03
C SER A 85 -3.47 2.02 -0.43
N CYS A 86 -4.12 2.92 -1.12
CA CYS A 86 -5.54 2.66 -1.51
C CYS A 86 -5.66 2.35 -3.00
N GLN A 87 -4.73 1.60 -3.51
CA GLN A 87 -4.76 1.21 -4.96
C GLN A 87 -4.69 -0.29 -5.12
N ILE A 88 -3.81 -0.91 -4.40
CA ILE A 88 -3.67 -2.39 -4.53
C ILE A 88 -4.77 -3.09 -3.72
N ILE A 89 -5.27 -4.18 -4.22
CA ILE A 89 -6.32 -4.91 -3.50
C ILE A 89 -5.76 -6.24 -2.98
N MET A 90 -6.37 -6.82 -1.99
CA MET A 90 -5.86 -8.11 -1.47
C MET A 90 -6.81 -9.25 -1.82
N THR A 91 -6.48 -10.03 -2.80
CA THR A 91 -7.37 -11.16 -3.19
C THR A 91 -6.88 -12.46 -2.55
N PRO A 92 -7.70 -13.46 -2.61
CA PRO A 92 -7.35 -14.78 -2.03
C PRO A 92 -6.30 -15.48 -2.89
N GLU A 93 -5.88 -14.86 -3.96
CA GLU A 93 -4.85 -15.48 -4.83
C GLU A 93 -3.54 -14.70 -4.71
N LEU A 94 -3.63 -13.41 -4.49
CA LEU A 94 -2.39 -12.58 -4.34
C LEU A 94 -2.06 -12.45 -2.87
N ASP A 95 -2.32 -13.48 -2.15
CA ASP A 95 -2.07 -13.45 -0.69
C ASP A 95 -0.65 -13.86 -0.34
N GLY A 96 -0.17 -13.40 0.79
CA GLY A 96 1.22 -13.73 1.21
C GLY A 96 2.11 -12.60 0.74
N ILE A 97 1.53 -11.43 0.55
CA ILE A 97 2.31 -10.29 0.05
C ILE A 97 3.12 -9.60 1.13
N VAL A 98 4.21 -9.01 0.73
CA VAL A 98 5.07 -8.27 1.69
C VAL A 98 4.99 -6.79 1.36
N VAL A 99 4.61 -5.96 2.29
CA VAL A 99 4.50 -4.51 1.98
C VAL A 99 5.68 -3.79 2.57
N ASP A 100 5.65 -2.52 2.43
CA ASP A 100 6.69 -1.70 3.02
C ASP A 100 6.21 -0.26 3.10
N VAL A 101 6.34 0.33 4.23
CA VAL A 101 5.91 1.74 4.35
C VAL A 101 7.13 2.61 4.00
N PRO A 102 7.01 3.27 2.87
CA PRO A 102 8.13 4.10 2.35
C PRO A 102 8.44 5.30 3.27
N ASP A 103 9.69 5.53 3.55
CA ASP A 103 10.07 6.69 4.41
C ASP A 103 10.78 7.75 3.56
N ARG A 104 10.19 8.91 3.43
CA ARG A 104 10.83 9.98 2.61
C ARG A 104 11.34 11.11 3.51
N GLN A 105 12.36 10.86 4.27
CA GLN A 105 12.90 11.93 5.17
C GLN A 105 14.18 12.52 4.59
N TRP A 106 14.23 12.73 3.30
CA TRP A 106 15.46 13.30 2.69
C TRP A 106 15.20 14.74 2.25
N SER A 1 -6.61 -12.87 1.80
CA SER A 1 -5.15 -13.08 1.60
C SER A 1 -4.38 -12.60 2.82
N LYS A 2 -3.21 -13.14 3.04
CA LYS A 2 -2.39 -12.72 4.20
C LYS A 2 -1.49 -11.55 3.80
N VAL A 3 -1.59 -10.42 4.45
CA VAL A 3 -0.72 -9.29 4.06
C VAL A 3 0.10 -8.83 5.26
N VAL A 4 1.32 -8.43 5.02
CA VAL A 4 2.17 -7.95 6.14
C VAL A 4 2.78 -6.63 5.75
N TYR A 5 2.54 -5.64 6.54
CA TYR A 5 3.06 -4.30 6.24
C TYR A 5 4.35 -4.03 6.99
N VAL A 6 5.26 -3.37 6.36
CA VAL A 6 6.55 -3.06 7.04
C VAL A 6 6.68 -1.55 7.25
N SER A 7 6.69 -1.11 8.47
CA SER A 7 6.86 0.34 8.72
C SER A 7 8.34 0.65 8.59
N HIS A 8 8.67 1.57 7.74
CA HIS A 8 10.11 1.92 7.50
C HIS A 8 10.97 1.75 8.76
N ASP A 9 10.40 1.93 9.93
CA ASP A 9 11.21 1.76 11.17
C ASP A 9 11.64 0.29 11.33
N GLY A 10 11.10 -0.58 10.52
CA GLY A 10 11.47 -2.02 10.61
C GLY A 10 10.29 -2.83 11.16
N THR A 11 9.48 -2.25 12.02
CA THR A 11 8.34 -3.01 12.57
C THR A 11 7.40 -3.40 11.43
N ARG A 12 6.98 -4.62 11.43
CA ARG A 12 6.08 -5.10 10.35
C ARG A 12 4.73 -5.56 10.91
N ARG A 13 3.66 -5.12 10.32
CA ARG A 13 2.31 -5.54 10.79
C ARG A 13 1.75 -6.61 9.86
N GLU A 14 0.95 -7.51 10.36
CA GLU A 14 0.39 -8.55 9.45
C GLU A 14 -1.12 -8.67 9.63
N LEU A 15 -1.85 -8.44 8.57
CA LEU A 15 -3.32 -8.50 8.63
C LEU A 15 -3.88 -9.59 7.74
N ASP A 16 -5.16 -9.74 7.79
CA ASP A 16 -5.83 -10.74 6.92
C ASP A 16 -6.56 -9.97 5.83
N VAL A 17 -5.84 -9.61 4.79
CA VAL A 17 -6.46 -8.81 3.71
C VAL A 17 -6.86 -9.71 2.55
N ALA A 18 -8.07 -9.60 2.11
CA ALA A 18 -8.54 -10.48 0.99
C ALA A 18 -9.41 -9.70 0.00
N ASP A 19 -10.01 -10.41 -0.92
CA ASP A 19 -10.89 -9.77 -1.92
C ASP A 19 -11.75 -8.69 -1.26
N GLY A 20 -11.53 -7.47 -1.64
CA GLY A 20 -12.33 -6.36 -1.06
C GLY A 20 -11.45 -5.49 -0.16
N VAL A 21 -10.35 -6.01 0.32
CA VAL A 21 -9.47 -5.19 1.19
C VAL A 21 -8.20 -4.80 0.46
N SER A 22 -7.58 -3.75 0.91
CA SER A 22 -6.32 -3.26 0.28
C SER A 22 -5.20 -3.25 1.35
N LEU A 23 -3.96 -3.11 0.97
CA LEU A 23 -2.90 -3.08 2.02
C LEU A 23 -3.21 -1.93 2.95
N MET A 24 -3.96 -0.98 2.48
CA MET A 24 -4.32 0.19 3.32
C MET A 24 -5.48 -0.14 4.23
N GLN A 25 -6.64 -0.25 3.66
CA GLN A 25 -7.87 -0.54 4.45
C GLN A 25 -7.60 -1.53 5.60
N ALA A 26 -7.29 -2.77 5.32
CA ALA A 26 -7.00 -3.73 6.45
C ALA A 26 -6.14 -3.01 7.48
N ALA A 27 -4.90 -2.82 7.16
CA ALA A 27 -3.99 -2.10 8.08
C ALA A 27 -4.71 -0.85 8.61
N VAL A 28 -5.36 -0.13 7.74
CA VAL A 28 -6.11 1.08 8.18
C VAL A 28 -6.95 0.74 9.41
N SER A 29 -7.85 -0.19 9.27
CA SER A 29 -8.68 -0.60 10.44
C SER A 29 -7.77 -0.89 11.61
N ASN A 30 -6.72 -1.62 11.35
CA ASN A 30 -5.74 -1.95 12.41
C ASN A 30 -5.05 -0.67 12.90
N GLY A 31 -5.38 0.46 12.31
CA GLY A 31 -4.73 1.74 12.73
C GLY A 31 -3.34 1.85 12.12
N ILE A 32 -3.05 0.99 11.19
CA ILE A 32 -1.73 1.03 10.51
C ILE A 32 -1.65 2.27 9.61
N TYR A 33 -2.78 2.68 9.08
CA TYR A 33 -2.78 3.88 8.19
C TYR A 33 -3.44 5.08 8.84
N ASP A 34 -2.97 5.48 9.99
CA ASP A 34 -3.55 6.69 10.63
C ASP A 34 -3.06 7.93 9.86
N ILE A 35 -3.21 7.93 8.56
CA ILE A 35 -2.75 9.07 7.73
C ILE A 35 -3.79 10.20 7.74
N VAL A 36 -3.90 10.92 6.64
CA VAL A 36 -4.89 12.04 6.58
C VAL A 36 -6.17 11.59 5.86
N GLY A 37 -6.92 12.51 5.30
CA GLY A 37 -8.17 12.13 4.59
C GLY A 37 -8.11 12.57 3.13
N ASP A 38 -7.49 11.77 2.29
CA ASP A 38 -7.41 12.12 0.84
C ASP A 38 -8.09 11.04 0.00
N CYS A 39 -7.62 9.84 0.13
CA CYS A 39 -8.22 8.69 -0.64
C CYS A 39 -9.61 8.37 -0.12
N GLY A 40 -9.88 8.64 1.13
CA GLY A 40 -11.23 8.32 1.69
C GLY A 40 -11.58 6.90 1.25
N GLY A 41 -10.58 6.09 1.04
CA GLY A 41 -10.84 4.69 0.60
C GLY A 41 -11.09 4.69 -0.91
N SER A 42 -10.42 5.55 -1.64
CA SER A 42 -10.65 5.58 -3.12
C SER A 42 -9.33 5.78 -3.88
N ALA A 43 -8.22 5.72 -3.20
CA ALA A 43 -6.91 5.88 -3.89
C ALA A 43 -6.69 7.30 -4.37
N SER A 44 -6.81 8.24 -3.50
CA SER A 44 -6.56 9.66 -3.83
C SER A 44 -5.68 10.25 -2.73
N CYS A 45 -4.73 9.49 -2.25
CA CYS A 45 -3.91 10.01 -1.10
C CYS A 45 -2.44 10.34 -1.41
N ALA A 46 -1.90 11.24 -0.63
CA ALA A 46 -0.47 11.60 -0.79
C ALA A 46 0.32 11.09 0.42
N THR A 47 -0.38 10.50 1.37
CA THR A 47 0.32 10.00 2.60
C THR A 47 0.35 8.46 2.63
N CYS A 48 -0.67 7.80 2.14
CA CYS A 48 -0.64 6.30 2.16
C CYS A 48 0.32 5.78 1.09
N HIS A 49 1.58 6.09 1.22
CA HIS A 49 2.56 5.57 0.22
C HIS A 49 3.10 4.25 0.77
N VAL A 50 3.15 3.23 -0.04
CA VAL A 50 3.65 1.95 0.47
C VAL A 50 4.43 1.23 -0.60
N TYR A 51 5.32 0.40 -0.19
CA TYR A 51 6.12 -0.37 -1.16
C TYR A 51 5.83 -1.85 -0.98
N VAL A 52 5.15 -2.42 -1.93
CA VAL A 52 4.78 -3.87 -1.83
C VAL A 52 5.94 -4.74 -2.37
N ASN A 53 6.05 -6.00 -2.00
CA ASN A 53 7.17 -6.83 -2.55
C ASN A 53 6.86 -7.26 -3.97
N GLU A 54 7.80 -7.10 -4.87
CA GLU A 54 7.56 -7.50 -6.30
C GLU A 54 6.75 -8.79 -6.38
N ALA A 55 6.84 -9.63 -5.39
CA ALA A 55 6.07 -10.92 -5.43
C ALA A 55 4.56 -10.64 -5.42
N PHE A 56 4.15 -9.51 -4.93
CA PHE A 56 2.69 -9.21 -4.89
C PHE A 56 2.38 -7.92 -5.65
N THR A 57 3.38 -7.12 -5.94
CA THR A 57 3.11 -5.86 -6.67
C THR A 57 2.94 -6.18 -8.16
N ASP A 58 3.54 -7.25 -8.60
CA ASP A 58 3.42 -7.65 -10.04
C ASP A 58 2.10 -8.40 -10.26
N LYS A 59 1.60 -9.02 -9.23
CA LYS A 59 0.32 -9.77 -9.37
C LYS A 59 -0.85 -8.79 -9.30
N VAL A 60 -0.88 -7.98 -8.28
CA VAL A 60 -1.97 -6.99 -8.14
C VAL A 60 -2.31 -6.37 -9.49
N PRO A 61 -3.47 -5.76 -9.54
CA PRO A 61 -3.94 -5.10 -10.79
C PRO A 61 -3.08 -3.90 -11.13
N ALA A 62 -3.23 -3.44 -12.33
CA ALA A 62 -2.45 -2.28 -12.81
C ALA A 62 -3.08 -0.97 -12.32
N ALA A 63 -2.33 -0.18 -11.62
CA ALA A 63 -2.87 1.12 -11.12
C ALA A 63 -3.10 2.07 -12.30
N ASN A 64 -3.81 3.15 -12.09
CA ASN A 64 -4.07 4.10 -13.22
C ASN A 64 -3.14 5.31 -13.14
N GLU A 65 -3.52 6.39 -13.76
CA GLU A 65 -2.68 7.62 -13.74
C GLU A 65 -2.83 8.38 -12.42
N ARG A 66 -3.91 8.18 -11.71
CA ARG A 66 -4.04 8.92 -10.42
C ARG A 66 -2.95 8.42 -9.48
N GLU A 67 -2.83 7.13 -9.38
CA GLU A 67 -1.80 6.52 -8.50
C GLU A 67 -0.39 6.95 -8.91
N ILE A 68 -0.25 7.67 -9.98
CA ILE A 68 1.10 8.10 -10.40
C ILE A 68 1.44 9.48 -9.80
N GLY A 69 0.45 10.32 -9.60
CA GLY A 69 0.73 11.68 -9.02
C GLY A 69 0.65 11.61 -7.49
N MET A 70 -0.50 11.32 -6.97
CA MET A 70 -0.65 11.22 -5.48
C MET A 70 0.48 10.38 -4.92
N LEU A 71 0.78 9.31 -5.59
CA LEU A 71 1.85 8.41 -5.16
C LEU A 71 3.19 9.12 -5.36
N GLU A 72 3.22 10.06 -6.26
CA GLU A 72 4.47 10.83 -6.51
C GLU A 72 4.53 12.06 -5.59
N CYS A 73 3.41 12.48 -5.05
CA CYS A 73 3.46 13.65 -4.14
C CYS A 73 4.60 13.44 -3.16
N VAL A 74 4.83 12.20 -2.83
CA VAL A 74 5.95 11.86 -1.92
C VAL A 74 7.21 11.61 -2.75
N THR A 75 7.96 12.64 -3.03
CA THR A 75 9.20 12.50 -3.86
C THR A 75 10.07 11.35 -3.35
N ALA A 76 9.78 10.14 -3.75
CA ALA A 76 10.60 8.99 -3.29
C ALA A 76 11.01 8.12 -4.49
N GLU A 77 11.36 8.74 -5.59
CA GLU A 77 11.75 7.95 -6.80
C GLU A 77 10.86 6.72 -6.93
N LEU A 78 9.59 6.96 -7.07
CA LEU A 78 8.59 5.86 -7.21
C LEU A 78 9.24 4.55 -7.65
N LYS A 79 9.03 3.49 -6.92
CA LYS A 79 9.63 2.18 -7.31
C LYS A 79 8.77 1.57 -8.40
N PRO A 80 9.25 0.52 -9.00
CA PRO A 80 8.46 -0.17 -10.05
C PRO A 80 7.20 -0.78 -9.44
N ASN A 81 7.25 -1.08 -8.18
CA ASN A 81 6.07 -1.67 -7.50
C ASN A 81 5.39 -0.66 -6.56
N SER A 82 5.98 0.48 -6.33
CA SER A 82 5.34 1.47 -5.41
C SER A 82 3.87 1.68 -5.77
N ARG A 83 3.10 2.15 -4.82
CA ARG A 83 1.66 2.40 -5.07
C ARG A 83 1.04 3.05 -3.83
N LEU A 84 -0.03 3.75 -4.00
CA LEU A 84 -0.70 4.39 -2.82
C LEU A 84 -1.39 3.28 -2.03
N SER A 85 -1.26 3.30 -0.73
CA SER A 85 -1.88 2.23 0.08
C SER A 85 -3.33 1.94 -0.37
N CYS A 86 -3.98 2.90 -0.98
CA CYS A 86 -5.41 2.67 -1.39
C CYS A 86 -5.52 2.43 -2.90
N GLN A 87 -4.62 1.66 -3.44
CA GLN A 87 -4.64 1.36 -4.90
C GLN A 87 -4.65 -0.14 -5.13
N ILE A 88 -3.87 -0.85 -4.38
CA ILE A 88 -3.81 -2.33 -4.56
C ILE A 88 -4.86 -3.01 -3.69
N ILE A 89 -5.50 -4.01 -4.22
CA ILE A 89 -6.51 -4.74 -3.43
C ILE A 89 -5.99 -6.14 -3.11
N MET A 90 -6.68 -6.88 -2.30
CA MET A 90 -6.19 -8.24 -1.96
C MET A 90 -7.08 -9.32 -2.58
N THR A 91 -6.52 -10.10 -3.47
CA THR A 91 -7.33 -11.18 -4.11
C THR A 91 -7.08 -12.51 -3.39
N PRO A 92 -7.86 -13.48 -3.72
CA PRO A 92 -7.73 -14.82 -3.09
C PRO A 92 -6.49 -15.55 -3.61
N GLU A 93 -5.82 -14.97 -4.58
CA GLU A 93 -4.59 -15.63 -5.12
C GLU A 93 -3.33 -14.85 -4.73
N LEU A 94 -3.46 -13.59 -4.45
CA LEU A 94 -2.26 -12.78 -4.07
C LEU A 94 -2.13 -12.69 -2.56
N ASP A 95 -2.09 -13.81 -1.92
CA ASP A 95 -1.97 -13.80 -0.44
C ASP A 95 -0.53 -14.07 -0.01
N GLY A 96 -0.11 -13.48 1.08
CA GLY A 96 1.29 -13.67 1.55
C GLY A 96 2.08 -12.42 1.17
N ILE A 97 1.39 -11.35 0.97
CA ILE A 97 2.04 -10.10 0.54
C ILE A 97 3.04 -9.56 1.55
N VAL A 98 4.03 -8.88 1.07
CA VAL A 98 5.03 -8.25 1.98
C VAL A 98 5.14 -6.77 1.58
N VAL A 99 4.34 -5.93 2.18
CA VAL A 99 4.41 -4.49 1.80
C VAL A 99 5.10 -3.70 2.88
N ASP A 100 5.52 -2.54 2.53
CA ASP A 100 6.27 -1.65 3.46
C ASP A 100 5.92 -0.19 3.22
N VAL A 101 6.36 0.65 4.11
CA VAL A 101 6.13 2.11 3.94
C VAL A 101 7.46 2.79 3.63
N PRO A 102 7.47 3.57 2.58
CA PRO A 102 8.71 4.26 2.15
C PRO A 102 9.11 5.41 3.09
N ASP A 103 10.13 5.23 3.89
CA ASP A 103 10.60 6.37 4.73
C ASP A 103 11.62 7.16 3.92
N ARG A 104 11.71 6.83 2.66
CA ARG A 104 12.63 7.51 1.72
C ARG A 104 12.85 8.97 2.14
N GLN A 105 14.04 9.47 1.96
CA GLN A 105 14.33 10.88 2.34
C GLN A 105 14.80 11.68 1.13
N TRP A 106 13.89 12.35 0.46
CA TRP A 106 14.29 13.15 -0.73
C TRP A 106 13.53 14.48 -0.74
N SER A 1 -6.78 -12.78 1.58
CA SER A 1 -5.31 -12.91 1.38
C SER A 1 -4.54 -12.37 2.58
N LYS A 2 -3.48 -13.01 2.96
CA LYS A 2 -2.67 -12.51 4.11
C LYS A 2 -1.84 -11.32 3.65
N VAL A 3 -1.79 -10.26 4.41
CA VAL A 3 -0.99 -9.10 3.96
C VAL A 3 0.06 -8.73 5.00
N VAL A 4 1.24 -8.38 4.55
CA VAL A 4 2.31 -8.01 5.50
C VAL A 4 2.82 -6.60 5.26
N TYR A 5 2.65 -5.78 6.23
CA TYR A 5 3.09 -4.37 6.12
C TYR A 5 4.44 -4.14 6.75
N VAL A 6 5.29 -3.44 6.09
CA VAL A 6 6.63 -3.14 6.69
C VAL A 6 6.83 -1.64 6.82
N SER A 7 7.64 -1.23 7.76
CA SER A 7 7.91 0.21 7.94
C SER A 7 9.39 0.45 7.67
N HIS A 8 9.71 1.51 7.00
CA HIS A 8 11.15 1.79 6.71
C HIS A 8 12.00 1.55 7.97
N ASP A 9 11.40 1.64 9.13
CA ASP A 9 12.20 1.42 10.38
C ASP A 9 12.26 -0.07 10.71
N GLY A 10 11.56 -0.88 9.97
CA GLY A 10 11.59 -2.36 10.21
C GLY A 10 10.24 -2.82 10.77
N THR A 11 9.69 -2.13 11.74
CA THR A 11 8.39 -2.56 12.31
C THR A 11 7.40 -2.84 11.19
N ARG A 12 6.86 -4.02 11.20
CA ARG A 12 5.88 -4.42 10.14
C ARG A 12 4.47 -4.55 10.75
N ARG A 13 3.45 -4.44 9.95
CA ARG A 13 2.06 -4.59 10.46
C ARG A 13 1.26 -5.48 9.52
N GLU A 14 1.61 -6.72 9.46
CA GLU A 14 0.91 -7.68 8.56
C GLU A 14 -0.51 -7.94 9.07
N LEU A 15 -1.47 -7.86 8.20
CA LEU A 15 -2.88 -8.07 8.60
C LEU A 15 -3.47 -9.30 7.95
N ASP A 16 -4.66 -9.63 8.35
CA ASP A 16 -5.38 -10.77 7.74
C ASP A 16 -6.35 -10.17 6.74
N VAL A 17 -5.93 -10.00 5.53
CA VAL A 17 -6.80 -9.35 4.52
C VAL A 17 -7.51 -10.39 3.64
N ALA A 18 -8.49 -9.96 2.91
CA ALA A 18 -9.24 -10.92 2.04
C ALA A 18 -9.43 -10.38 0.62
N ASP A 19 -10.37 -10.92 -0.09
CA ASP A 19 -10.64 -10.49 -1.48
C ASP A 19 -11.53 -9.24 -1.50
N GLY A 20 -11.07 -8.22 -2.13
CA GLY A 20 -11.87 -6.96 -2.20
C GLY A 20 -11.26 -5.91 -1.28
N VAL A 21 -10.19 -6.24 -0.60
CA VAL A 21 -9.56 -5.25 0.31
C VAL A 21 -8.25 -4.72 -0.30
N SER A 22 -7.72 -3.72 0.32
CA SER A 22 -6.43 -3.11 -0.09
C SER A 22 -5.46 -3.21 1.09
N LEU A 23 -4.22 -2.81 0.93
CA LEU A 23 -3.32 -2.89 2.12
C LEU A 23 -3.66 -1.74 3.07
N MET A 24 -4.58 -0.89 2.67
CA MET A 24 -4.96 0.26 3.53
C MET A 24 -6.12 -0.08 4.46
N GLN A 25 -7.31 -0.09 3.93
CA GLN A 25 -8.51 -0.36 4.76
C GLN A 25 -8.23 -1.45 5.83
N ALA A 26 -7.24 -2.30 5.62
CA ALA A 26 -6.92 -3.33 6.64
C ALA A 26 -5.93 -2.66 7.60
N ALA A 27 -4.97 -1.99 7.04
CA ALA A 27 -3.99 -1.23 7.86
C ALA A 27 -4.75 -0.09 8.53
N VAL A 28 -5.56 0.57 7.76
CA VAL A 28 -6.39 1.69 8.25
C VAL A 28 -7.07 1.27 9.56
N SER A 29 -7.83 0.21 9.53
CA SER A 29 -8.49 -0.26 10.79
C SER A 29 -7.43 -0.57 11.82
N ASN A 30 -6.32 -1.10 11.36
CA ASN A 30 -5.21 -1.43 12.28
C ASN A 30 -4.52 -0.14 12.77
N GLY A 31 -5.14 0.99 12.52
CA GLY A 31 -4.54 2.28 12.97
C GLY A 31 -3.29 2.60 12.15
N ILE A 32 -3.01 1.80 11.18
CA ILE A 32 -1.81 2.07 10.33
C ILE A 32 -2.02 3.35 9.54
N TYR A 33 -3.19 3.54 9.01
CA TYR A 33 -3.43 4.77 8.22
C TYR A 33 -4.34 5.77 8.90
N ASP A 34 -3.95 6.27 10.04
CA ASP A 34 -4.77 7.32 10.70
C ASP A 34 -4.34 8.67 10.09
N ILE A 35 -4.19 8.69 8.78
CA ILE A 35 -3.75 9.91 8.07
C ILE A 35 -4.92 10.87 7.87
N VAL A 36 -4.94 11.59 6.78
CA VAL A 36 -6.05 12.56 6.53
C VAL A 36 -7.17 11.90 5.72
N GLY A 37 -7.94 12.67 5.01
CA GLY A 37 -9.04 12.09 4.20
C GLY A 37 -8.85 12.41 2.72
N ASP A 38 -8.06 11.62 2.03
CA ASP A 38 -7.83 11.89 0.57
C ASP A 38 -8.29 10.68 -0.24
N CYS A 39 -8.10 9.51 0.30
CA CYS A 39 -8.50 8.26 -0.40
C CYS A 39 -9.70 7.61 0.30
N GLY A 40 -9.75 7.69 1.60
CA GLY A 40 -10.90 7.09 2.34
C GLY A 40 -11.22 5.73 1.74
N GLY A 41 -10.23 5.01 1.31
CA GLY A 41 -10.47 3.67 0.71
C GLY A 41 -10.92 3.84 -0.74
N SER A 42 -10.50 4.90 -1.38
CA SER A 42 -10.91 5.13 -2.79
C SER A 42 -9.67 5.41 -3.66
N ALA A 43 -8.52 5.47 -3.06
CA ALA A 43 -7.27 5.70 -3.84
C ALA A 43 -7.16 7.14 -4.34
N SER A 44 -7.32 8.07 -3.47
CA SER A 44 -7.16 9.49 -3.82
C SER A 44 -6.25 10.10 -2.76
N CYS A 45 -5.26 9.34 -2.34
CA CYS A 45 -4.36 9.82 -1.24
C CYS A 45 -2.94 10.16 -1.67
N ALA A 46 -2.34 11.08 -0.98
CA ALA A 46 -0.94 11.47 -1.29
C ALA A 46 -0.02 11.02 -0.14
N THR A 47 -0.59 10.48 0.92
CA THR A 47 0.26 10.07 2.08
C THR A 47 0.32 8.54 2.25
N CYS A 48 -0.62 7.80 1.72
CA CYS A 48 -0.53 6.30 1.90
C CYS A 48 0.53 5.70 0.99
N HIS A 49 1.37 6.50 0.40
CA HIS A 49 2.44 5.92 -0.47
C HIS A 49 3.06 4.71 0.23
N VAL A 50 3.07 3.57 -0.40
CA VAL A 50 3.66 2.37 0.25
C VAL A 50 4.37 1.53 -0.79
N TYR A 51 5.22 0.66 -0.36
CA TYR A 51 5.96 -0.19 -1.33
C TYR A 51 5.63 -1.66 -1.12
N VAL A 52 5.20 -2.32 -2.15
CA VAL A 52 4.89 -3.78 -2.04
C VAL A 52 6.09 -4.56 -2.61
N ASN A 53 6.20 -5.85 -2.38
CA ASN A 53 7.38 -6.60 -2.95
C ASN A 53 7.09 -6.98 -4.40
N GLU A 54 8.02 -6.78 -5.29
CA GLU A 54 7.79 -7.12 -6.73
C GLU A 54 6.99 -8.42 -6.87
N ALA A 55 7.03 -9.30 -5.90
CA ALA A 55 6.27 -10.58 -6.02
C ALA A 55 4.75 -10.34 -5.92
N PHE A 56 4.31 -9.48 -5.03
CA PHE A 56 2.84 -9.25 -4.89
C PHE A 56 2.42 -7.94 -5.57
N THR A 57 3.34 -7.05 -5.84
CA THR A 57 2.94 -5.77 -6.52
C THR A 57 2.81 -6.04 -8.02
N ASP A 58 3.47 -7.05 -8.51
CA ASP A 58 3.38 -7.37 -9.96
C ASP A 58 2.13 -8.19 -10.24
N LYS A 59 1.64 -8.87 -9.25
CA LYS A 59 0.41 -9.69 -9.43
C LYS A 59 -0.82 -8.79 -9.37
N VAL A 60 -0.89 -7.97 -8.36
CA VAL A 60 -2.04 -7.04 -8.23
C VAL A 60 -2.38 -6.42 -9.58
N PRO A 61 -3.51 -5.78 -9.63
CA PRO A 61 -3.97 -5.12 -10.88
C PRO A 61 -3.01 -4.01 -11.30
N ALA A 62 -3.15 -3.60 -12.52
CA ALA A 62 -2.28 -2.54 -13.08
C ALA A 62 -2.75 -1.16 -12.64
N ALA A 63 -1.97 -0.49 -11.84
CA ALA A 63 -2.36 0.86 -11.38
C ALA A 63 -2.30 1.86 -12.54
N ASN A 64 -3.16 2.85 -12.52
CA ASN A 64 -3.14 3.86 -13.63
C ASN A 64 -2.42 5.13 -13.18
N GLU A 65 -2.44 6.15 -14.00
CA GLU A 65 -1.77 7.42 -13.64
C GLU A 65 -2.25 7.93 -12.27
N ARG A 66 -3.44 7.57 -11.88
CA ARG A 66 -3.96 8.04 -10.56
C ARG A 66 -3.12 7.44 -9.43
N GLU A 67 -2.40 6.39 -9.71
CA GLU A 67 -1.55 5.77 -8.66
C GLU A 67 -0.10 6.24 -8.82
N ILE A 68 0.15 7.09 -9.78
CA ILE A 68 1.54 7.58 -10.00
C ILE A 68 1.81 8.88 -9.20
N GLY A 69 1.05 9.91 -9.45
CA GLY A 69 1.29 11.20 -8.72
C GLY A 69 0.72 11.09 -7.30
N MET A 70 -0.48 10.62 -7.18
CA MET A 70 -1.09 10.46 -5.82
C MET A 70 -0.08 9.74 -4.95
N LEU A 71 0.38 8.67 -5.49
CA LEU A 71 1.36 7.81 -4.82
C LEU A 71 2.72 8.51 -4.77
N GLU A 72 3.03 9.31 -5.75
CA GLU A 72 4.35 10.03 -5.73
C GLU A 72 4.20 11.37 -5.00
N CYS A 73 3.04 11.70 -4.53
CA CYS A 73 2.89 13.00 -3.82
C CYS A 73 4.01 13.11 -2.78
N VAL A 74 4.15 12.11 -1.96
CA VAL A 74 5.23 12.14 -0.95
C VAL A 74 6.48 11.47 -1.53
N THR A 75 7.50 12.23 -1.84
CA THR A 75 8.72 11.61 -2.41
C THR A 75 9.12 10.41 -1.55
N ALA A 76 8.84 9.23 -2.02
CA ALA A 76 9.20 8.02 -1.26
C ALA A 76 10.16 7.17 -2.13
N GLU A 77 10.81 7.80 -3.06
CA GLU A 77 11.73 7.07 -3.98
C GLU A 77 10.89 6.22 -4.94
N LEU A 78 9.79 6.80 -5.34
CA LEU A 78 8.82 6.14 -6.28
C LEU A 78 9.45 4.98 -7.06
N LYS A 79 8.76 3.88 -7.13
CA LYS A 79 9.28 2.71 -7.90
C LYS A 79 8.21 2.23 -8.88
N PRO A 80 8.44 1.09 -9.47
CA PRO A 80 7.47 0.52 -10.42
C PRO A 80 6.35 -0.19 -9.66
N ASN A 81 6.66 -0.73 -8.51
CA ASN A 81 5.63 -1.44 -7.71
C ASN A 81 4.99 -0.51 -6.68
N SER A 82 5.56 0.65 -6.47
CA SER A 82 4.98 1.60 -5.47
C SER A 82 3.47 1.78 -5.70
N ARG A 83 2.77 2.14 -4.67
CA ARG A 83 1.30 2.37 -4.78
C ARG A 83 0.76 2.90 -3.45
N LEU A 84 -0.33 3.62 -3.48
CA LEU A 84 -0.88 4.18 -2.20
C LEU A 84 -1.55 3.06 -1.41
N SER A 85 -1.57 3.14 -0.12
CA SER A 85 -2.22 2.05 0.66
C SER A 85 -3.57 1.72 0.03
N CYS A 86 -4.15 2.69 -0.64
CA CYS A 86 -5.49 2.48 -1.28
C CYS A 86 -5.34 2.45 -2.79
N GLN A 87 -4.35 1.74 -3.27
CA GLN A 87 -4.11 1.65 -4.73
C GLN A 87 -4.07 0.18 -5.17
N ILE A 88 -3.61 -0.66 -4.31
CA ILE A 88 -3.53 -2.11 -4.65
C ILE A 88 -4.61 -2.88 -3.90
N ILE A 89 -5.14 -3.91 -4.48
CA ILE A 89 -6.20 -4.69 -3.79
C ILE A 89 -5.65 -6.06 -3.40
N MET A 90 -6.30 -6.70 -2.47
CA MET A 90 -5.84 -8.05 -2.01
C MET A 90 -6.81 -9.13 -2.46
N THR A 91 -6.39 -9.99 -3.35
CA THR A 91 -7.29 -11.07 -3.81
C THR A 91 -6.99 -12.36 -3.04
N PRO A 92 -7.81 -13.35 -3.25
CA PRO A 92 -7.62 -14.65 -2.55
C PRO A 92 -6.42 -15.39 -3.13
N GLU A 93 -6.14 -15.23 -4.39
CA GLU A 93 -4.96 -15.94 -4.98
C GLU A 93 -3.68 -15.16 -4.66
N LEU A 94 -3.69 -13.87 -4.82
CA LEU A 94 -2.48 -13.06 -4.52
C LEU A 94 -2.29 -12.90 -3.02
N ASP A 95 -2.29 -13.97 -2.28
CA ASP A 95 -2.12 -13.86 -0.82
C ASP A 95 -0.70 -14.19 -0.37
N GLY A 96 -0.28 -13.63 0.72
CA GLY A 96 1.09 -13.88 1.21
C GLY A 96 1.94 -12.68 0.84
N ILE A 97 1.30 -11.57 0.63
CA ILE A 97 2.05 -10.36 0.19
C ILE A 97 2.89 -9.74 1.29
N VAL A 98 3.91 -9.06 0.84
CA VAL A 98 4.87 -8.37 1.73
C VAL A 98 4.97 -6.89 1.33
N VAL A 99 4.29 -6.01 2.00
CA VAL A 99 4.40 -4.58 1.60
C VAL A 99 5.27 -3.84 2.60
N ASP A 100 5.54 -2.61 2.32
CA ASP A 100 6.42 -1.81 3.23
C ASP A 100 6.16 -0.32 3.06
N VAL A 101 6.79 0.47 3.89
CA VAL A 101 6.62 1.95 3.77
C VAL A 101 7.95 2.57 3.29
N PRO A 102 7.85 3.41 2.29
CA PRO A 102 9.06 4.06 1.69
C PRO A 102 9.65 5.16 2.60
N ASP A 103 10.96 5.17 2.76
CA ASP A 103 11.61 6.23 3.61
C ASP A 103 12.45 7.19 2.76
N ARG A 104 11.99 8.40 2.56
CA ARG A 104 12.80 9.37 1.78
C ARG A 104 13.33 10.48 2.69
N GLN A 105 14.00 10.12 3.74
CA GLN A 105 14.54 11.15 4.68
C GLN A 105 16.05 11.29 4.49
N TRP A 106 16.46 11.91 3.43
CA TRP A 106 17.93 12.08 3.18
C TRP A 106 18.24 13.53 2.82
N SER A 1 -6.70 -12.44 1.71
CA SER A 1 -5.30 -12.89 1.52
C SER A 1 -4.43 -12.44 2.70
N LYS A 2 -3.38 -13.16 2.98
CA LYS A 2 -2.48 -12.78 4.11
C LYS A 2 -1.63 -11.57 3.70
N VAL A 3 -1.72 -10.48 4.40
CA VAL A 3 -0.90 -9.30 4.01
C VAL A 3 0.04 -8.89 5.15
N VAL A 4 1.20 -8.41 4.81
CA VAL A 4 2.16 -7.97 5.85
C VAL A 4 2.68 -6.58 5.53
N TYR A 5 2.57 -5.69 6.45
CA TYR A 5 3.01 -4.29 6.22
C TYR A 5 4.35 -4.01 6.87
N VAL A 6 5.20 -3.31 6.18
CA VAL A 6 6.52 -2.97 6.77
C VAL A 6 6.69 -1.46 6.83
N SER A 7 7.13 -0.96 7.94
CA SER A 7 7.35 0.50 8.02
C SER A 7 8.69 0.81 7.35
N HIS A 8 9.34 1.85 7.74
CA HIS A 8 10.66 2.15 7.13
C HIS A 8 11.75 1.91 8.16
N ASP A 9 11.36 1.68 9.39
CA ASP A 9 12.37 1.41 10.46
C ASP A 9 12.45 -0.09 10.71
N GLY A 10 11.70 -0.87 9.97
CA GLY A 10 11.73 -2.35 10.16
C GLY A 10 10.41 -2.84 10.76
N THR A 11 9.67 -1.97 11.41
CA THR A 11 8.38 -2.38 12.01
C THR A 11 7.56 -3.13 10.97
N ARG A 12 6.93 -4.17 11.38
CA ARG A 12 6.09 -4.97 10.43
C ARG A 12 4.70 -5.22 11.00
N ARG A 13 3.71 -5.33 10.14
CA ARG A 13 2.31 -5.58 10.61
C ARG A 13 1.63 -6.57 9.66
N GLU A 14 1.22 -7.70 10.15
CA GLU A 14 0.54 -8.68 9.25
C GLU A 14 -0.98 -8.62 9.43
N LEU A 15 -1.69 -8.41 8.36
CA LEU A 15 -3.19 -8.35 8.46
C LEU A 15 -3.81 -9.56 7.78
N ASP A 16 -4.96 -9.96 8.24
CA ASP A 16 -5.65 -11.08 7.59
C ASP A 16 -6.76 -10.48 6.72
N VAL A 17 -6.45 -10.19 5.50
CA VAL A 17 -7.46 -9.56 4.61
C VAL A 17 -8.12 -10.61 3.71
N ALA A 18 -9.10 -10.21 2.96
CA ALA A 18 -9.79 -11.20 2.08
C ALA A 18 -9.78 -10.73 0.62
N ASP A 19 -10.90 -10.80 -0.05
CA ASP A 19 -10.95 -10.36 -1.47
C ASP A 19 -11.77 -9.08 -1.59
N GLY A 20 -11.19 -8.06 -2.15
CA GLY A 20 -11.93 -6.77 -2.32
C GLY A 20 -11.35 -5.70 -1.39
N VAL A 21 -10.50 -6.08 -0.47
CA VAL A 21 -9.91 -5.06 0.44
C VAL A 21 -8.57 -4.55 -0.11
N SER A 22 -8.07 -3.53 0.49
CA SER A 22 -6.75 -2.96 0.05
C SER A 22 -5.79 -2.98 1.24
N LEU A 23 -4.53 -2.73 1.01
CA LEU A 23 -3.59 -2.74 2.17
C LEU A 23 -4.02 -1.67 3.16
N MET A 24 -4.52 -0.57 2.68
CA MET A 24 -4.97 0.49 3.61
C MET A 24 -6.16 0.01 4.42
N GLN A 25 -7.22 -0.28 3.74
CA GLN A 25 -8.48 -0.73 4.39
C GLN A 25 -8.23 -1.67 5.60
N ALA A 26 -7.90 -2.93 5.38
CA ALA A 26 -7.69 -3.83 6.57
C ALA A 26 -6.87 -3.11 7.64
N ALA A 27 -5.73 -2.64 7.26
CA ALA A 27 -4.84 -1.91 8.22
C ALA A 27 -5.61 -0.73 8.81
N VAL A 28 -6.13 0.09 7.95
CA VAL A 28 -6.93 1.28 8.37
C VAL A 28 -7.75 0.94 9.63
N SER A 29 -8.65 0.02 9.53
CA SER A 29 -9.48 -0.37 10.71
C SER A 29 -8.56 -0.83 11.82
N ASN A 30 -7.63 -1.66 11.47
CA ASN A 30 -6.64 -2.13 12.47
C ASN A 30 -5.89 -0.92 13.03
N GLY A 31 -6.11 0.24 12.43
CA GLY A 31 -5.41 1.47 12.91
C GLY A 31 -4.06 1.58 12.22
N ILE A 32 -3.62 0.53 11.60
CA ILE A 32 -2.33 0.57 10.87
C ILE A 32 -2.25 1.90 10.10
N TYR A 33 -3.35 2.33 9.54
CA TYR A 33 -3.35 3.64 8.81
C TYR A 33 -4.20 4.67 9.54
N ASP A 34 -3.71 5.23 10.61
CA ASP A 34 -4.52 6.28 11.29
C ASP A 34 -5.00 7.28 10.23
N ILE A 35 -4.32 7.30 9.12
CA ILE A 35 -4.70 8.21 8.00
C ILE A 35 -5.89 7.61 7.24
N VAL A 36 -7.09 7.94 7.63
CA VAL A 36 -8.29 7.37 6.92
C VAL A 36 -9.14 8.50 6.33
N GLY A 37 -8.66 9.71 6.34
CA GLY A 37 -9.45 10.84 5.78
C GLY A 37 -8.82 11.30 4.47
N ASP A 38 -8.05 10.47 3.83
CA ASP A 38 -7.41 10.87 2.55
C ASP A 38 -7.85 9.94 1.41
N CYS A 39 -7.75 8.66 1.61
CA CYS A 39 -8.18 7.71 0.53
C CYS A 39 -9.46 6.97 0.94
N GLY A 40 -9.48 6.39 2.11
CA GLY A 40 -10.69 5.67 2.55
C GLY A 40 -11.20 4.80 1.39
N GLY A 41 -10.31 4.15 0.71
CA GLY A 41 -10.71 3.31 -0.45
C GLY A 41 -10.94 4.19 -1.67
N SER A 42 -10.22 5.28 -1.78
CA SER A 42 -10.39 6.18 -2.96
C SER A 42 -9.08 6.32 -3.73
N ALA A 43 -7.97 6.27 -3.03
CA ALA A 43 -6.65 6.38 -3.73
C ALA A 43 -6.38 7.82 -4.21
N SER A 44 -6.33 8.76 -3.31
CA SER A 44 -6.05 10.17 -3.73
C SER A 44 -4.97 10.80 -2.84
N CYS A 45 -4.32 10.02 -2.00
CA CYS A 45 -3.29 10.62 -1.08
C CYS A 45 -1.85 10.21 -1.38
N ALA A 46 -0.90 10.95 -0.86
CA ALA A 46 0.53 10.61 -1.10
C ALA A 46 1.18 10.11 0.19
N THR A 47 0.62 10.47 1.32
CA THR A 47 1.23 10.03 2.61
C THR A 47 1.04 8.52 2.80
N CYS A 48 0.18 7.91 2.04
CA CYS A 48 -0.01 6.44 2.17
C CYS A 48 0.88 5.74 1.15
N HIS A 49 1.81 6.46 0.56
CA HIS A 49 2.72 5.80 -0.42
C HIS A 49 3.21 4.49 0.20
N VAL A 50 3.28 3.44 -0.56
CA VAL A 50 3.76 2.15 0.01
C VAL A 50 4.55 1.39 -1.01
N TYR A 51 5.37 0.52 -0.54
CA TYR A 51 6.20 -0.29 -1.46
C TYR A 51 5.89 -1.77 -1.24
N VAL A 52 5.48 -2.45 -2.27
CA VAL A 52 5.12 -3.91 -2.13
C VAL A 52 6.29 -4.79 -2.61
N ASN A 53 6.47 -5.99 -2.09
CA ASN A 53 7.59 -6.85 -2.61
C ASN A 53 7.21 -7.41 -3.99
N GLU A 54 8.05 -7.18 -4.96
CA GLU A 54 7.76 -7.66 -6.35
C GLU A 54 6.99 -8.99 -6.37
N ALA A 55 7.18 -9.81 -5.38
CA ALA A 55 6.46 -11.13 -5.38
C ALA A 55 4.94 -10.93 -5.31
N PHE A 56 4.48 -9.77 -4.93
CA PHE A 56 3.01 -9.54 -4.87
C PHE A 56 2.61 -8.31 -5.70
N THR A 57 3.59 -7.58 -6.18
CA THR A 57 3.28 -6.39 -7.02
C THR A 57 2.99 -6.85 -8.45
N ASP A 58 3.67 -7.89 -8.88
CA ASP A 58 3.45 -8.40 -10.27
C ASP A 58 2.12 -9.19 -10.34
N LYS A 59 1.61 -9.58 -9.21
CA LYS A 59 0.32 -10.34 -9.19
C LYS A 59 -0.83 -9.38 -9.35
N VAL A 60 -0.82 -8.46 -8.47
CA VAL A 60 -1.87 -7.43 -8.40
C VAL A 60 -1.65 -6.37 -9.48
N PRO A 61 -2.73 -5.87 -10.00
CA PRO A 61 -2.65 -4.85 -11.08
C PRO A 61 -1.95 -3.59 -10.61
N ALA A 62 -1.49 -2.84 -11.55
CA ALA A 62 -0.76 -1.59 -11.24
C ALA A 62 -1.73 -0.45 -10.92
N ALA A 63 -1.19 0.72 -10.80
CA ALA A 63 -2.03 1.91 -10.49
C ALA A 63 -2.33 2.71 -11.76
N ASN A 64 -3.36 3.51 -11.75
CA ASN A 64 -3.70 4.30 -12.97
C ASN A 64 -3.22 5.75 -12.83
N GLU A 65 -3.57 6.58 -13.78
CA GLU A 65 -3.14 8.01 -13.73
C GLU A 65 -3.40 8.60 -12.35
N ARG A 66 -4.33 8.05 -11.62
CA ARG A 66 -4.62 8.58 -10.26
C ARG A 66 -3.41 8.38 -9.37
N GLU A 67 -2.99 7.17 -9.20
CA GLU A 67 -1.81 6.88 -8.33
C GLU A 67 -0.52 7.43 -8.94
N ILE A 68 -0.57 8.29 -9.91
CA ILE A 68 0.71 8.81 -10.47
C ILE A 68 1.12 10.09 -9.72
N GLY A 69 0.17 10.91 -9.34
CA GLY A 69 0.53 12.17 -8.61
C GLY A 69 0.52 11.90 -7.10
N MET A 70 -0.58 11.45 -6.56
CA MET A 70 -0.64 11.15 -5.10
C MET A 70 0.58 10.33 -4.71
N LEU A 71 0.87 9.36 -5.51
CA LEU A 71 2.02 8.46 -5.27
C LEU A 71 3.33 9.22 -5.52
N GLU A 72 3.30 10.17 -6.42
CA GLU A 72 4.53 10.97 -6.71
C GLU A 72 4.58 12.22 -5.82
N CYS A 73 3.51 12.54 -5.15
CA CYS A 73 3.53 13.77 -4.29
C CYS A 73 4.78 13.76 -3.44
N VAL A 74 5.03 12.69 -2.75
CA VAL A 74 6.26 12.62 -1.92
C VAL A 74 7.40 12.04 -2.77
N THR A 75 8.21 12.89 -3.35
CA THR A 75 9.32 12.39 -4.21
C THR A 75 10.09 11.27 -3.50
N ALA A 76 9.76 10.05 -3.82
CA ALA A 76 10.46 8.89 -3.18
C ALA A 76 11.00 7.96 -4.25
N GLU A 77 11.64 8.50 -5.26
CA GLU A 77 12.19 7.64 -6.36
C GLU A 77 11.20 6.53 -6.67
N LEU A 78 10.02 6.92 -7.04
CA LEU A 78 8.95 5.94 -7.37
C LEU A 78 9.53 4.65 -7.94
N LYS A 79 9.09 3.53 -7.44
CA LYS A 79 9.60 2.22 -7.95
C LYS A 79 8.59 1.65 -8.95
N PRO A 80 8.99 0.61 -9.62
CA PRO A 80 8.08 -0.03 -10.61
C PRO A 80 6.90 -0.67 -9.87
N ASN A 81 7.11 -1.09 -8.66
CA ASN A 81 6.01 -1.71 -7.88
C ASN A 81 5.46 -0.76 -6.82
N SER A 82 6.05 0.40 -6.66
CA SER A 82 5.54 1.36 -5.63
C SER A 82 4.02 1.51 -5.76
N ARG A 83 3.40 2.05 -4.75
CA ARG A 83 1.93 2.24 -4.81
C ARG A 83 1.43 3.00 -3.59
N LEU A 84 0.16 3.32 -3.56
CA LEU A 84 -0.41 4.04 -2.39
C LEU A 84 -1.07 3.03 -1.45
N SER A 85 -0.96 3.21 -0.15
CA SER A 85 -1.64 2.25 0.77
C SER A 85 -3.06 2.02 0.25
N CYS A 86 -3.58 3.04 -0.40
CA CYS A 86 -4.97 3.00 -0.96
C CYS A 86 -4.99 2.67 -2.46
N GLN A 87 -4.15 1.79 -2.94
CA GLN A 87 -4.20 1.49 -4.40
C GLN A 87 -4.35 0.01 -4.71
N ILE A 88 -3.61 -0.82 -4.05
CA ILE A 88 -3.68 -2.28 -4.37
C ILE A 88 -4.80 -2.96 -3.61
N ILE A 89 -5.33 -3.99 -4.20
CA ILE A 89 -6.42 -4.76 -3.55
C ILE A 89 -5.87 -6.14 -3.16
N MET A 90 -6.51 -6.83 -2.27
CA MET A 90 -5.99 -8.17 -1.88
C MET A 90 -6.89 -9.30 -2.39
N THR A 91 -6.41 -10.06 -3.34
CA THR A 91 -7.24 -11.18 -3.87
C THR A 91 -6.94 -12.46 -3.07
N PRO A 92 -7.89 -13.36 -3.09
CA PRO A 92 -7.73 -14.64 -2.35
C PRO A 92 -6.65 -15.53 -2.98
N GLU A 93 -6.06 -15.09 -4.06
CA GLU A 93 -5.00 -15.91 -4.70
C GLU A 93 -3.62 -15.25 -4.51
N LEU A 94 -3.60 -13.95 -4.37
CA LEU A 94 -2.30 -13.23 -4.18
C LEU A 94 -2.07 -12.97 -2.70
N ASP A 95 -2.04 -14.01 -1.93
CA ASP A 95 -1.86 -13.84 -0.46
C ASP A 95 -0.43 -14.11 -0.01
N GLY A 96 -0.03 -13.46 1.05
CA GLY A 96 1.36 -13.63 1.57
C GLY A 96 2.16 -12.43 1.12
N ILE A 97 1.49 -11.36 0.79
CA ILE A 97 2.19 -10.17 0.27
C ILE A 97 2.91 -9.36 1.35
N VAL A 98 4.04 -8.85 1.00
CA VAL A 98 4.82 -8.01 1.94
C VAL A 98 4.75 -6.56 1.47
N VAL A 99 4.40 -5.65 2.34
CA VAL A 99 4.32 -4.22 1.91
C VAL A 99 5.52 -3.50 2.45
N ASP A 100 5.57 -2.24 2.23
CA ASP A 100 6.67 -1.45 2.79
C ASP A 100 6.29 0.02 2.79
N VAL A 101 6.61 0.71 3.84
CA VAL A 101 6.28 2.17 3.87
C VAL A 101 7.53 2.96 3.45
N PRO A 102 7.45 3.53 2.28
CA PRO A 102 8.59 4.30 1.70
C PRO A 102 8.84 5.63 2.44
N ASP A 103 9.90 5.71 3.20
CA ASP A 103 10.20 7.00 3.92
C ASP A 103 11.44 7.67 3.33
N ARG A 104 11.28 8.77 2.66
CA ARG A 104 12.48 9.47 2.09
C ARG A 104 12.72 10.78 2.83
N GLN A 105 13.44 10.74 3.92
CA GLN A 105 13.71 11.99 4.69
C GLN A 105 15.18 12.41 4.52
N TRP A 106 15.84 11.86 3.54
CA TRP A 106 17.27 12.23 3.33
C TRP A 106 17.47 12.80 1.92
#